data_3R1R
#
_entry.id   3R1R
#
_cell.length_a   224.610
_cell.length_b   224.610
_cell.length_c   336.630
_cell.angle_alpha   90.00
_cell.angle_beta   90.00
_cell.angle_gamma   120.00
#
_symmetry.space_group_name_H-M   'H 3 2'
#
loop_
_entity.id
_entity.type
_entity.pdbx_description
1 polymer 'RIBONUCLEOTIDE REDUCTASE R1 PROTEIN'
2 polymer 'RIBONUCLEOTIDE REDUCTASE R2 PROTEIN'
3 non-polymer "ADENOSINE-5'-TRIPHOSPHATE"
4 water water
#
loop_
_entity_poly.entity_id
_entity_poly.type
_entity_poly.pdbx_seq_one_letter_code
_entity_poly.pdbx_strand_id
1 'polypeptide(L)'
;MNQNLLVTKRDGSTERINLDKIHRVLDWAAEGLHNVSISQVELRSHIQFYDGIKTSDIHETIIKAAADLISRDAPDYQYL
AARLAIFHLRKKAYGQFEPPALYDHVVKMVEMGKYDNHLLEDYTEEEFKQMDTFIDHDRDMTFSYAAVKQLEGKYLVQNR
VTGEIYESAQFLYILVAACLFSNYPRETRLQYVKRFYDAVSTFKISLPTPIMSGVRTPTRQFSSCVLIECGDSLDSINAT
SSAIVKYVSQRAGIGINAGRIRALGSPIRGGEAFHTGCIPFYKHFQTAVKSCSQGGVRGGAATLFYPMWHLEVESLLVLK
NNRGVEGNRVRHMDYGVQINKLMYTRLLKGEDITLFSPSDVPGLYDAFFADQEEFERLYTKYEKDDSIRKQRVKAVELFS
LMMQERASTGRIYIQNVDHCNTHSPFDPAIAPVRQSNLCLEIALPTKPLNDVNDENGEIALCTLSAFNLGAINNLDELEE
LAILAVRALDALLDYQDYPIPAAKRGAMGRRTLGIGVINFAYYLAKHGKRYSDGSANNLTHKTFEAIQYYLLKASNELAK
EQGACPWFNETTYAKGILPIDTYKKDLDTIANEPLHYDWEALRESIKTHGLRNSTLSALMPSETSSQISNATNGIEPPRG
YVSIKASKDGILRQVVPDYEHLHDAYELLWEMPGNDGYLQLVGIMQKFIDQSISANTNYDPSRFPSGKVPMQQLLKDLLT
AYKFGVKTLYYQNTRDGAEDAQDDLVPSIQDDGCESGACKI
;
A,B,C
2 'polypeptide(L)' YLVGQIDSEVDTDDLSNFQL D,E,F,P
#
loop_
_chem_comp.id
_chem_comp.type
_chem_comp.name
_chem_comp.formula
ATP non-polymer ADENOSINE-5'-TRIPHOSPHATE 'C10 H16 N5 O13 P3'
#
# COMPACT_ATOMS: atom_id res chain seq x y z
N LEU A 5 -11.34 45.75 -47.65
CA LEU A 5 -11.16 47.06 -46.98
C LEU A 5 -11.12 46.93 -45.46
N LEU A 6 -9.94 47.16 -44.93
CA LEU A 6 -9.62 47.17 -43.52
C LEU A 6 -9.92 45.92 -42.73
N VAL A 7 -8.82 45.32 -42.29
CA VAL A 7 -8.77 44.12 -41.47
C VAL A 7 -7.83 44.39 -40.30
N THR A 8 -8.03 43.76 -39.16
CA THR A 8 -7.15 43.95 -38.01
C THR A 8 -6.39 42.65 -37.73
N LYS A 9 -5.09 42.73 -37.44
CA LYS A 9 -4.32 41.53 -37.17
C LYS A 9 -4.20 41.18 -35.69
N ARG A 10 -3.19 40.39 -35.34
CA ARG A 10 -3.02 39.86 -34.00
C ARG A 10 -2.37 40.84 -33.04
N ASP A 11 -1.49 41.69 -33.57
CA ASP A 11 -0.87 42.72 -32.73
C ASP A 11 -1.87 43.86 -32.54
N GLY A 12 -2.75 44.00 -33.52
CA GLY A 12 -3.83 44.99 -33.47
C GLY A 12 -3.58 46.01 -34.59
N SER A 13 -2.71 45.61 -35.51
CA SER A 13 -2.34 46.50 -36.61
C SER A 13 -3.14 46.26 -37.88
N THR A 14 -3.79 47.32 -38.33
CA THR A 14 -4.59 47.32 -39.55
C THR A 14 -3.78 46.93 -40.77
N GLU A 15 -4.49 46.53 -41.82
CA GLU A 15 -3.99 46.19 -43.14
C GLU A 15 -5.23 46.11 -44.04
N ARG A 16 -5.10 46.26 -45.35
CA ARG A 16 -6.27 46.18 -46.21
C ARG A 16 -6.59 44.72 -46.55
N ILE A 17 -7.86 44.45 -46.82
CA ILE A 17 -8.31 43.10 -47.13
C ILE A 17 -7.92 42.66 -48.54
N ASN A 18 -7.12 41.61 -48.63
CA ASN A 18 -6.86 41.01 -49.95
C ASN A 18 -7.69 39.73 -49.96
N LEU A 19 -8.80 39.72 -50.70
CA LEU A 19 -9.73 38.60 -50.75
C LEU A 19 -9.27 37.38 -51.51
N ASP A 20 -8.16 37.45 -52.24
CA ASP A 20 -7.63 36.29 -52.96
C ASP A 20 -6.89 35.37 -51.97
N LYS A 21 -6.41 35.97 -50.88
CA LYS A 21 -5.74 35.24 -49.81
C LYS A 21 -6.74 34.21 -49.26
N ILE A 22 -7.90 34.71 -48.85
CA ILE A 22 -8.98 33.86 -48.33
C ILE A 22 -9.28 32.77 -49.35
N HIS A 23 -9.59 33.19 -50.57
CA HIS A 23 -9.89 32.24 -51.65
C HIS A 23 -8.80 31.17 -51.73
N ARG A 24 -7.55 31.60 -51.76
CA ARG A 24 -6.44 30.65 -51.82
C ARG A 24 -6.64 29.57 -50.75
N VAL A 25 -6.76 29.99 -49.49
CA VAL A 25 -6.98 29.05 -48.40
C VAL A 25 -8.15 28.09 -48.70
N LEU A 26 -9.33 28.63 -49.00
CA LEU A 26 -10.47 27.78 -49.30
C LEU A 26 -10.09 26.79 -50.38
N ASP A 27 -9.54 27.31 -51.47
CA ASP A 27 -9.10 26.51 -52.62
C ASP A 27 -8.23 25.35 -52.17
N TRP A 28 -7.28 25.63 -51.30
CA TRP A 28 -6.39 24.63 -50.73
C TRP A 28 -7.11 23.53 -49.96
N ALA A 29 -7.98 23.93 -49.04
CA ALA A 29 -8.73 23.03 -48.17
C ALA A 29 -9.73 22.18 -48.92
N ALA A 30 -10.17 22.67 -50.07
CA ALA A 30 -11.12 21.95 -50.91
C ALA A 30 -10.41 20.90 -51.73
N GLU A 31 -9.10 21.05 -51.92
CA GLU A 31 -8.32 20.05 -52.65
C GLU A 31 -8.85 18.64 -52.41
N GLY A 32 -9.24 17.96 -53.48
CA GLY A 32 -9.72 16.60 -53.43
C GLY A 32 -11.15 16.32 -52.99
N LEU A 33 -11.84 17.30 -52.41
CA LEU A 33 -13.20 17.04 -51.94
C LEU A 33 -14.15 17.09 -53.12
N HIS A 34 -15.31 16.45 -52.96
CA HIS A 34 -16.34 16.40 -53.97
C HIS A 34 -17.62 17.05 -53.46
N ASN A 35 -18.26 17.83 -54.33
CA ASN A 35 -19.51 18.49 -54.05
C ASN A 35 -19.47 19.66 -53.08
N VAL A 36 -18.32 20.32 -52.90
CA VAL A 36 -18.32 21.48 -52.02
C VAL A 36 -18.12 22.73 -52.89
N SER A 37 -18.73 23.83 -52.45
CA SER A 37 -18.59 25.07 -53.22
C SER A 37 -17.85 26.15 -52.46
N ILE A 38 -16.65 26.49 -52.96
CA ILE A 38 -15.91 27.63 -52.44
C ILE A 38 -16.72 28.93 -52.54
N SER A 39 -17.43 29.17 -53.64
CA SER A 39 -18.27 30.35 -53.76
C SER A 39 -19.37 30.32 -52.72
N GLN A 40 -19.99 29.15 -52.53
CA GLN A 40 -21.03 29.06 -51.49
C GLN A 40 -20.47 29.59 -50.16
N VAL A 41 -19.32 29.00 -49.80
CA VAL A 41 -18.64 29.41 -48.58
C VAL A 41 -18.34 30.90 -48.59
N GLU A 42 -17.68 31.33 -49.66
CA GLU A 42 -17.31 32.74 -49.81
C GLU A 42 -18.52 33.64 -49.64
N LEU A 43 -19.58 33.31 -50.38
CA LEU A 43 -20.82 34.08 -50.32
C LEU A 43 -21.32 34.21 -48.88
N ARG A 44 -21.49 33.10 -48.18
CA ARG A 44 -21.97 33.11 -46.82
C ARG A 44 -21.09 33.84 -45.80
N SER A 45 -19.78 33.92 -46.01
CA SER A 45 -18.91 34.51 -45.00
C SER A 45 -18.59 35.97 -45.31
N HIS A 46 -18.42 36.29 -46.60
CA HIS A 46 -18.11 37.67 -46.96
C HIS A 46 -19.17 38.63 -46.46
N ILE A 47 -20.46 38.31 -46.56
CA ILE A 47 -21.54 39.13 -46.04
C ILE A 47 -21.40 39.49 -44.58
N GLN A 48 -20.65 38.76 -43.76
CA GLN A 48 -20.53 39.11 -42.34
C GLN A 48 -19.21 39.78 -41.99
N PHE A 49 -18.46 40.21 -43.01
CA PHE A 49 -17.22 40.96 -42.77
C PHE A 49 -17.51 42.43 -42.55
N TYR A 50 -16.57 43.17 -41.98
CA TYR A 50 -16.75 44.60 -41.74
C TYR A 50 -15.42 45.29 -41.42
N ASP A 51 -15.31 46.58 -41.74
CA ASP A 51 -14.09 47.34 -41.51
C ASP A 51 -13.48 47.07 -40.15
N GLY A 52 -12.22 46.62 -40.19
CA GLY A 52 -11.42 46.37 -39.01
C GLY A 52 -11.82 45.06 -38.35
N ILE A 53 -12.29 44.12 -39.16
CA ILE A 53 -12.72 42.82 -38.62
C ILE A 53 -11.49 41.98 -38.30
N LYS A 54 -11.36 41.57 -37.03
CA LYS A 54 -10.18 40.81 -36.64
C LYS A 54 -9.99 39.70 -37.67
N THR A 55 -8.72 39.40 -37.91
CA THR A 55 -8.31 38.34 -38.84
C THR A 55 -8.78 36.99 -38.33
N SER A 56 -8.70 36.76 -37.02
CA SER A 56 -9.17 35.54 -36.40
C SER A 56 -10.63 35.31 -36.75
N ASP A 57 -11.42 36.38 -36.61
CA ASP A 57 -12.84 36.38 -36.92
C ASP A 57 -13.13 35.93 -38.34
N ILE A 58 -12.36 36.42 -39.30
CA ILE A 58 -12.47 35.97 -40.67
C ILE A 58 -12.34 34.45 -40.73
N HIS A 59 -11.32 33.91 -40.06
CA HIS A 59 -11.14 32.47 -40.04
C HIS A 59 -12.35 31.73 -39.49
N GLU A 60 -12.84 32.16 -38.33
CA GLU A 60 -14.00 31.53 -37.70
C GLU A 60 -15.20 31.56 -38.64
N THR A 61 -15.43 32.71 -39.24
CA THR A 61 -16.53 32.89 -40.18
C THR A 61 -16.47 31.86 -41.30
N ILE A 62 -15.38 31.75 -42.05
CA ILE A 62 -15.35 30.76 -43.14
C ILE A 62 -15.41 29.35 -42.60
N ILE A 63 -14.84 29.08 -41.41
CA ILE A 63 -14.97 27.74 -40.84
C ILE A 63 -16.45 27.41 -40.67
N LYS A 64 -17.18 28.31 -39.99
CA LYS A 64 -18.61 28.09 -39.79
C LYS A 64 -19.34 27.93 -41.12
N ALA A 65 -19.03 28.82 -42.06
CA ALA A 65 -19.62 28.77 -43.40
C ALA A 65 -19.55 27.34 -43.94
N ALA A 66 -18.31 26.84 -43.98
CA ALA A 66 -18.09 25.46 -44.41
C ALA A 66 -18.84 24.51 -43.49
N ALA A 67 -18.73 24.71 -42.18
CA ALA A 67 -19.40 23.82 -41.24
C ALA A 67 -20.91 23.79 -41.40
N ASP A 68 -21.55 24.89 -41.80
CA ASP A 68 -22.99 24.95 -41.93
C ASP A 68 -23.52 24.27 -43.17
N LEU A 69 -22.68 23.84 -44.09
CA LEU A 69 -23.15 23.16 -45.29
C LEU A 69 -22.98 21.65 -45.18
N ILE A 70 -22.53 21.15 -44.03
CA ILE A 70 -22.38 19.70 -43.87
C ILE A 70 -23.74 19.06 -44.15
N SER A 71 -23.76 17.94 -44.84
CA SER A 71 -25.05 17.31 -45.15
C SER A 71 -24.86 15.89 -45.65
N ARG A 72 -25.93 15.09 -45.68
CA ARG A 72 -25.81 13.73 -46.22
C ARG A 72 -25.40 13.80 -47.70
N ASP A 73 -26.02 14.70 -48.45
CA ASP A 73 -25.74 14.88 -49.85
C ASP A 73 -24.41 15.56 -50.13
N ALA A 74 -23.84 16.26 -49.16
CA ALA A 74 -22.54 16.92 -49.38
C ALA A 74 -21.69 16.77 -48.11
N PRO A 75 -21.14 15.59 -47.91
CA PRO A 75 -20.41 15.21 -46.72
C PRO A 75 -18.96 15.64 -46.71
N ASP A 76 -18.45 16.14 -47.81
CA ASP A 76 -17.05 16.59 -47.86
C ASP A 76 -16.91 17.96 -47.24
N TYR A 77 -18.02 18.67 -46.98
CA TYR A 77 -17.93 19.92 -46.22
C TYR A 77 -17.28 19.60 -44.87
N GLN A 78 -17.56 18.44 -44.26
CA GLN A 78 -16.88 18.03 -43.05
C GLN A 78 -15.37 18.26 -43.17
N TYR A 79 -14.76 17.76 -44.25
CA TYR A 79 -13.32 17.88 -44.42
C TYR A 79 -12.91 19.30 -44.78
N LEU A 80 -13.74 20.01 -45.55
CA LEU A 80 -13.41 21.40 -45.88
C LEU A 80 -13.39 22.25 -44.61
N ALA A 81 -14.41 22.06 -43.77
CA ALA A 81 -14.48 22.83 -42.51
C ALA A 81 -13.26 22.44 -41.66
N ALA A 82 -13.07 21.14 -41.50
CA ALA A 82 -11.97 20.59 -40.73
C ALA A 82 -10.62 21.21 -41.05
N ARG A 83 -10.25 21.14 -42.33
CA ARG A 83 -8.96 21.70 -42.76
C ARG A 83 -8.86 23.16 -42.36
N LEU A 84 -9.85 23.97 -42.74
CA LEU A 84 -9.87 25.36 -42.29
C LEU A 84 -9.62 25.42 -40.79
N ALA A 85 -10.38 24.64 -40.01
CA ALA A 85 -10.14 24.57 -38.56
C ALA A 85 -8.70 24.19 -38.24
N ILE A 86 -8.15 23.15 -38.87
CA ILE A 86 -6.76 22.77 -38.68
C ILE A 86 -5.78 23.90 -39.00
N PHE A 87 -5.96 24.56 -40.15
CA PHE A 87 -5.12 25.66 -40.56
C PHE A 87 -5.04 26.73 -39.46
N HIS A 88 -6.22 27.17 -39.04
CA HIS A 88 -6.40 28.17 -38.00
C HIS A 88 -5.72 27.77 -36.69
N LEU A 89 -5.85 26.50 -36.30
CA LEU A 89 -5.20 26.04 -35.08
C LEU A 89 -3.69 26.06 -35.26
N ARG A 90 -3.20 25.69 -36.45
CA ARG A 90 -1.75 25.77 -36.70
C ARG A 90 -1.28 27.17 -36.33
N LYS A 91 -1.78 28.15 -37.09
CA LYS A 91 -1.43 29.55 -36.81
C LYS A 91 -1.59 29.85 -35.33
N LYS A 92 -2.78 29.59 -34.78
CA LYS A 92 -3.03 29.73 -33.35
C LYS A 92 -1.95 29.13 -32.47
N ALA A 93 -1.38 27.96 -32.79
CA ALA A 93 -0.36 27.39 -31.90
C ALA A 93 1.06 27.79 -32.28
N TYR A 94 1.33 27.96 -33.58
CA TYR A 94 2.70 28.15 -34.03
C TYR A 94 2.95 29.47 -34.71
N GLY A 95 1.91 30.24 -35.00
CA GLY A 95 2.04 31.52 -35.69
C GLY A 95 2.33 31.31 -37.16
N GLN A 96 2.14 30.08 -37.63
CA GLN A 96 2.38 29.70 -39.01
C GLN A 96 1.76 28.32 -39.23
N PHE A 97 1.53 27.96 -40.46
CA PHE A 97 0.96 26.65 -40.76
C PHE A 97 1.93 25.53 -40.42
N GLU A 98 3.19 25.67 -40.82
CA GLU A 98 4.17 24.63 -40.58
C GLU A 98 4.57 24.48 -39.13
N PRO A 99 4.31 23.30 -38.60
CA PRO A 99 4.65 22.94 -37.23
C PRO A 99 6.17 22.95 -37.08
N PRO A 100 6.64 23.40 -35.93
CA PRO A 100 8.02 23.46 -35.54
C PRO A 100 8.65 22.07 -35.49
N ALA A 101 9.96 22.04 -35.27
CA ALA A 101 10.64 20.76 -35.16
C ALA A 101 10.18 20.08 -33.87
N LEU A 102 10.07 18.75 -33.90
CA LEU A 102 9.62 18.04 -32.71
C LEU A 102 10.43 18.43 -31.48
N TYR A 103 11.75 18.39 -31.59
CA TYR A 103 12.63 18.69 -30.47
C TYR A 103 12.43 20.11 -29.96
N ASP A 104 12.44 21.06 -30.89
CA ASP A 104 12.23 22.46 -30.50
C ASP A 104 10.91 22.62 -29.78
N HIS A 105 9.83 22.03 -30.29
CA HIS A 105 8.53 22.01 -29.65
C HIS A 105 8.57 21.42 -28.24
N VAL A 106 9.10 20.22 -28.07
CA VAL A 106 9.18 19.60 -26.74
C VAL A 106 9.97 20.45 -25.77
N VAL A 107 11.12 20.99 -26.18
CA VAL A 107 11.89 21.84 -25.27
C VAL A 107 11.03 23.01 -24.78
N LYS A 108 10.50 23.75 -25.74
CA LYS A 108 9.63 24.88 -25.46
C LYS A 108 8.52 24.51 -24.48
N MET A 109 7.84 23.40 -24.77
CA MET A 109 6.72 22.98 -23.93
C MET A 109 7.20 22.53 -22.56
N VAL A 110 8.39 21.94 -22.48
CA VAL A 110 8.90 21.54 -21.17
C VAL A 110 9.19 22.80 -20.36
N GLU A 111 9.81 23.81 -20.98
CA GLU A 111 10.10 25.07 -20.32
C GLU A 111 8.85 25.79 -19.83
N MET A 112 7.72 25.63 -20.55
CA MET A 112 6.47 26.24 -20.15
C MET A 112 5.70 25.39 -19.15
N GLY A 113 6.22 24.19 -18.89
CA GLY A 113 5.63 23.26 -17.95
C GLY A 113 4.35 22.62 -18.45
N LYS A 114 4.20 22.53 -19.78
CA LYS A 114 3.00 21.95 -20.36
C LYS A 114 3.24 20.48 -20.67
N TYR A 115 4.52 20.10 -20.78
CA TYR A 115 4.88 18.72 -21.05
C TYR A 115 5.69 18.17 -19.88
N ASP A 116 5.73 16.85 -19.75
CA ASP A 116 6.50 16.25 -18.67
C ASP A 116 7.99 16.42 -18.93
N ASN A 117 8.79 16.66 -17.90
CA ASN A 117 10.22 16.91 -18.11
C ASN A 117 10.93 15.61 -18.45
N HIS A 118 10.39 14.47 -18.01
CA HIS A 118 10.98 13.18 -18.32
C HIS A 118 11.19 12.95 -19.81
N LEU A 119 10.35 13.51 -20.69
CA LEU A 119 10.51 13.33 -22.11
C LEU A 119 11.91 13.72 -22.56
N LEU A 120 12.37 14.89 -22.11
CA LEU A 120 13.72 15.35 -22.46
C LEU A 120 14.81 14.50 -21.81
N GLU A 121 14.52 13.87 -20.68
CA GLU A 121 15.49 13.00 -20.03
C GLU A 121 15.50 11.63 -20.69
N ASP A 122 14.31 11.17 -21.07
CA ASP A 122 14.16 9.83 -21.63
C ASP A 122 14.60 9.74 -23.07
N TYR A 123 14.56 10.80 -23.85
CA TYR A 123 14.96 10.75 -25.25
C TYR A 123 16.03 11.80 -25.54
N THR A 124 16.92 11.47 -26.47
CA THR A 124 18.01 12.41 -26.82
C THR A 124 17.54 13.29 -27.96
N GLU A 125 18.09 14.48 -28.11
CA GLU A 125 17.70 15.38 -29.19
C GLU A 125 17.77 14.68 -30.54
N GLU A 126 18.78 13.85 -30.79
CA GLU A 126 18.82 13.09 -32.04
C GLU A 126 17.67 12.10 -32.08
N GLU A 127 17.31 11.49 -30.96
CA GLU A 127 16.14 10.62 -30.90
C GLU A 127 14.87 11.38 -31.26
N PHE A 128 14.71 12.59 -30.74
CA PHE A 128 13.59 13.46 -31.09
C PHE A 128 13.65 13.80 -32.57
N LYS A 129 14.82 14.12 -33.12
CA LYS A 129 14.94 14.37 -34.55
C LYS A 129 14.45 13.16 -35.34
N GLN A 130 14.87 11.96 -34.92
CA GLN A 130 14.44 10.72 -35.53
C GLN A 130 12.91 10.61 -35.51
N MET A 131 12.31 10.81 -34.34
CA MET A 131 10.86 10.74 -34.21
C MET A 131 10.19 11.70 -35.17
N ASP A 132 10.66 12.95 -35.23
CA ASP A 132 10.13 13.94 -36.16
C ASP A 132 9.95 13.39 -37.57
N THR A 133 10.91 12.61 -38.07
CA THR A 133 10.83 11.95 -39.36
C THR A 133 9.65 10.98 -39.49
N PHE A 134 9.15 10.42 -38.41
CA PHE A 134 8.00 9.53 -38.45
C PHE A 134 6.70 10.30 -38.67
N ILE A 135 6.65 11.46 -38.02
CA ILE A 135 5.50 12.34 -38.04
C ILE A 135 5.08 12.62 -39.48
N ASP A 136 3.78 12.67 -39.69
CA ASP A 136 3.23 13.13 -40.96
C ASP A 136 2.12 14.12 -40.63
N HIS A 137 2.48 15.40 -40.58
CA HIS A 137 1.51 16.45 -40.30
C HIS A 137 0.40 16.56 -41.32
N ASP A 138 0.54 16.08 -42.55
CA ASP A 138 -0.58 16.09 -43.46
C ASP A 138 -1.72 15.21 -42.96
N ARG A 139 -1.48 14.24 -42.10
CA ARG A 139 -2.54 13.43 -41.51
C ARG A 139 -3.61 14.30 -40.86
N ASP A 140 -3.27 15.45 -40.28
CA ASP A 140 -4.23 16.43 -39.81
C ASP A 140 -5.34 16.74 -40.79
N MET A 141 -5.06 16.75 -42.09
CA MET A 141 -6.03 16.86 -43.15
C MET A 141 -7.01 15.71 -43.30
N THR A 142 -6.92 14.63 -42.52
CA THR A 142 -7.82 13.51 -42.66
C THR A 142 -8.92 13.54 -41.60
N PHE A 143 -8.84 14.48 -40.67
CA PHE A 143 -9.87 14.60 -39.64
C PHE A 143 -11.16 15.21 -40.21
N SER A 144 -12.31 14.89 -39.62
CA SER A 144 -13.57 15.49 -40.07
C SER A 144 -13.91 16.63 -39.14
N TYR A 145 -14.57 17.70 -39.60
CA TYR A 145 -14.87 18.82 -38.73
C TYR A 145 -15.23 18.45 -37.30
N ALA A 146 -16.18 17.54 -37.07
CA ALA A 146 -16.55 17.16 -35.71
C ALA A 146 -15.32 16.70 -34.93
N ALA A 147 -14.52 15.83 -35.56
CA ALA A 147 -13.28 15.37 -34.93
C ALA A 147 -12.40 16.57 -34.53
N VAL A 148 -12.10 17.50 -35.45
CA VAL A 148 -11.26 18.63 -35.03
C VAL A 148 -11.87 19.30 -33.81
N LYS A 149 -13.17 19.56 -33.83
CA LYS A 149 -13.89 20.06 -32.67
C LYS A 149 -13.56 19.26 -31.42
N GLN A 150 -13.60 17.92 -31.45
CA GLN A 150 -13.22 17.15 -30.27
C GLN A 150 -11.76 17.40 -29.89
N LEU A 151 -10.82 17.22 -30.81
CA LEU A 151 -9.41 17.46 -30.50
C LEU A 151 -9.25 18.82 -29.80
N GLU A 152 -9.75 19.89 -30.43
CA GLU A 152 -9.60 21.23 -29.89
C GLU A 152 -10.19 21.36 -28.51
N GLY A 153 -11.37 20.78 -28.32
CA GLY A 153 -12.09 20.87 -27.08
C GLY A 153 -11.57 20.02 -25.94
N LYS A 154 -11.05 18.82 -26.22
CA LYS A 154 -10.63 17.98 -25.10
C LYS A 154 -9.44 17.07 -25.30
N TYR A 155 -8.54 17.38 -26.22
CA TYR A 155 -7.36 16.52 -26.40
C TYR A 155 -6.11 17.38 -26.42
N LEU A 156 -6.10 18.33 -27.36
CA LEU A 156 -4.94 19.19 -27.55
C LEU A 156 -4.54 19.90 -26.28
N VAL A 157 -3.24 19.98 -26.00
CA VAL A 157 -2.77 20.70 -24.79
C VAL A 157 -3.07 22.17 -24.95
N GLN A 158 -3.76 22.78 -24.00
CA GLN A 158 -4.11 24.19 -24.12
C GLN A 158 -4.26 24.89 -22.78
N ASN A 159 -4.35 26.22 -22.82
CA ASN A 159 -4.55 26.98 -21.59
C ASN A 159 -6.06 27.22 -21.49
N ARG A 160 -6.69 26.71 -20.45
CA ARG A 160 -8.15 26.81 -20.35
C ARG A 160 -8.65 28.20 -20.00
N VAL A 161 -7.88 28.96 -19.25
CA VAL A 161 -8.25 30.34 -18.95
C VAL A 161 -8.09 31.19 -20.20
N THR A 162 -6.83 31.37 -20.63
CA THR A 162 -6.51 32.21 -21.77
C THR A 162 -7.05 31.74 -23.11
N GLY A 163 -7.21 30.44 -23.29
CA GLY A 163 -7.70 29.90 -24.56
C GLY A 163 -6.57 29.34 -25.41
N GLU A 164 -5.35 29.85 -25.28
CA GLU A 164 -4.23 29.40 -26.07
C GLU A 164 -4.15 27.88 -26.30
N ILE A 165 -3.96 27.50 -27.56
CA ILE A 165 -3.79 26.09 -27.93
C ILE A 165 -2.29 25.87 -28.17
N TYR A 166 -1.64 25.00 -27.42
CA TYR A 166 -0.21 24.84 -27.57
C TYR A 166 0.27 23.75 -28.50
N GLU A 167 -0.59 22.94 -29.11
CA GLU A 167 -0.03 21.84 -29.90
C GLU A 167 -0.90 21.42 -31.07
N SER A 168 -0.47 20.37 -31.76
CA SER A 168 -1.24 19.83 -32.88
C SER A 168 -1.36 18.31 -32.76
N ALA A 169 -2.44 17.77 -33.33
CA ALA A 169 -2.70 16.34 -33.26
C ALA A 169 -1.47 15.47 -33.43
N GLN A 170 -0.74 15.59 -34.55
CA GLN A 170 0.43 14.74 -34.77
C GLN A 170 1.43 14.79 -33.62
N PHE A 171 1.71 15.96 -33.05
CA PHE A 171 2.59 16.03 -31.91
C PHE A 171 1.99 15.21 -30.77
N LEU A 172 0.69 15.37 -30.52
CA LEU A 172 0.01 14.57 -29.50
C LEU A 172 0.27 13.08 -29.70
N TYR A 173 -0.04 12.57 -30.88
CA TYR A 173 0.16 11.14 -31.13
C TYR A 173 1.61 10.69 -30.97
N ILE A 174 2.55 11.44 -31.54
CA ILE A 174 3.95 11.02 -31.44
C ILE A 174 4.39 10.94 -29.99
N LEU A 175 4.05 11.97 -29.21
CA LEU A 175 4.43 12.00 -27.79
C LEU A 175 3.65 11.02 -26.94
N VAL A 176 2.43 10.65 -27.35
CA VAL A 176 1.73 9.61 -26.58
C VAL A 176 2.54 8.34 -26.79
N ALA A 177 2.96 8.09 -28.05
CA ALA A 177 3.78 6.92 -28.32
C ALA A 177 5.08 6.99 -27.51
N ALA A 178 5.76 8.13 -27.66
CA ALA A 178 7.02 8.35 -26.96
C ALA A 178 6.89 8.00 -25.48
N CYS A 179 5.91 8.58 -24.79
CA CYS A 179 5.78 8.32 -23.36
C CYS A 179 5.44 6.88 -23.05
N LEU A 180 4.48 6.28 -23.76
CA LEU A 180 4.12 4.89 -23.50
C LEU A 180 5.25 3.90 -23.74
N PHE A 181 6.15 4.11 -24.71
CA PHE A 181 7.24 3.17 -24.92
C PHE A 181 8.60 3.73 -24.52
N SER A 182 8.60 4.65 -23.56
CA SER A 182 9.86 5.26 -23.11
C SER A 182 10.78 4.32 -22.34
N ASN A 183 10.29 3.25 -21.75
CA ASN A 183 11.13 2.31 -21.03
C ASN A 183 11.61 1.15 -21.89
N TYR A 184 11.39 1.22 -23.19
CA TYR A 184 11.88 0.16 -24.06
C TYR A 184 13.38 0.28 -24.24
N PRO A 185 14.01 -0.87 -24.41
CA PRO A 185 15.44 -0.98 -24.65
C PRO A 185 15.69 -0.17 -25.91
N ARG A 186 16.83 0.48 -26.04
CA ARG A 186 17.04 1.35 -27.20
C ARG A 186 17.07 0.59 -28.51
N GLU A 187 17.26 -0.72 -28.52
CA GLU A 187 17.25 -1.49 -29.75
C GLU A 187 15.87 -1.57 -30.38
N THR A 188 14.76 -1.40 -29.66
CA THR A 188 13.44 -1.45 -30.27
C THR A 188 12.55 -0.24 -29.94
N ARG A 189 12.93 0.57 -28.97
CA ARG A 189 12.12 1.70 -28.52
C ARG A 189 11.51 2.48 -29.67
N LEU A 190 12.31 3.21 -30.44
CA LEU A 190 11.82 3.99 -31.57
C LEU A 190 11.06 3.22 -32.64
N GLN A 191 11.34 1.95 -32.85
CA GLN A 191 10.58 1.12 -33.79
C GLN A 191 9.13 1.05 -33.33
N TYR A 192 8.91 0.69 -32.06
CA TYR A 192 7.62 0.72 -31.40
C TYR A 192 6.98 2.11 -31.44
N VAL A 193 7.71 3.15 -31.01
CA VAL A 193 7.17 4.49 -31.09
C VAL A 193 6.63 4.72 -32.50
N LYS A 194 7.44 4.51 -33.53
CA LYS A 194 6.97 4.74 -34.89
C LYS A 194 5.74 3.88 -35.21
N ARG A 195 5.80 2.59 -34.93
CA ARG A 195 4.66 1.72 -35.25
C ARG A 195 3.38 2.19 -34.57
N PHE A 196 3.42 2.43 -33.26
CA PHE A 196 2.24 2.90 -32.54
C PHE A 196 1.76 4.25 -33.05
N TYR A 197 2.67 5.18 -33.34
CA TYR A 197 2.29 6.48 -33.88
C TYR A 197 1.43 6.30 -35.14
N ASP A 198 1.93 5.52 -36.11
CA ASP A 198 1.17 5.25 -37.31
C ASP A 198 -0.18 4.60 -36.95
N ALA A 199 -0.14 3.62 -36.04
CA ALA A 199 -1.38 2.96 -35.66
C ALA A 199 -2.42 3.99 -35.22
N VAL A 200 -2.06 4.85 -34.27
CA VAL A 200 -3.03 5.83 -33.80
C VAL A 200 -3.24 6.97 -34.79
N SER A 201 -2.26 7.58 -35.45
CA SER A 201 -2.57 8.66 -36.38
C SER A 201 -3.38 8.23 -37.60
N THR A 202 -3.41 6.96 -37.96
CA THR A 202 -4.23 6.52 -39.09
C THR A 202 -5.46 5.80 -38.56
N PHE A 203 -5.87 6.17 -37.36
CA PHE A 203 -7.06 5.73 -36.67
C PHE A 203 -7.29 4.24 -36.61
N LYS A 204 -6.25 3.42 -36.56
CA LYS A 204 -6.41 1.97 -36.44
C LYS A 204 -6.74 1.59 -35.00
N ILE A 205 -6.17 2.34 -34.07
CA ILE A 205 -6.35 2.10 -32.64
C ILE A 205 -6.86 3.38 -31.97
N SER A 206 -7.91 3.25 -31.15
CA SER A 206 -8.45 4.42 -30.45
C SER A 206 -8.01 4.40 -28.99
N LEU A 207 -7.75 5.58 -28.43
CA LEU A 207 -7.34 5.59 -27.02
C LEU A 207 -8.23 6.58 -26.27
N PRO A 208 -8.58 6.26 -25.05
CA PRO A 208 -9.46 7.00 -24.19
C PRO A 208 -9.04 8.44 -23.93
N THR A 209 -10.05 9.28 -23.65
CA THR A 209 -9.80 10.71 -23.45
C THR A 209 -8.72 11.05 -22.46
N PRO A 210 -8.74 10.47 -21.27
CA PRO A 210 -7.74 10.72 -20.26
C PRO A 210 -6.35 10.51 -20.84
N ILE A 211 -6.12 9.34 -21.47
CA ILE A 211 -4.81 9.05 -22.05
C ILE A 211 -4.45 10.10 -23.10
N MET A 212 -5.34 10.27 -24.06
CA MET A 212 -5.11 11.20 -25.16
C MET A 212 -4.85 12.64 -24.75
N SER A 213 -5.50 13.11 -23.70
CA SER A 213 -5.30 14.48 -23.28
C SER A 213 -4.09 14.64 -22.36
N GLY A 214 -3.76 13.62 -21.58
CA GLY A 214 -2.72 13.74 -20.60
C GLY A 214 -1.37 13.12 -20.78
N VAL A 215 -1.29 11.96 -21.43
CA VAL A 215 0.00 11.28 -21.56
C VAL A 215 0.93 12.18 -22.36
N ARG A 216 1.91 12.77 -21.72
CA ARG A 216 2.87 13.68 -22.34
C ARG A 216 3.02 14.89 -21.42
N THR A 217 1.92 15.14 -20.69
CA THR A 217 1.88 16.26 -19.76
C THR A 217 2.32 15.73 -18.42
N PRO A 218 2.61 16.61 -17.48
CA PRO A 218 3.06 16.31 -16.14
C PRO A 218 2.13 15.46 -15.29
N THR A 219 0.85 15.31 -15.62
CA THR A 219 -0.04 14.50 -14.82
C THR A 219 0.39 13.03 -14.87
N ARG A 220 -0.32 12.21 -14.10
CA ARG A 220 -0.10 10.80 -13.97
C ARG A 220 -1.45 10.12 -13.68
N GLN A 221 -2.50 10.92 -13.71
CA GLN A 221 -3.84 10.41 -13.45
C GLN A 221 -4.46 10.01 -14.78
N PHE A 222 -4.77 8.75 -15.06
CA PHE A 222 -5.33 8.40 -16.36
C PHE A 222 -6.49 7.41 -16.30
N SER A 223 -6.82 6.91 -15.11
CA SER A 223 -7.91 5.94 -14.95
C SER A 223 -9.28 6.59 -15.13
N SER A 224 -10.11 6.03 -16.00
CA SER A 224 -11.44 6.53 -16.26
C SER A 224 -12.54 5.87 -15.43
N CYS A 225 -12.35 4.67 -14.91
CA CYS A 225 -13.37 4.04 -14.10
C CYS A 225 -12.77 3.05 -13.11
N VAL A 226 -13.43 3.05 -11.97
CA VAL A 226 -13.06 2.30 -10.79
C VAL A 226 -14.21 1.38 -10.43
N LEU A 227 -13.94 0.26 -9.80
CA LEU A 227 -14.94 -0.68 -9.30
C LEU A 227 -14.64 -0.96 -7.83
N ILE A 228 -15.42 -0.45 -6.89
CA ILE A 228 -15.18 -0.68 -5.48
C ILE A 228 -16.21 -1.63 -4.89
N GLU A 229 -15.84 -2.60 -4.08
CA GLU A 229 -16.79 -3.52 -3.47
C GLU A 229 -16.92 -3.13 -1.99
N CYS A 230 -18.14 -3.07 -1.45
CA CYS A 230 -18.30 -2.57 -0.09
C CYS A 230 -18.63 -3.68 0.88
N GLY A 231 -17.82 -3.83 1.93
CA GLY A 231 -18.09 -4.90 2.89
C GLY A 231 -19.26 -4.41 3.73
N ASP A 232 -19.94 -5.31 4.43
CA ASP A 232 -21.05 -4.95 5.30
C ASP A 232 -20.53 -4.46 6.64
N SER A 233 -19.97 -3.25 6.67
CA SER A 233 -19.43 -2.72 7.91
C SER A 233 -19.18 -1.22 7.84
N LEU A 234 -19.42 -0.50 8.94
CA LEU A 234 -19.19 0.93 8.94
C LEU A 234 -17.79 1.29 8.44
N ASP A 235 -16.78 0.53 8.86
CA ASP A 235 -15.42 0.76 8.38
C ASP A 235 -15.36 0.63 6.86
N SER A 236 -15.93 -0.45 6.33
CA SER A 236 -15.91 -0.64 4.88
C SER A 236 -16.73 0.41 4.17
N ILE A 237 -17.89 0.74 4.72
CA ILE A 237 -18.74 1.80 4.18
C ILE A 237 -17.92 3.09 4.15
N ASN A 238 -17.26 3.43 5.26
CA ASN A 238 -16.44 4.63 5.28
C ASN A 238 -15.34 4.54 4.24
N ALA A 239 -14.60 3.43 4.23
CA ALA A 239 -13.54 3.21 3.26
C ALA A 239 -14.03 3.40 1.82
N THR A 240 -15.11 2.70 1.49
CA THR A 240 -15.71 2.79 0.16
C THR A 240 -15.94 4.25 -0.20
N SER A 241 -16.68 4.91 0.69
CA SER A 241 -16.96 6.33 0.48
C SER A 241 -15.67 7.09 0.24
N SER A 242 -14.65 6.94 1.08
CA SER A 242 -13.40 7.67 0.85
C SER A 242 -12.80 7.36 -0.51
N ALA A 243 -12.78 6.09 -0.91
CA ALA A 243 -12.25 5.76 -2.23
C ALA A 243 -13.02 6.57 -3.28
N ILE A 244 -14.36 6.52 -3.29
CA ILE A 244 -15.13 7.29 -4.26
C ILE A 244 -14.75 8.77 -4.31
N VAL A 245 -14.66 9.46 -3.19
CA VAL A 245 -14.30 10.87 -3.20
C VAL A 245 -12.97 11.09 -3.91
N LYS A 246 -11.95 10.28 -3.61
CA LYS A 246 -10.66 10.44 -4.27
C LYS A 246 -10.75 10.22 -5.78
N TYR A 247 -11.51 9.20 -6.16
CA TYR A 247 -11.63 8.83 -7.56
C TYR A 247 -12.52 9.71 -8.39
N VAL A 248 -13.60 10.28 -7.85
CA VAL A 248 -14.43 11.17 -8.66
C VAL A 248 -13.71 12.49 -8.78
N SER A 249 -12.84 12.78 -7.81
CA SER A 249 -12.03 13.99 -7.82
C SER A 249 -11.05 14.03 -8.97
N GLN A 250 -10.79 12.89 -9.60
CA GLN A 250 -9.96 12.74 -10.77
C GLN A 250 -10.89 12.26 -11.89
N ARG A 251 -12.10 12.82 -11.93
CA ARG A 251 -13.09 12.57 -12.96
C ARG A 251 -13.28 11.12 -13.39
N ALA A 252 -13.36 10.16 -12.48
CA ALA A 252 -13.53 8.77 -12.88
C ALA A 252 -14.94 8.23 -12.64
N GLY A 253 -15.40 7.38 -13.54
CA GLY A 253 -16.71 6.74 -13.41
C GLY A 253 -16.65 5.74 -12.25
N ILE A 254 -17.67 5.69 -11.39
CA ILE A 254 -17.62 4.76 -10.28
C ILE A 254 -18.60 3.61 -10.43
N GLY A 255 -18.17 2.40 -10.08
CA GLY A 255 -19.06 1.23 -10.14
C GLY A 255 -18.94 0.62 -8.73
N ILE A 256 -19.99 0.69 -7.94
CA ILE A 256 -19.95 0.29 -6.54
C ILE A 256 -20.79 -0.96 -6.29
N ASN A 257 -20.29 -1.93 -5.56
CA ASN A 257 -21.11 -3.09 -5.24
C ASN A 257 -21.49 -2.94 -3.77
N ALA A 258 -22.75 -2.61 -3.47
CA ALA A 258 -23.15 -2.45 -2.07
C ALA A 258 -24.10 -3.55 -1.67
N GLY A 259 -24.05 -4.68 -2.36
CA GLY A 259 -24.90 -5.82 -2.17
C GLY A 259 -24.89 -6.53 -0.83
N ARG A 260 -23.80 -6.54 -0.10
CA ARG A 260 -23.78 -7.21 1.20
C ARG A 260 -24.24 -6.29 2.33
N ILE A 261 -24.47 -5.01 2.08
CA ILE A 261 -24.95 -4.17 3.19
C ILE A 261 -26.26 -4.80 3.65
N ARG A 262 -26.28 -5.26 4.90
CA ARG A 262 -27.42 -5.96 5.46
C ARG A 262 -28.68 -5.12 5.37
N ALA A 263 -29.84 -5.78 5.42
CA ALA A 263 -31.12 -5.12 5.26
C ALA A 263 -31.63 -4.37 6.48
N LEU A 264 -32.60 -3.49 6.19
CA LEU A 264 -33.31 -2.73 7.22
C LEU A 264 -33.94 -3.66 8.24
N GLY A 265 -33.78 -3.31 9.52
CA GLY A 265 -34.36 -4.11 10.60
C GLY A 265 -33.42 -5.16 11.17
N SER A 266 -32.42 -5.57 10.39
CA SER A 266 -31.46 -6.58 10.82
C SER A 266 -30.80 -6.16 12.12
N PRO A 267 -30.56 -7.14 12.97
CA PRO A 267 -29.95 -6.97 14.27
C PRO A 267 -28.59 -6.34 14.16
N ILE A 268 -28.19 -5.53 15.14
CA ILE A 268 -26.85 -4.98 15.21
C ILE A 268 -26.34 -5.11 16.66
N ARG A 269 -25.26 -5.86 16.82
CA ARG A 269 -24.61 -6.10 18.11
C ARG A 269 -25.26 -7.21 18.91
N GLY A 270 -26.43 -7.68 18.50
CA GLY A 270 -27.19 -8.71 19.16
C GLY A 270 -28.68 -8.36 19.06
N GLY A 271 -29.13 -7.53 19.99
CA GLY A 271 -30.53 -7.06 20.02
C GLY A 271 -30.51 -5.65 20.63
N GLU A 272 -29.28 -5.15 20.78
CA GLU A 272 -29.05 -3.83 21.37
C GLU A 272 -29.45 -2.70 20.43
N ALA A 273 -29.38 -2.94 19.12
CA ALA A 273 -29.78 -1.94 18.14
C ALA A 273 -30.11 -2.58 16.80
N PHE A 274 -31.18 -2.11 16.16
CA PHE A 274 -31.61 -2.67 14.89
C PHE A 274 -31.12 -1.76 13.76
N HIS A 275 -30.73 -2.38 12.65
CA HIS A 275 -30.21 -1.71 11.47
C HIS A 275 -31.17 -0.68 10.87
N THR A 276 -30.60 0.31 10.19
CA THR A 276 -31.36 1.39 9.60
C THR A 276 -31.68 1.25 8.12
N GLY A 277 -31.04 0.34 7.43
CA GLY A 277 -31.28 0.03 6.03
C GLY A 277 -30.11 0.33 5.12
N CYS A 278 -30.24 -0.04 3.85
CA CYS A 278 -29.22 0.23 2.85
C CYS A 278 -29.31 1.64 2.28
N ILE A 279 -30.52 2.16 2.14
CA ILE A 279 -30.77 3.45 1.49
C ILE A 279 -29.96 4.58 2.07
N PRO A 280 -30.01 4.79 3.37
CA PRO A 280 -29.19 5.78 4.05
C PRO A 280 -27.74 5.73 3.58
N PHE A 281 -27.16 4.55 3.42
CA PHE A 281 -25.80 4.44 2.92
C PHE A 281 -25.70 4.74 1.44
N TYR A 282 -26.65 4.25 0.63
CA TYR A 282 -26.66 4.59 -0.80
C TYR A 282 -26.68 6.10 -0.96
N LYS A 283 -27.50 6.82 -0.21
CA LYS A 283 -27.54 8.27 -0.28
C LYS A 283 -26.16 8.82 0.02
N HIS A 284 -25.45 8.19 0.96
CA HIS A 284 -24.13 8.62 1.35
C HIS A 284 -23.12 8.37 0.24
N PHE A 285 -23.19 7.23 -0.45
CA PHE A 285 -22.30 7.03 -1.59
C PHE A 285 -22.66 8.00 -2.71
N GLN A 286 -23.95 8.32 -2.90
CA GLN A 286 -24.34 9.30 -3.90
C GLN A 286 -23.73 10.67 -3.61
N THR A 287 -23.72 11.17 -2.38
CA THR A 287 -23.08 12.46 -2.13
C THR A 287 -21.57 12.33 -2.36
N ALA A 288 -21.00 11.18 -2.03
CA ALA A 288 -19.58 10.94 -2.25
C ALA A 288 -19.32 11.11 -3.76
N VAL A 289 -20.10 10.39 -4.54
CA VAL A 289 -20.01 10.44 -6.00
C VAL A 289 -20.12 11.84 -6.56
N LYS A 290 -21.03 12.68 -6.06
CA LYS A 290 -21.19 14.02 -6.57
C LYS A 290 -20.41 15.07 -5.80
N SER A 291 -19.55 14.69 -4.87
CA SER A 291 -18.75 15.58 -4.06
C SER A 291 -17.91 16.60 -4.80
N CYS A 292 -17.56 16.35 -6.06
CA CYS A 292 -16.79 17.27 -6.87
C CYS A 292 -17.53 17.63 -8.15
N SER A 293 -18.80 18.04 -8.00
CA SER A 293 -19.67 18.46 -9.09
C SER A 293 -20.32 19.81 -8.79
N GLN A 294 -20.45 20.68 -9.79
CA GLN A 294 -21.06 21.98 -9.55
C GLN A 294 -22.41 21.84 -8.86
N GLY A 295 -22.49 22.31 -7.62
CA GLY A 295 -23.69 22.21 -6.80
C GLY A 295 -23.91 20.83 -6.20
N GLY A 296 -24.15 19.85 -7.05
CA GLY A 296 -24.38 18.45 -6.72
C GLY A 296 -24.99 17.77 -7.95
N VAL A 297 -24.68 18.31 -9.12
CA VAL A 297 -25.22 17.83 -10.38
C VAL A 297 -24.16 17.44 -11.42
N ARG A 298 -23.53 18.44 -12.02
CA ARG A 298 -22.55 18.34 -13.07
C ARG A 298 -21.46 17.29 -12.98
N GLY A 299 -21.71 16.08 -13.51
CA GLY A 299 -20.68 15.06 -13.54
C GLY A 299 -20.68 14.16 -12.32
N GLY A 300 -19.72 13.22 -12.28
CA GLY A 300 -19.68 12.27 -11.16
C GLY A 300 -20.78 11.24 -11.43
N ALA A 301 -20.40 10.12 -12.01
CA ALA A 301 -21.39 9.09 -12.33
C ALA A 301 -21.07 7.81 -11.57
N ALA A 302 -22.11 7.04 -11.26
CA ALA A 302 -21.92 5.79 -10.55
C ALA A 302 -23.05 4.83 -10.87
N THR A 303 -22.77 3.54 -10.72
CA THR A 303 -23.73 2.46 -10.88
C THR A 303 -23.51 1.48 -9.73
N LEU A 304 -24.55 1.37 -8.92
CA LEU A 304 -24.53 0.54 -7.72
C LEU A 304 -25.13 -0.82 -8.06
N PHE A 305 -24.57 -1.90 -7.49
CA PHE A 305 -25.06 -3.24 -7.85
C PHE A 305 -25.62 -3.97 -6.65
N TYR A 306 -26.67 -4.77 -6.80
CA TYR A 306 -27.19 -5.56 -5.68
C TYR A 306 -27.89 -6.78 -6.26
N PRO A 307 -27.94 -7.83 -5.46
CA PRO A 307 -28.57 -9.08 -5.85
C PRO A 307 -30.06 -8.83 -5.96
N MET A 308 -30.74 -9.59 -6.83
CA MET A 308 -32.18 -9.48 -6.97
C MET A 308 -32.88 -9.98 -5.70
N TRP A 309 -32.29 -10.91 -4.97
CA TRP A 309 -32.92 -11.47 -3.79
C TRP A 309 -32.65 -10.69 -2.51
N HIS A 310 -31.92 -9.58 -2.58
CA HIS A 310 -31.68 -8.80 -1.36
C HIS A 310 -33.02 -8.50 -0.69
N LEU A 311 -33.05 -8.52 0.64
CA LEU A 311 -34.31 -8.28 1.34
C LEU A 311 -34.97 -6.95 0.97
N GLU A 312 -34.21 -5.87 0.77
CA GLU A 312 -34.79 -4.59 0.41
C GLU A 312 -34.90 -4.38 -1.10
N VAL A 313 -34.88 -5.43 -1.91
CA VAL A 313 -34.94 -5.30 -3.35
C VAL A 313 -36.06 -4.42 -3.89
N GLU A 314 -37.29 -4.55 -3.40
CA GLU A 314 -38.39 -3.77 -3.96
C GLU A 314 -38.26 -2.29 -3.65
N SER A 315 -37.54 -1.90 -2.59
CA SER A 315 -37.32 -0.50 -2.27
C SER A 315 -36.13 0.00 -3.07
N LEU A 316 -35.17 -0.89 -3.33
CA LEU A 316 -33.99 -0.54 -4.12
C LEU A 316 -34.36 -0.34 -5.59
N LEU A 317 -35.19 -1.20 -6.16
CA LEU A 317 -35.62 -1.11 -7.55
C LEU A 317 -36.30 0.18 -7.98
N VAL A 318 -36.95 0.92 -7.10
CA VAL A 318 -37.65 2.15 -7.44
C VAL A 318 -36.91 3.38 -6.94
N LEU A 319 -35.62 3.24 -6.65
CA LEU A 319 -34.87 4.40 -6.17
C LEU A 319 -34.86 5.58 -7.14
N LYS A 320 -35.00 5.38 -8.44
CA LYS A 320 -35.01 6.50 -9.37
C LYS A 320 -36.43 6.98 -9.61
N ASN A 321 -37.43 6.19 -9.25
CA ASN A 321 -38.82 6.63 -9.45
C ASN A 321 -38.94 8.05 -8.91
N ASN A 322 -39.31 9.00 -9.77
CA ASN A 322 -39.43 10.39 -9.36
C ASN A 322 -40.62 10.61 -8.43
N ARG A 323 -41.76 10.02 -8.77
CA ARG A 323 -42.93 10.09 -7.91
C ARG A 323 -42.69 9.30 -6.63
N GLY A 324 -42.16 9.92 -5.59
CA GLY A 324 -41.90 9.22 -4.34
C GLY A 324 -41.36 10.14 -3.26
N VAL A 325 -41.48 9.72 -2.01
CA VAL A 325 -40.97 10.50 -0.88
C VAL A 325 -39.46 10.65 -1.00
N GLU A 326 -38.98 11.87 -0.79
CA GLU A 326 -37.56 12.22 -0.83
C GLU A 326 -36.67 11.24 -0.12
N GLY A 327 -37.02 10.89 1.12
CA GLY A 327 -36.27 9.99 1.96
C GLY A 327 -36.16 8.56 1.45
N ASN A 328 -37.01 8.14 0.53
CA ASN A 328 -36.98 6.80 -0.03
C ASN A 328 -36.59 6.82 -1.50
N ARG A 329 -35.61 7.64 -1.86
CA ARG A 329 -35.18 7.80 -3.23
C ARG A 329 -33.70 8.16 -3.32
N VAL A 330 -32.96 7.52 -4.21
CA VAL A 330 -31.57 7.89 -4.48
C VAL A 330 -31.48 7.98 -6.01
N ARG A 331 -32.10 9.02 -6.54
CA ARG A 331 -32.31 9.22 -7.95
C ARG A 331 -31.11 9.49 -8.84
N HIS A 332 -29.97 9.92 -8.32
CA HIS A 332 -28.86 10.30 -9.17
C HIS A 332 -27.76 9.26 -9.29
N MET A 333 -28.12 7.98 -9.35
CA MET A 333 -27.17 6.91 -9.56
C MET A 333 -27.91 5.81 -10.34
N ASP A 334 -27.20 5.13 -11.24
CA ASP A 334 -27.84 4.03 -11.94
C ASP A 334 -27.65 2.76 -11.14
N TYR A 335 -28.53 1.77 -11.28
CA TYR A 335 -28.45 0.53 -10.53
C TYR A 335 -28.29 -0.68 -11.44
N GLY A 336 -27.59 -1.70 -10.94
CA GLY A 336 -27.38 -2.93 -11.70
C GLY A 336 -27.93 -4.11 -10.90
N VAL A 337 -29.09 -4.60 -11.31
CA VAL A 337 -29.70 -5.75 -10.63
C VAL A 337 -28.98 -7.02 -11.06
N GLN A 338 -28.51 -7.81 -10.09
CA GLN A 338 -27.81 -9.05 -10.45
C GLN A 338 -28.70 -10.28 -10.34
N ILE A 339 -28.88 -10.95 -11.48
CA ILE A 339 -29.69 -12.16 -11.54
C ILE A 339 -28.82 -13.37 -11.89
N ASN A 340 -29.37 -14.55 -11.65
CA ASN A 340 -28.71 -15.81 -11.99
C ASN A 340 -29.80 -16.75 -12.50
N LYS A 341 -29.41 -17.91 -12.99
CA LYS A 341 -30.33 -18.91 -13.50
C LYS A 341 -31.56 -19.20 -12.64
N LEU A 342 -31.33 -19.48 -11.36
CA LEU A 342 -32.42 -19.82 -10.45
C LEU A 342 -33.52 -18.77 -10.49
N MET A 343 -33.16 -17.49 -10.38
CA MET A 343 -34.18 -16.45 -10.43
C MET A 343 -35.02 -16.55 -11.70
N TYR A 344 -34.41 -16.63 -12.88
CA TYR A 344 -35.17 -16.74 -14.12
C TYR A 344 -36.11 -17.93 -14.15
N THR A 345 -35.65 -19.09 -13.67
CA THR A 345 -36.51 -20.27 -13.64
C THR A 345 -37.73 -19.99 -12.75
N ARG A 346 -37.51 -19.36 -11.60
CA ARG A 346 -38.64 -18.96 -10.77
C ARG A 346 -39.65 -18.20 -11.63
N LEU A 347 -39.22 -17.20 -12.39
CA LEU A 347 -40.09 -16.49 -13.30
C LEU A 347 -40.81 -17.42 -14.28
N LEU A 348 -40.08 -18.24 -15.02
CA LEU A 348 -40.64 -19.15 -16.01
C LEU A 348 -41.65 -20.12 -15.43
N LYS A 349 -41.35 -20.70 -14.29
CA LYS A 349 -42.28 -21.62 -13.61
C LYS A 349 -43.40 -20.90 -12.89
N GLY A 350 -43.44 -19.57 -12.93
CA GLY A 350 -44.45 -18.77 -12.26
C GLY A 350 -44.42 -19.00 -10.76
N GLU A 351 -43.21 -19.16 -10.21
CA GLU A 351 -43.04 -19.45 -8.80
C GLU A 351 -42.65 -18.20 -8.05
N ASP A 352 -42.28 -18.36 -6.79
CA ASP A 352 -41.91 -17.24 -5.94
C ASP A 352 -40.41 -17.05 -5.88
N ILE A 353 -39.98 -15.87 -5.47
CA ILE A 353 -38.56 -15.64 -5.21
C ILE A 353 -38.50 -15.24 -3.73
N THR A 354 -37.60 -15.86 -2.99
CA THR A 354 -37.47 -15.52 -1.57
C THR A 354 -36.44 -14.42 -1.42
N LEU A 355 -36.78 -13.38 -0.66
CA LEU A 355 -35.82 -12.30 -0.42
C LEU A 355 -35.12 -12.54 0.91
N PHE A 356 -33.83 -12.27 0.98
CA PHE A 356 -33.04 -12.50 2.17
C PHE A 356 -31.99 -11.40 2.39
N SER A 357 -31.78 -11.00 3.63
CA SER A 357 -30.65 -10.10 3.89
C SER A 357 -29.44 -11.00 3.78
N PRO A 358 -28.39 -10.56 3.12
CA PRO A 358 -27.15 -11.29 2.97
C PRO A 358 -26.59 -11.66 4.34
N SER A 359 -26.73 -10.80 5.34
CA SER A 359 -26.25 -11.04 6.68
C SER A 359 -26.84 -12.28 7.33
N ASP A 360 -28.02 -12.74 6.97
CA ASP A 360 -28.66 -13.89 7.58
C ASP A 360 -28.58 -15.19 6.79
N VAL A 361 -27.82 -15.30 5.71
CA VAL A 361 -27.80 -16.56 4.96
C VAL A 361 -26.38 -16.97 4.61
N PRO A 362 -25.73 -17.63 5.55
CA PRO A 362 -24.33 -18.02 5.46
C PRO A 362 -24.03 -18.66 4.13
N GLY A 363 -23.01 -18.15 3.44
CA GLY A 363 -22.58 -18.69 2.17
C GLY A 363 -23.40 -18.39 0.94
N LEU A 364 -24.59 -17.79 1.03
CA LEU A 364 -25.43 -17.55 -0.15
C LEU A 364 -24.76 -16.60 -1.13
N TYR A 365 -24.48 -15.39 -0.66
CA TYR A 365 -23.86 -14.34 -1.48
C TYR A 365 -22.68 -14.89 -2.27
N ASP A 366 -21.64 -15.45 -1.65
CA ASP A 366 -20.55 -16.02 -2.42
C ASP A 366 -21.10 -17.03 -3.43
N ALA A 367 -21.80 -18.05 -2.98
CA ALA A 367 -22.37 -19.07 -3.86
C ALA A 367 -22.96 -18.44 -5.12
N PHE A 368 -23.89 -17.52 -4.95
CA PHE A 368 -24.52 -16.77 -6.02
C PHE A 368 -23.58 -16.42 -7.17
N PHE A 369 -22.40 -15.85 -6.91
CA PHE A 369 -21.48 -15.60 -8.01
C PHE A 369 -20.60 -16.78 -8.39
N ALA A 370 -20.05 -17.50 -7.42
CA ALA A 370 -19.05 -18.53 -7.69
C ALA A 370 -19.56 -19.92 -7.94
N ASP A 371 -20.61 -20.36 -7.27
CA ASP A 371 -21.06 -21.75 -7.47
C ASP A 371 -22.58 -21.83 -7.56
N GLN A 372 -23.09 -22.13 -8.75
CA GLN A 372 -24.55 -22.13 -8.90
C GLN A 372 -25.20 -23.32 -8.20
N GLU A 373 -24.57 -24.49 -8.24
CA GLU A 373 -25.11 -25.66 -7.57
C GLU A 373 -25.22 -25.38 -6.07
N GLU A 374 -24.09 -24.92 -5.51
CA GLU A 374 -24.05 -24.59 -4.09
C GLU A 374 -25.06 -23.49 -3.76
N PHE A 375 -25.21 -22.50 -4.64
CA PHE A 375 -26.19 -21.45 -4.43
C PHE A 375 -27.57 -22.09 -4.33
N GLU A 376 -27.93 -22.89 -5.33
CA GLU A 376 -29.23 -23.55 -5.33
C GLU A 376 -29.44 -24.36 -4.04
N ARG A 377 -28.44 -25.12 -3.61
CA ARG A 377 -28.55 -25.90 -2.39
C ARG A 377 -28.88 -24.98 -1.22
N LEU A 378 -27.97 -24.06 -0.93
CA LEU A 378 -28.17 -23.08 0.14
C LEU A 378 -29.50 -22.33 0.03
N TYR A 379 -29.83 -21.84 -1.16
CA TYR A 379 -31.07 -21.11 -1.37
C TYR A 379 -32.29 -21.90 -0.91
N THR A 380 -32.44 -23.15 -1.36
CA THR A 380 -33.60 -23.95 -0.94
C THR A 380 -33.55 -24.23 0.54
N LYS A 381 -32.37 -24.61 1.04
CA LYS A 381 -32.19 -24.88 2.47
C LYS A 381 -32.77 -23.73 3.27
N TYR A 382 -32.26 -22.52 3.09
CA TYR A 382 -32.74 -21.35 3.79
C TYR A 382 -34.19 -20.98 3.51
N GLU A 383 -34.73 -21.33 2.34
CA GLU A 383 -36.16 -21.10 2.08
C GLU A 383 -36.97 -21.88 3.13
N LYS A 384 -36.64 -23.15 3.34
CA LYS A 384 -37.28 -23.98 4.34
C LYS A 384 -37.05 -23.48 5.76
N ASP A 385 -35.79 -23.33 6.15
CA ASP A 385 -35.42 -22.91 7.50
C ASP A 385 -36.19 -21.67 7.95
N ASP A 386 -37.13 -21.87 8.87
CA ASP A 386 -37.98 -20.84 9.42
C ASP A 386 -37.31 -19.88 10.40
N SER A 387 -36.09 -20.17 10.83
CA SER A 387 -35.36 -19.29 11.72
C SER A 387 -34.85 -18.06 10.96
N ILE A 388 -34.58 -18.23 9.67
CA ILE A 388 -34.08 -17.19 8.82
C ILE A 388 -35.12 -16.16 8.39
N ARG A 389 -34.87 -14.90 8.70
CA ARG A 389 -35.76 -13.84 8.25
C ARG A 389 -35.86 -13.93 6.72
N LYS A 390 -37.06 -13.69 6.19
CA LYS A 390 -37.21 -13.75 4.74
C LYS A 390 -38.51 -13.13 4.27
N GLN A 391 -38.67 -13.01 2.96
CA GLN A 391 -39.87 -12.46 2.36
C GLN A 391 -40.11 -13.20 1.04
N ARG A 392 -41.37 -13.47 0.73
CA ARG A 392 -41.71 -14.10 -0.54
C ARG A 392 -42.27 -13.02 -1.47
N VAL A 393 -41.95 -13.08 -2.75
CA VAL A 393 -42.52 -12.16 -3.72
C VAL A 393 -42.72 -13.01 -4.98
N LYS A 394 -43.75 -12.71 -5.74
CA LYS A 394 -44.01 -13.48 -6.96
C LYS A 394 -42.99 -13.10 -8.02
N ALA A 395 -42.24 -14.07 -8.53
CA ALA A 395 -41.23 -13.80 -9.55
C ALA A 395 -41.72 -12.86 -10.65
N VAL A 396 -42.89 -13.09 -11.21
CA VAL A 396 -43.47 -12.19 -12.20
C VAL A 396 -43.56 -10.76 -11.68
N GLU A 397 -43.99 -10.62 -10.43
CA GLU A 397 -44.13 -9.30 -9.83
C GLU A 397 -42.75 -8.63 -9.81
N LEU A 398 -41.80 -9.31 -9.16
CA LEU A 398 -40.45 -8.77 -9.03
C LEU A 398 -39.86 -8.43 -10.39
N PHE A 399 -39.81 -9.41 -11.28
CA PHE A 399 -39.28 -9.15 -12.61
C PHE A 399 -40.00 -8.00 -13.29
N SER A 400 -41.33 -7.98 -13.25
CA SER A 400 -42.08 -6.90 -13.87
C SER A 400 -41.74 -5.56 -13.23
N LEU A 401 -41.60 -5.54 -11.91
CA LEU A 401 -41.25 -4.30 -11.25
C LEU A 401 -39.93 -3.75 -11.79
N MET A 402 -38.93 -4.62 -11.80
CA MET A 402 -37.61 -4.24 -12.29
C MET A 402 -37.66 -3.74 -13.74
N MET A 403 -38.32 -4.49 -14.62
CA MET A 403 -38.36 -4.12 -16.03
C MET A 403 -39.11 -2.82 -16.24
N GLN A 404 -40.12 -2.57 -15.41
CA GLN A 404 -40.89 -1.35 -15.46
C GLN A 404 -39.96 -0.15 -15.23
N GLU A 405 -39.27 -0.20 -14.10
CA GLU A 405 -38.31 0.82 -13.73
C GLU A 405 -37.16 0.91 -14.74
N ARG A 406 -36.78 -0.22 -15.34
CA ARG A 406 -35.76 -0.18 -16.37
C ARG A 406 -36.35 0.53 -17.59
N ALA A 407 -37.61 0.22 -17.89
CA ALA A 407 -38.27 0.82 -19.05
C ALA A 407 -38.48 2.32 -18.87
N SER A 408 -38.92 2.77 -17.71
CA SER A 408 -39.16 4.18 -17.47
C SER A 408 -37.87 5.00 -17.40
N THR A 409 -36.91 4.58 -16.60
CA THR A 409 -35.70 5.38 -16.46
C THR A 409 -34.66 5.05 -17.52
N GLY A 410 -34.66 3.80 -17.98
CA GLY A 410 -33.67 3.36 -18.95
C GLY A 410 -32.38 2.90 -18.28
N ARG A 411 -32.24 3.11 -16.98
CA ARG A 411 -31.01 2.98 -16.24
C ARG A 411 -31.06 1.95 -15.13
N ILE A 412 -31.91 0.94 -15.26
CA ILE A 412 -31.87 -0.15 -14.28
C ILE A 412 -31.28 -1.30 -15.11
N TYR A 413 -30.00 -1.54 -14.89
CA TYR A 413 -29.27 -2.55 -15.65
C TYR A 413 -29.32 -3.93 -15.01
N ILE A 414 -29.06 -4.93 -15.85
CA ILE A 414 -29.05 -6.32 -15.39
C ILE A 414 -27.65 -6.89 -15.46
N GLN A 415 -27.26 -7.69 -14.48
CA GLN A 415 -25.99 -8.41 -14.59
C GLN A 415 -26.23 -9.90 -14.32
N ASN A 416 -25.98 -10.72 -15.33
CA ASN A 416 -26.13 -12.16 -15.23
C ASN A 416 -24.87 -12.73 -14.59
N VAL A 417 -24.88 -12.87 -13.26
CA VAL A 417 -23.67 -13.16 -12.51
C VAL A 417 -23.19 -14.58 -12.77
N ASP A 418 -24.12 -15.48 -13.08
CA ASP A 418 -23.68 -16.85 -13.36
C ASP A 418 -22.85 -16.79 -14.63
N HIS A 419 -23.40 -16.21 -15.69
CA HIS A 419 -22.66 -16.03 -16.94
C HIS A 419 -21.34 -15.30 -16.70
N CYS A 420 -21.32 -14.30 -15.83
CA CYS A 420 -20.09 -13.59 -15.50
C CYS A 420 -19.02 -14.43 -14.83
N ASN A 421 -19.37 -15.55 -14.20
CA ASN A 421 -18.36 -16.37 -13.56
C ASN A 421 -18.15 -17.70 -14.24
N THR A 422 -19.14 -18.28 -14.90
CA THR A 422 -18.92 -19.55 -15.59
C THR A 422 -18.17 -19.37 -16.91
N HIS A 423 -18.27 -18.17 -17.48
CA HIS A 423 -17.61 -17.87 -18.74
C HIS A 423 -16.73 -16.63 -18.60
N SER A 424 -15.70 -16.74 -17.75
CA SER A 424 -14.76 -15.67 -17.50
C SER A 424 -13.36 -16.23 -17.41
N PRO A 425 -12.38 -15.34 -17.45
CA PRO A 425 -10.97 -15.65 -17.39
C PRO A 425 -10.55 -16.03 -15.98
N PHE A 426 -11.38 -15.75 -14.99
CA PHE A 426 -11.01 -16.01 -13.61
C PHE A 426 -11.60 -17.27 -13.01
N ASP A 427 -11.00 -17.68 -11.91
CA ASP A 427 -11.47 -18.81 -11.12
C ASP A 427 -12.43 -18.26 -10.08
N PRO A 428 -13.69 -18.60 -10.22
CA PRO A 428 -14.77 -18.18 -9.35
C PRO A 428 -14.47 -18.43 -7.88
N ALA A 429 -13.89 -19.57 -7.57
CA ALA A 429 -13.51 -19.89 -6.21
C ALA A 429 -12.45 -18.95 -5.68
N ILE A 430 -11.50 -18.52 -6.50
CA ILE A 430 -10.42 -17.66 -6.02
C ILE A 430 -10.67 -16.17 -6.20
N ALA A 431 -11.20 -15.83 -7.37
CA ALA A 431 -11.39 -14.42 -7.73
C ALA A 431 -12.58 -14.25 -8.65
N PRO A 432 -13.76 -14.28 -8.08
CA PRO A 432 -15.03 -14.21 -8.77
C PRO A 432 -15.31 -12.81 -9.29
N VAL A 433 -16.27 -12.69 -10.19
CA VAL A 433 -16.66 -11.37 -10.69
C VAL A 433 -18.06 -11.07 -10.16
N ARG A 434 -18.15 -10.09 -9.25
CA ARG A 434 -19.40 -9.85 -8.54
C ARG A 434 -19.94 -8.44 -8.76
N GLN A 435 -19.64 -7.88 -9.92
CA GLN A 435 -20.10 -6.52 -10.21
C GLN A 435 -19.57 -6.10 -11.57
N SER A 436 -19.99 -4.93 -12.05
CA SER A 436 -19.43 -4.40 -13.29
C SER A 436 -19.07 -2.94 -13.03
N ASN A 437 -18.92 -2.14 -14.07
CA ASN A 437 -18.58 -0.73 -13.88
C ASN A 437 -19.77 0.15 -14.27
N LEU A 438 -19.54 1.44 -14.39
CA LEU A 438 -20.56 2.40 -14.76
C LEU A 438 -21.30 1.93 -16.00
N CYS A 439 -20.58 1.68 -17.10
CA CYS A 439 -21.19 1.36 -18.38
C CYS A 439 -21.38 -0.13 -18.65
N LEU A 440 -21.33 -0.95 -17.61
CA LEU A 440 -21.57 -2.37 -17.69
C LEU A 440 -20.76 -3.19 -18.66
N GLU A 441 -19.51 -2.83 -18.94
CA GLU A 441 -18.68 -3.66 -19.82
C GLU A 441 -17.50 -4.27 -19.08
N ILE A 442 -17.07 -3.69 -17.97
CA ILE A 442 -15.96 -4.29 -17.21
C ILE A 442 -16.42 -5.41 -16.30
N ALA A 443 -15.60 -6.45 -16.21
CA ALA A 443 -15.92 -7.58 -15.31
C ALA A 443 -14.63 -8.13 -14.70
N LEU A 444 -14.33 -7.71 -13.48
CA LEU A 444 -13.08 -8.02 -12.80
C LEU A 444 -13.30 -8.25 -11.31
N PRO A 445 -12.35 -8.95 -10.71
CA PRO A 445 -12.36 -9.29 -9.30
C PRO A 445 -12.16 -8.03 -8.47
N THR A 446 -12.74 -8.03 -7.27
CA THR A 446 -12.68 -6.91 -6.34
C THR A 446 -12.72 -7.45 -4.92
N LYS A 447 -12.08 -6.76 -3.99
CA LYS A 447 -12.13 -7.15 -2.57
C LYS A 447 -12.41 -5.89 -1.78
N PRO A 448 -13.29 -5.93 -0.81
CA PRO A 448 -13.68 -4.80 0.01
C PRO A 448 -12.53 -4.22 0.81
N LEU A 449 -12.54 -2.92 1.02
CA LEU A 449 -11.51 -2.29 1.84
C LEU A 449 -12.01 -2.25 3.28
N ASN A 450 -11.12 -2.20 4.24
CA ASN A 450 -11.53 -1.98 5.63
C ASN A 450 -11.01 -0.63 6.10
N ASP A 451 -10.46 0.11 5.16
CA ASP A 451 -9.89 1.44 5.38
C ASP A 451 -9.46 1.99 4.03
N VAL A 452 -9.35 3.30 3.82
CA VAL A 452 -8.93 3.76 2.50
C VAL A 452 -7.62 3.09 2.07
N ASN A 453 -6.58 3.06 2.89
CA ASN A 453 -5.31 2.50 2.46
C ASN A 453 -5.13 1.03 2.78
N ASP A 454 -6.20 0.31 3.06
CA ASP A 454 -6.13 -1.13 3.33
C ASP A 454 -5.41 -1.79 2.17
N GLU A 455 -4.31 -2.50 2.45
CA GLU A 455 -3.51 -3.16 1.43
C GLU A 455 -4.06 -4.51 1.01
N ASN A 456 -5.06 -5.04 1.71
CA ASN A 456 -5.66 -6.32 1.37
C ASN A 456 -6.95 -6.15 0.59
N GLY A 457 -7.27 -4.90 0.31
CA GLY A 457 -8.46 -4.58 -0.48
C GLY A 457 -8.07 -4.69 -1.95
N GLU A 458 -9.07 -4.74 -2.82
CA GLU A 458 -8.80 -4.73 -4.24
C GLU A 458 -9.82 -3.92 -5.01
N ILE A 459 -9.34 -2.94 -5.76
CA ILE A 459 -10.19 -2.12 -6.61
C ILE A 459 -9.89 -2.38 -8.09
N ALA A 460 -10.92 -2.64 -8.89
CA ALA A 460 -10.71 -2.86 -10.31
C ALA A 460 -10.69 -1.53 -11.06
N LEU A 461 -9.97 -1.44 -12.16
CA LEU A 461 -9.88 -0.22 -12.94
C LEU A 461 -10.23 -0.51 -14.40
N CYS A 462 -10.41 0.50 -15.23
CA CYS A 462 -10.67 0.25 -16.64
C CYS A 462 -9.45 0.77 -17.41
N THR A 463 -8.69 -0.16 -17.98
CA THR A 463 -7.54 0.25 -18.78
C THR A 463 -7.96 -0.11 -20.21
N LEU A 464 -8.50 0.89 -20.91
CA LEU A 464 -9.10 0.63 -22.22
C LEU A 464 -8.40 1.17 -23.46
N SER A 465 -8.93 0.68 -24.58
CA SER A 465 -8.47 0.98 -25.92
C SER A 465 -9.42 0.33 -26.93
N ALA A 466 -9.17 0.53 -28.22
CA ALA A 466 -10.05 -0.11 -29.19
C ALA A 466 -9.55 -0.16 -30.62
N PHE A 467 -9.91 -1.25 -31.29
CA PHE A 467 -9.58 -1.41 -32.70
C PHE A 467 -10.69 -0.75 -33.52
N ASN A 468 -10.31 -0.04 -34.57
CA ASN A 468 -11.26 0.51 -35.52
C ASN A 468 -11.52 -0.49 -36.62
N LEU A 469 -12.64 -1.20 -36.64
CA LEU A 469 -12.92 -2.19 -37.68
C LEU A 469 -13.13 -1.55 -39.03
N GLY A 470 -13.28 -0.23 -39.10
CA GLY A 470 -13.46 0.46 -40.37
C GLY A 470 -12.12 0.79 -41.01
N ALA A 471 -11.04 0.69 -40.26
CA ALA A 471 -9.73 1.07 -40.74
C ALA A 471 -8.77 -0.07 -41.04
N ILE A 472 -9.15 -1.31 -40.86
CA ILE A 472 -8.23 -2.43 -41.19
C ILE A 472 -8.71 -3.00 -42.51
N ASN A 473 -7.88 -3.64 -43.31
CA ASN A 473 -8.37 -4.20 -44.57
C ASN A 473 -8.69 -5.67 -44.41
N ASN A 474 -7.86 -6.35 -43.61
CA ASN A 474 -8.18 -7.75 -43.31
C ASN A 474 -7.97 -7.92 -41.81
N LEU A 475 -8.48 -9.01 -41.29
CA LEU A 475 -8.39 -9.33 -39.87
C LEU A 475 -7.00 -9.71 -39.41
N ASP A 476 -6.11 -10.02 -40.35
CA ASP A 476 -4.74 -10.36 -40.00
C ASP A 476 -3.92 -9.13 -39.66
N GLU A 477 -4.47 -7.94 -39.89
CA GLU A 477 -3.84 -6.69 -39.51
C GLU A 477 -3.96 -6.53 -37.99
N LEU A 478 -4.87 -7.26 -37.37
CA LEU A 478 -5.06 -7.22 -35.93
C LEU A 478 -3.91 -7.83 -35.14
N GLU A 479 -3.10 -8.70 -35.74
CA GLU A 479 -1.91 -9.24 -35.09
C GLU A 479 -0.94 -8.12 -34.73
N GLU A 480 -0.61 -7.20 -35.64
CA GLU A 480 0.31 -6.14 -35.27
C GLU A 480 -0.44 -5.13 -34.40
N LEU A 481 -1.68 -4.84 -34.77
CA LEU A 481 -2.50 -3.91 -34.00
C LEU A 481 -2.67 -4.38 -32.56
N ALA A 482 -2.88 -5.68 -32.33
CA ALA A 482 -3.02 -6.21 -30.98
C ALA A 482 -1.70 -6.12 -30.22
N ILE A 483 -0.58 -6.44 -30.86
CA ILE A 483 0.73 -6.18 -30.27
C ILE A 483 0.83 -4.75 -29.74
N LEU A 484 0.64 -3.78 -30.63
CA LEU A 484 0.75 -2.39 -30.20
C LEU A 484 -0.23 -2.03 -29.10
N ALA A 485 -1.51 -2.40 -29.25
CA ALA A 485 -2.50 -2.02 -28.24
C ALA A 485 -2.18 -2.64 -26.87
N VAL A 486 -1.88 -3.93 -26.83
CA VAL A 486 -1.54 -4.58 -25.57
C VAL A 486 -0.26 -4.00 -24.98
N ARG A 487 0.79 -3.81 -25.80
CA ARG A 487 2.04 -3.29 -25.30
C ARG A 487 1.93 -1.89 -24.75
N ALA A 488 1.14 -1.00 -25.34
CA ALA A 488 1.02 0.36 -24.82
C ALA A 488 0.26 0.48 -23.49
N LEU A 489 -0.84 -0.26 -23.35
CA LEU A 489 -1.64 -0.19 -22.13
C LEU A 489 -0.87 -0.84 -20.98
N ASP A 490 -0.24 -1.99 -21.26
CA ASP A 490 0.61 -2.63 -20.25
C ASP A 490 1.66 -1.64 -19.78
N ALA A 491 2.24 -0.86 -20.67
CA ALA A 491 3.20 0.15 -20.25
C ALA A 491 2.52 1.17 -19.36
N LEU A 492 1.35 1.62 -19.80
CA LEU A 492 0.53 2.59 -19.08
C LEU A 492 0.36 2.13 -17.65
N LEU A 493 -0.06 0.89 -17.42
CA LEU A 493 -0.18 0.39 -16.05
C LEU A 493 1.01 0.76 -15.16
N ASP A 494 2.25 0.61 -15.63
CA ASP A 494 3.39 1.01 -14.82
C ASP A 494 3.60 2.52 -14.87
N TYR A 495 3.18 3.14 -15.96
CA TYR A 495 3.35 4.57 -16.14
C TYR A 495 2.60 5.42 -15.12
N GLN A 496 1.33 5.14 -14.91
CA GLN A 496 0.44 5.94 -14.10
C GLN A 496 0.49 5.75 -12.59
N ASP A 497 -0.14 6.69 -11.91
CA ASP A 497 -0.20 6.67 -10.45
C ASP A 497 -1.49 6.09 -9.90
N TYR A 498 -1.41 5.50 -8.71
CA TYR A 498 -2.55 4.92 -8.01
C TYR A 498 -2.76 5.66 -6.70
N PRO A 499 -3.88 6.37 -6.60
CA PRO A 499 -4.30 7.12 -5.44
C PRO A 499 -4.67 6.24 -4.25
N ILE A 500 -5.12 5.02 -4.47
CA ILE A 500 -5.47 4.11 -3.38
C ILE A 500 -4.73 2.79 -3.55
N PRO A 501 -4.02 2.36 -2.52
CA PRO A 501 -3.31 1.09 -2.47
C PRO A 501 -4.05 -0.03 -3.16
N ALA A 502 -5.29 -0.32 -2.78
CA ALA A 502 -6.11 -1.36 -3.39
C ALA A 502 -6.20 -1.27 -4.90
N ALA A 503 -6.24 -0.06 -5.47
CA ALA A 503 -6.29 0.10 -6.91
C ALA A 503 -4.95 -0.31 -7.52
N LYS A 504 -3.80 0.10 -6.98
CA LYS A 504 -2.53 -0.44 -7.45
C LYS A 504 -2.52 -1.97 -7.32
N ARG A 505 -2.84 -2.50 -6.15
CA ARG A 505 -2.87 -3.94 -5.94
C ARG A 505 -3.46 -4.73 -7.10
N GLY A 506 -4.67 -4.42 -7.53
CA GLY A 506 -5.31 -5.16 -8.62
C GLY A 506 -4.61 -4.85 -9.94
N ALA A 507 -4.19 -3.60 -10.14
CA ALA A 507 -3.54 -3.24 -11.40
C ALA A 507 -2.28 -4.09 -11.60
N MET A 508 -1.38 -4.05 -10.63
CA MET A 508 -0.15 -4.83 -10.70
C MET A 508 -0.44 -6.33 -10.56
N GLY A 509 -1.35 -6.71 -9.68
CA GLY A 509 -1.69 -8.11 -9.48
C GLY A 509 -2.02 -8.79 -10.80
N ARG A 510 -3.06 -8.29 -11.47
CA ARG A 510 -3.66 -8.92 -12.63
C ARG A 510 -3.41 -8.21 -13.94
N ARG A 511 -2.89 -7.00 -13.93
CA ARG A 511 -2.63 -6.26 -15.17
C ARG A 511 -3.75 -6.36 -16.19
N THR A 512 -5.00 -6.18 -15.79
CA THR A 512 -6.16 -6.39 -16.63
C THR A 512 -6.41 -5.27 -17.63
N LEU A 513 -6.57 -5.62 -18.89
CA LEU A 513 -6.86 -4.63 -19.92
C LEU A 513 -8.26 -4.90 -20.49
N GLY A 514 -8.81 -3.90 -21.19
CA GLY A 514 -10.14 -4.03 -21.78
C GLY A 514 -10.12 -3.33 -23.15
N ILE A 515 -9.82 -4.11 -24.17
CA ILE A 515 -9.72 -3.57 -25.51
C ILE A 515 -10.94 -4.01 -26.30
N GLY A 516 -11.61 -3.08 -26.99
CA GLY A 516 -12.79 -3.47 -27.77
C GLY A 516 -12.74 -2.84 -29.16
N VAL A 517 -13.88 -2.76 -29.83
CA VAL A 517 -13.93 -2.21 -31.17
C VAL A 517 -14.78 -0.94 -31.19
N ILE A 518 -14.66 -0.17 -32.25
CA ILE A 518 -15.53 0.96 -32.56
C ILE A 518 -15.79 0.77 -34.06
N ASN A 519 -16.81 1.35 -34.64
CA ASN A 519 -17.03 1.23 -36.08
C ASN A 519 -17.63 -0.09 -36.50
N PHE A 520 -18.19 -0.86 -35.57
CA PHE A 520 -18.80 -2.14 -35.94
C PHE A 520 -19.83 -1.95 -37.05
N ALA A 521 -20.79 -1.06 -36.86
CA ALA A 521 -21.83 -0.77 -37.83
C ALA A 521 -21.32 -0.56 -39.25
N TYR A 522 -20.35 0.34 -39.39
CA TYR A 522 -19.77 0.66 -40.70
C TYR A 522 -19.15 -0.58 -41.33
N TYR A 523 -18.42 -1.32 -40.50
CA TYR A 523 -17.79 -2.58 -40.93
C TYR A 523 -18.85 -3.51 -41.51
N LEU A 524 -19.93 -3.77 -40.77
CA LEU A 524 -21.00 -4.61 -41.31
C LEU A 524 -21.56 -4.04 -42.61
N ALA A 525 -21.76 -2.72 -42.69
CA ALA A 525 -22.28 -2.12 -43.92
C ALA A 525 -21.33 -2.44 -45.06
N LYS A 526 -20.03 -2.22 -44.83
CA LYS A 526 -18.99 -2.57 -45.79
C LYS A 526 -19.11 -4.01 -46.28
N HIS A 527 -19.53 -4.96 -45.44
CA HIS A 527 -19.65 -6.34 -45.87
C HIS A 527 -21.09 -6.73 -46.19
N GLY A 528 -21.94 -5.72 -46.33
CA GLY A 528 -23.34 -5.97 -46.65
C GLY A 528 -24.07 -6.90 -45.69
N LYS A 529 -23.86 -6.73 -44.39
CA LYS A 529 -24.65 -7.47 -43.42
C LYS A 529 -25.56 -6.48 -42.70
N ARG A 530 -26.50 -6.96 -41.91
CA ARG A 530 -27.37 -6.05 -41.16
C ARG A 530 -27.31 -6.57 -39.72
N TYR A 531 -27.96 -5.90 -38.79
CA TYR A 531 -27.97 -6.42 -37.43
C TYR A 531 -29.16 -7.34 -37.17
N SER A 532 -30.33 -6.94 -37.67
CA SER A 532 -31.58 -7.61 -37.34
C SER A 532 -31.92 -8.94 -37.95
N ASP A 533 -31.37 -9.33 -39.09
CA ASP A 533 -31.80 -10.59 -39.70
C ASP A 533 -30.92 -11.80 -39.45
N GLY A 534 -29.80 -11.63 -38.75
CA GLY A 534 -28.88 -12.74 -38.50
C GLY A 534 -27.84 -12.83 -39.62
N SER A 535 -27.92 -11.94 -40.60
CA SER A 535 -26.97 -11.92 -41.69
C SER A 535 -25.53 -11.70 -41.21
N ALA A 536 -25.30 -11.07 -40.07
CA ALA A 536 -23.95 -10.80 -39.60
C ALA A 536 -23.41 -11.81 -38.59
N ASN A 537 -24.17 -12.80 -38.16
CA ASN A 537 -23.70 -13.77 -37.18
C ASN A 537 -22.33 -14.33 -37.49
N ASN A 538 -22.18 -15.10 -38.57
CA ASN A 538 -20.90 -15.75 -38.87
C ASN A 538 -19.78 -14.73 -39.04
N LEU A 539 -20.03 -13.61 -39.72
CA LEU A 539 -18.99 -12.58 -39.88
C LEU A 539 -18.57 -12.05 -38.51
N THR A 540 -19.58 -11.77 -37.68
CA THR A 540 -19.29 -11.38 -36.31
C THR A 540 -18.43 -12.43 -35.62
N HIS A 541 -18.81 -13.70 -35.67
CA HIS A 541 -18.05 -14.79 -35.06
C HIS A 541 -16.63 -14.83 -35.59
N LYS A 542 -16.49 -14.69 -36.92
CA LYS A 542 -15.18 -14.63 -37.54
C LYS A 542 -14.37 -13.47 -36.98
N THR A 543 -14.94 -12.27 -37.00
CA THR A 543 -14.24 -11.07 -36.55
C THR A 543 -13.83 -11.04 -35.09
N PHE A 544 -14.71 -11.47 -34.19
CA PHE A 544 -14.38 -11.45 -32.76
C PHE A 544 -13.40 -12.55 -32.41
N GLU A 545 -13.43 -13.68 -33.12
CA GLU A 545 -12.40 -14.70 -32.95
C GLU A 545 -11.02 -14.12 -33.30
N ALA A 546 -10.87 -13.49 -34.46
CA ALA A 546 -9.60 -12.83 -34.76
C ALA A 546 -9.19 -11.91 -33.62
N ILE A 547 -10.04 -10.95 -33.25
CA ILE A 547 -9.70 -10.01 -32.18
C ILE A 547 -9.18 -10.72 -30.93
N GLN A 548 -9.95 -11.65 -30.39
CA GLN A 548 -9.49 -12.33 -29.17
C GLN A 548 -8.20 -13.12 -29.35
N TYR A 549 -8.12 -13.88 -30.45
CA TYR A 549 -6.95 -14.68 -30.74
C TYR A 549 -5.68 -13.83 -30.74
N TYR A 550 -5.65 -12.80 -31.57
CA TYR A 550 -4.50 -11.90 -31.61
C TYR A 550 -4.21 -11.16 -30.33
N LEU A 551 -5.20 -10.75 -29.53
CA LEU A 551 -4.93 -10.13 -28.23
C LEU A 551 -4.28 -11.11 -27.26
N LEU A 552 -4.81 -12.33 -27.18
CA LEU A 552 -4.21 -13.37 -26.35
C LEU A 552 -2.80 -13.68 -26.82
N LYS A 553 -2.61 -13.79 -28.13
CA LYS A 553 -1.25 -13.96 -28.66
C LYS A 553 -0.38 -12.82 -28.16
N ALA A 554 -0.66 -11.56 -28.50
CA ALA A 554 0.15 -10.44 -28.03
C ALA A 554 0.49 -10.49 -26.55
N SER A 555 -0.52 -10.78 -25.71
CA SER A 555 -0.27 -10.87 -24.27
C SER A 555 0.71 -12.02 -24.01
N ASN A 556 0.41 -13.19 -24.58
CA ASN A 556 1.29 -14.34 -24.40
C ASN A 556 2.72 -14.04 -24.87
N GLU A 557 2.85 -13.44 -26.05
CA GLU A 557 4.15 -12.98 -26.52
C GLU A 557 4.79 -12.08 -25.48
N LEU A 558 4.06 -11.15 -24.88
CA LEU A 558 4.57 -10.23 -23.89
C LEU A 558 5.00 -10.90 -22.60
N ALA A 559 4.34 -11.99 -22.22
CA ALA A 559 4.68 -12.70 -20.99
C ALA A 559 6.06 -13.34 -21.15
N LYS A 560 6.28 -13.93 -22.33
CA LYS A 560 7.58 -14.46 -22.67
C LYS A 560 8.61 -13.37 -22.45
N GLU A 561 8.44 -12.24 -23.11
CA GLU A 561 9.38 -11.14 -22.94
C GLU A 561 9.50 -10.73 -21.49
N GLN A 562 8.41 -10.34 -20.83
CA GLN A 562 8.52 -9.68 -19.53
C GLN A 562 7.90 -10.40 -18.35
N GLY A 563 7.34 -11.58 -18.54
CA GLY A 563 6.74 -12.32 -17.45
C GLY A 563 5.24 -12.08 -17.29
N ALA A 564 4.53 -13.16 -16.97
CA ALA A 564 3.10 -13.09 -16.75
C ALA A 564 2.80 -12.26 -15.50
N CYS A 565 1.54 -11.81 -15.41
CA CYS A 565 1.19 -11.00 -14.23
C CYS A 565 1.30 -11.84 -12.98
N PRO A 566 1.69 -11.22 -11.90
CA PRO A 566 1.84 -11.82 -10.60
C PRO A 566 0.71 -12.80 -10.29
N TRP A 567 -0.54 -12.33 -10.33
CA TRP A 567 -1.67 -13.19 -10.01
C TRP A 567 -2.17 -14.00 -11.19
N PHE A 568 -1.37 -14.28 -12.22
CA PHE A 568 -1.81 -15.10 -13.34
C PHE A 568 -2.42 -16.44 -12.95
N ASN A 569 -1.96 -17.13 -11.93
CA ASN A 569 -2.51 -18.36 -11.44
C ASN A 569 -3.96 -18.33 -10.97
N GLU A 570 -4.61 -17.18 -10.80
CA GLU A 570 -6.02 -17.20 -10.39
C GLU A 570 -6.91 -17.14 -11.63
N THR A 571 -6.30 -17.03 -12.80
CA THR A 571 -7.04 -17.07 -14.05
C THR A 571 -7.31 -18.50 -14.47
N THR A 572 -8.39 -18.74 -15.21
CA THR A 572 -8.67 -20.03 -15.81
C THR A 572 -7.71 -20.24 -16.98
N TYR A 573 -7.15 -19.15 -17.48
CA TYR A 573 -6.17 -19.15 -18.56
C TYR A 573 -4.97 -19.98 -18.11
N ALA A 574 -4.54 -19.75 -16.86
CA ALA A 574 -3.48 -20.50 -16.22
C ALA A 574 -3.75 -21.99 -16.13
N LYS A 575 -5.01 -22.42 -16.06
CA LYS A 575 -5.36 -23.82 -16.03
C LYS A 575 -5.60 -24.41 -17.41
N GLY A 576 -5.19 -23.77 -18.48
CA GLY A 576 -5.39 -24.26 -19.83
C GLY A 576 -6.82 -24.13 -20.34
N ILE A 577 -7.62 -23.27 -19.71
CA ILE A 577 -9.00 -23.04 -20.12
C ILE A 577 -9.08 -21.84 -21.06
N LEU A 578 -9.90 -21.92 -22.10
CA LEU A 578 -10.04 -20.82 -23.05
C LEU A 578 -11.49 -20.41 -23.26
N PRO A 579 -11.67 -19.17 -23.71
CA PRO A 579 -12.96 -18.58 -24.01
C PRO A 579 -13.79 -19.54 -24.84
N ILE A 580 -13.18 -20.15 -25.87
CA ILE A 580 -13.84 -21.13 -26.70
C ILE A 580 -14.24 -22.41 -26.00
N ASP A 581 -13.85 -22.66 -24.76
CA ASP A 581 -14.26 -23.84 -24.03
C ASP A 581 -15.44 -23.55 -23.10
N THR A 582 -15.62 -22.33 -22.60
CA THR A 582 -16.73 -22.12 -21.66
C THR A 582 -17.83 -21.21 -22.15
N TYR A 583 -17.92 -20.84 -23.41
CA TYR A 583 -18.98 -19.93 -23.86
C TYR A 583 -20.35 -20.59 -23.71
N LYS A 584 -21.42 -19.84 -23.88
CA LYS A 584 -22.78 -20.40 -23.75
C LYS A 584 -23.13 -21.24 -24.98
N LYS A 585 -23.30 -22.54 -24.78
CA LYS A 585 -23.59 -23.52 -25.81
C LYS A 585 -24.68 -23.18 -26.81
N ASP A 586 -25.77 -22.54 -26.40
CA ASP A 586 -26.82 -22.13 -27.33
C ASP A 586 -26.26 -21.42 -28.54
N LEU A 587 -25.16 -20.69 -28.42
CA LEU A 587 -24.46 -20.04 -29.50
C LEU A 587 -24.23 -20.93 -30.71
N ASP A 588 -24.00 -22.22 -30.51
CA ASP A 588 -23.79 -23.19 -31.56
C ASP A 588 -24.93 -23.21 -32.55
N THR A 589 -26.17 -23.07 -32.09
CA THR A 589 -27.35 -23.05 -32.91
C THR A 589 -27.61 -21.76 -33.66
N ILE A 590 -26.83 -20.70 -33.51
CA ILE A 590 -27.08 -19.47 -34.25
C ILE A 590 -25.92 -19.05 -35.14
N ALA A 591 -24.81 -19.76 -35.18
CA ALA A 591 -23.68 -19.41 -36.04
C ALA A 591 -22.87 -20.68 -36.28
N ASN A 592 -22.37 -20.89 -37.50
CA ASN A 592 -21.60 -22.11 -37.74
C ASN A 592 -20.16 -21.82 -38.14
N GLU A 593 -19.80 -20.56 -38.33
CA GLU A 593 -18.43 -20.22 -38.71
C GLU A 593 -17.42 -20.95 -37.83
N PRO A 594 -16.49 -21.64 -38.47
CA PRO A 594 -15.45 -22.43 -37.84
C PRO A 594 -14.26 -21.62 -37.39
N LEU A 595 -13.64 -21.97 -36.27
CA LEU A 595 -12.50 -21.19 -35.79
C LEU A 595 -11.38 -21.22 -36.82
N HIS A 596 -10.89 -20.05 -37.21
CA HIS A 596 -9.83 -20.03 -38.20
C HIS A 596 -8.44 -20.06 -37.60
N TYR A 597 -8.32 -19.91 -36.29
CA TYR A 597 -6.99 -19.78 -35.71
C TYR A 597 -6.55 -20.99 -34.93
N ASP A 598 -5.23 -21.14 -34.70
CA ASP A 598 -4.75 -22.30 -33.95
C ASP A 598 -4.88 -22.02 -32.45
N TRP A 599 -6.05 -22.38 -31.94
CA TRP A 599 -6.34 -22.16 -30.52
C TRP A 599 -5.56 -23.14 -29.65
N GLU A 600 -5.44 -24.39 -30.07
CA GLU A 600 -4.70 -25.37 -29.28
C GLU A 600 -3.22 -25.06 -29.19
N ALA A 601 -2.60 -24.54 -30.26
CA ALA A 601 -1.19 -24.16 -30.15
C ALA A 601 -1.08 -23.13 -29.03
N LEU A 602 -1.89 -22.09 -29.13
CA LEU A 602 -2.00 -21.03 -28.16
C LEU A 602 -2.34 -21.51 -26.76
N ARG A 603 -3.30 -22.42 -26.60
CA ARG A 603 -3.65 -22.96 -25.29
C ARG A 603 -2.41 -23.37 -24.50
N GLU A 604 -1.59 -24.23 -25.12
CA GLU A 604 -0.33 -24.66 -24.55
C GLU A 604 0.60 -23.48 -24.27
N SER A 605 0.87 -22.64 -25.25
CA SER A 605 1.74 -21.48 -25.06
C SER A 605 1.35 -20.61 -23.87
N ILE A 606 0.04 -20.43 -23.70
CA ILE A 606 -0.51 -19.73 -22.54
C ILE A 606 -0.20 -20.57 -21.32
N LYS A 607 -0.58 -21.85 -21.30
CA LYS A 607 -0.26 -22.73 -20.18
C LYS A 607 1.21 -22.61 -19.78
N THR A 608 2.13 -22.76 -20.73
CA THR A 608 3.55 -22.69 -20.49
C THR A 608 4.08 -21.32 -20.04
N HIS A 609 3.87 -20.28 -20.86
CA HIS A 609 4.40 -18.96 -20.58
C HIS A 609 3.47 -17.98 -19.91
N GLY A 610 2.21 -18.37 -19.71
CA GLY A 610 1.23 -17.50 -19.09
C GLY A 610 0.81 -16.31 -19.95
N LEU A 611 0.08 -15.40 -19.31
CA LEU A 611 -0.38 -14.18 -19.95
C LEU A 611 0.14 -12.99 -19.16
N ARG A 612 0.44 -11.91 -19.85
CA ARG A 612 0.93 -10.71 -19.16
C ARG A 612 -0.26 -10.10 -18.40
N ASN A 613 -1.38 -10.03 -19.14
CA ASN A 613 -2.62 -9.44 -18.66
C ASN A 613 -3.66 -10.50 -18.42
N SER A 614 -4.44 -10.47 -17.34
CA SER A 614 -5.42 -11.52 -17.09
C SER A 614 -6.69 -11.43 -17.93
N THR A 615 -7.02 -10.24 -18.42
CA THR A 615 -8.21 -10.01 -19.23
C THR A 615 -7.72 -9.09 -20.36
N LEU A 616 -8.27 -9.18 -21.56
CA LEU A 616 -7.77 -8.33 -22.64
C LEU A 616 -8.81 -7.57 -23.43
N SER A 617 -10.02 -8.12 -23.53
CA SER A 617 -11.06 -7.49 -24.34
C SER A 617 -12.25 -7.09 -23.51
N ALA A 618 -12.89 -6.01 -23.94
CA ALA A 618 -14.11 -5.50 -23.29
C ALA A 618 -14.76 -4.54 -24.28
N LEU A 619 -16.03 -4.78 -24.59
CA LEU A 619 -16.69 -3.95 -25.60
C LEU A 619 -17.42 -2.80 -24.92
N MET A 620 -16.75 -1.65 -24.88
CA MET A 620 -17.32 -0.47 -24.21
C MET A 620 -17.92 0.47 -25.24
N PRO A 621 -18.76 1.38 -24.82
CA PRO A 621 -19.36 2.40 -25.67
C PRO A 621 -18.29 3.42 -26.06
N SER A 622 -18.58 4.38 -26.92
CA SER A 622 -17.59 5.39 -27.24
C SER A 622 -18.10 6.52 -28.13
N GLU A 623 -18.32 7.69 -27.53
CA GLU A 623 -18.75 8.87 -28.28
C GLU A 623 -17.53 9.58 -28.84
N THR A 624 -16.67 10.09 -27.98
CA THR A 624 -15.51 10.88 -28.38
C THR A 624 -14.57 10.20 -29.35
N SER A 625 -13.92 9.14 -28.91
CA SER A 625 -13.00 8.35 -29.72
C SER A 625 -13.59 8.05 -31.11
N SER A 626 -14.83 7.56 -31.15
CA SER A 626 -15.50 7.33 -32.42
C SER A 626 -15.56 8.61 -33.23
N GLN A 627 -15.88 9.73 -32.60
CA GLN A 627 -15.93 11.01 -33.30
C GLN A 627 -14.63 11.40 -33.98
N ILE A 628 -13.48 11.22 -33.31
CA ILE A 628 -12.21 11.64 -33.87
C ILE A 628 -11.86 10.84 -35.11
N SER A 629 -12.21 9.56 -35.10
CA SER A 629 -11.93 8.68 -36.24
C SER A 629 -13.08 8.65 -37.25
N ASN A 630 -14.09 9.49 -37.06
CA ASN A 630 -15.28 9.45 -37.91
C ASN A 630 -15.69 7.99 -38.04
N ALA A 631 -16.14 7.42 -36.93
CA ALA A 631 -16.54 6.02 -36.94
C ALA A 631 -17.85 5.81 -36.20
N THR A 632 -18.65 4.83 -36.62
CA THR A 632 -19.85 4.57 -35.81
C THR A 632 -19.35 4.14 -34.44
N ASN A 633 -20.13 4.41 -33.39
CA ASN A 633 -19.67 4.21 -32.04
C ASN A 633 -19.72 2.74 -31.62
N GLY A 634 -18.58 2.34 -31.05
CA GLY A 634 -18.40 0.99 -30.52
C GLY A 634 -19.10 -0.05 -31.38
N ILE A 635 -20.05 -0.80 -30.83
CA ILE A 635 -20.71 -1.80 -31.66
C ILE A 635 -22.13 -1.42 -32.06
N GLU A 636 -22.59 -0.24 -31.67
CA GLU A 636 -23.97 0.16 -31.92
C GLU A 636 -24.23 0.69 -33.32
N PRO A 637 -25.42 0.39 -33.83
CA PRO A 637 -25.89 0.92 -35.08
C PRO A 637 -26.18 2.41 -34.90
N PRO A 638 -25.97 3.21 -35.91
CA PRO A 638 -26.24 4.63 -35.88
C PRO A 638 -27.73 4.90 -35.78
N ARG A 639 -28.09 5.93 -35.01
CA ARG A 639 -29.46 6.43 -34.97
C ARG A 639 -29.90 6.95 -36.33
N GLY A 640 -29.04 7.69 -37.01
CA GLY A 640 -29.35 8.23 -38.34
C GLY A 640 -28.08 8.49 -39.13
N TYR A 641 -28.18 8.97 -40.36
CA TYR A 641 -26.98 9.19 -41.17
C TYR A 641 -26.24 10.43 -40.71
N VAL A 642 -26.92 11.43 -40.18
CA VAL A 642 -26.22 12.64 -39.76
C VAL A 642 -26.47 12.86 -38.27
N SER A 643 -25.38 13.04 -37.54
CA SER A 643 -25.51 13.19 -36.09
C SER A 643 -25.31 14.66 -35.73
N ILE A 644 -26.23 15.22 -34.98
CA ILE A 644 -26.11 16.62 -34.58
C ILE A 644 -25.59 16.79 -33.17
N LYS A 645 -24.67 17.74 -33.02
CA LYS A 645 -24.12 18.07 -31.72
C LYS A 645 -24.11 19.59 -31.54
N ALA A 646 -24.38 20.03 -30.32
CA ALA A 646 -24.41 21.47 -30.04
C ALA A 646 -23.06 21.96 -29.53
N SER A 647 -22.80 23.25 -29.74
CA SER A 647 -21.53 23.84 -29.32
C SER A 647 -21.67 25.35 -29.22
N LYS A 648 -20.71 26.00 -28.55
CA LYS A 648 -20.74 27.47 -28.50
C LYS A 648 -20.45 27.99 -29.91
N ASP A 649 -19.60 27.28 -30.64
CA ASP A 649 -19.24 27.60 -32.00
C ASP A 649 -20.22 27.16 -33.07
N GLY A 650 -21.46 26.80 -32.74
CA GLY A 650 -22.45 26.41 -33.72
C GLY A 650 -22.90 24.96 -33.65
N ILE A 651 -23.71 24.58 -34.64
CA ILE A 651 -24.24 23.22 -34.73
C ILE A 651 -23.23 22.29 -35.39
N LEU A 652 -22.94 21.18 -34.74
CA LEU A 652 -21.99 20.19 -35.22
C LEU A 652 -22.67 19.00 -35.89
N ARG A 653 -22.39 18.81 -37.16
CA ARG A 653 -22.95 17.68 -37.89
C ARG A 653 -21.86 16.72 -38.31
N GLN A 654 -22.10 15.42 -38.20
CA GLN A 654 -21.14 14.43 -38.66
C GLN A 654 -21.90 13.35 -39.43
N VAL A 655 -21.54 13.14 -40.68
CA VAL A 655 -22.19 12.14 -41.53
C VAL A 655 -21.52 10.78 -41.37
N VAL A 656 -22.32 9.71 -41.33
CA VAL A 656 -21.74 8.37 -41.19
C VAL A 656 -20.73 8.15 -42.33
N PRO A 657 -19.67 7.43 -42.02
CA PRO A 657 -18.62 7.09 -42.96
C PRO A 657 -19.19 6.52 -44.23
N ASP A 658 -18.68 7.02 -45.36
CA ASP A 658 -19.05 6.53 -46.68
C ASP A 658 -20.54 6.47 -46.92
N TYR A 659 -21.23 7.55 -46.55
CA TYR A 659 -22.68 7.64 -46.76
C TYR A 659 -22.98 7.55 -48.24
N GLU A 660 -22.18 8.21 -49.06
CA GLU A 660 -22.29 8.18 -50.50
C GLU A 660 -22.62 6.78 -51.00
N HIS A 661 -21.72 5.84 -50.72
CA HIS A 661 -21.87 4.49 -51.21
C HIS A 661 -22.58 3.52 -50.29
N LEU A 662 -22.75 3.85 -49.01
CA LEU A 662 -23.37 2.86 -48.12
C LEU A 662 -24.70 3.24 -47.49
N HIS A 663 -25.31 4.35 -47.87
CA HIS A 663 -26.58 4.72 -47.26
C HIS A 663 -27.53 3.53 -47.20
N ASP A 664 -27.82 2.85 -48.30
CA ASP A 664 -28.72 1.69 -48.19
C ASP A 664 -28.13 0.51 -47.42
N ALA A 665 -26.82 0.36 -47.33
CA ALA A 665 -26.20 -0.75 -46.60
C ALA A 665 -26.41 -0.62 -45.10
N TYR A 666 -26.27 0.58 -44.55
CA TYR A 666 -26.49 0.76 -43.12
C TYR A 666 -27.85 0.20 -42.72
N GLU A 667 -28.04 -0.11 -41.46
CA GLU A 667 -29.35 -0.48 -40.90
C GLU A 667 -29.43 0.40 -39.67
N LEU A 668 -30.25 1.45 -39.72
CA LEU A 668 -30.25 2.41 -38.63
C LEU A 668 -30.94 1.87 -37.40
N LEU A 669 -30.55 2.35 -36.23
CA LEU A 669 -31.08 1.89 -34.95
C LEU A 669 -32.56 1.55 -34.99
N TRP A 670 -33.42 2.48 -35.38
CA TRP A 670 -34.85 2.24 -35.41
C TRP A 670 -35.39 1.49 -36.62
N GLU A 671 -34.53 0.99 -37.49
CA GLU A 671 -35.00 0.19 -38.63
C GLU A 671 -35.02 -1.28 -38.23
N MET A 672 -34.34 -1.61 -37.15
CA MET A 672 -34.35 -3.02 -36.72
C MET A 672 -35.74 -3.29 -36.17
N PRO A 673 -36.39 -4.32 -36.61
CA PRO A 673 -37.72 -4.71 -36.21
C PRO A 673 -37.78 -5.11 -34.74
N GLY A 674 -36.68 -5.53 -34.13
CA GLY A 674 -36.69 -5.89 -32.72
C GLY A 674 -35.26 -6.07 -32.21
N ASN A 675 -35.06 -6.71 -31.07
CA ASN A 675 -33.72 -6.89 -30.51
C ASN A 675 -33.05 -8.22 -30.78
N ASP A 676 -33.73 -9.24 -31.29
CA ASP A 676 -33.15 -10.56 -31.47
C ASP A 676 -31.84 -10.57 -32.25
N GLY A 677 -31.87 -10.08 -33.49
CA GLY A 677 -30.67 -9.99 -34.31
C GLY A 677 -29.50 -9.48 -33.48
N TYR A 678 -29.65 -8.29 -32.88
CA TYR A 678 -28.58 -7.67 -32.12
C TYR A 678 -28.18 -8.49 -30.90
N LEU A 679 -29.16 -8.99 -30.14
CA LEU A 679 -28.79 -9.81 -28.98
C LEU A 679 -28.04 -11.06 -29.43
N GLN A 680 -28.40 -11.66 -30.57
CA GLN A 680 -27.55 -12.72 -31.13
C GLN A 680 -26.11 -12.23 -31.28
N LEU A 681 -25.90 -11.12 -32.02
CA LEU A 681 -24.55 -10.65 -32.26
C LEU A 681 -23.82 -10.37 -30.95
N VAL A 682 -24.50 -9.89 -29.92
CA VAL A 682 -23.80 -9.64 -28.66
C VAL A 682 -23.38 -10.97 -28.07
N GLY A 683 -24.28 -11.96 -28.09
CA GLY A 683 -23.97 -13.29 -27.60
C GLY A 683 -22.75 -13.84 -28.34
N ILE A 684 -22.71 -13.73 -29.67
CA ILE A 684 -21.58 -14.23 -30.43
C ILE A 684 -20.31 -13.52 -30.00
N MET A 685 -20.32 -12.21 -29.92
CA MET A 685 -19.14 -11.47 -29.47
C MET A 685 -18.74 -11.94 -28.08
N GLN A 686 -19.68 -12.19 -27.18
CA GLN A 686 -19.30 -12.62 -25.83
C GLN A 686 -18.60 -13.96 -25.82
N LYS A 687 -18.76 -14.83 -26.82
CA LYS A 687 -18.04 -16.10 -26.86
C LYS A 687 -16.55 -15.83 -26.66
N PHE A 688 -16.00 -14.90 -27.43
CA PHE A 688 -14.59 -14.58 -27.34
C PHE A 688 -14.20 -13.47 -26.40
N ILE A 689 -15.12 -12.66 -25.89
CA ILE A 689 -14.68 -11.50 -25.09
C ILE A 689 -14.36 -11.87 -23.65
N ASP A 690 -13.23 -11.39 -23.13
CA ASP A 690 -12.80 -11.71 -21.77
C ASP A 690 -13.72 -11.14 -20.69
N GLN A 691 -14.09 -9.87 -20.86
CA GLN A 691 -14.92 -9.21 -19.87
C GLN A 691 -16.39 -9.24 -20.28
N SER A 692 -16.97 -8.07 -20.51
CA SER A 692 -18.38 -8.00 -20.90
C SER A 692 -18.57 -6.99 -22.02
N ILE A 693 -19.81 -6.79 -22.43
CA ILE A 693 -20.16 -5.86 -23.50
C ILE A 693 -21.25 -4.91 -23.02
N SER A 694 -21.27 -3.66 -23.47
CA SER A 694 -22.32 -2.74 -23.08
C SER A 694 -23.54 -2.95 -23.97
N ALA A 695 -24.28 -4.04 -23.84
CA ALA A 695 -25.41 -4.25 -24.75
C ALA A 695 -26.54 -3.29 -24.37
N ASN A 696 -27.25 -2.83 -25.39
CA ASN A 696 -28.41 -1.96 -25.22
C ASN A 696 -29.64 -2.76 -25.66
N THR A 697 -30.81 -2.41 -25.18
CA THR A 697 -32.05 -2.99 -25.70
C THR A 697 -32.86 -1.80 -26.21
N ASN A 698 -33.41 -1.84 -27.41
CA ASN A 698 -34.13 -0.69 -27.95
C ASN A 698 -35.57 -1.02 -28.29
N TYR A 699 -36.49 -0.09 -28.01
CA TYR A 699 -37.92 -0.27 -28.25
C TYR A 699 -38.54 1.00 -28.84
N ASP A 700 -39.29 0.81 -29.91
CA ASP A 700 -40.03 1.90 -30.54
C ASP A 700 -41.52 1.67 -30.28
N PRO A 701 -42.11 2.57 -29.53
CA PRO A 701 -43.51 2.49 -29.13
C PRO A 701 -44.42 2.41 -30.34
N SER A 702 -44.12 3.09 -31.44
CA SER A 702 -44.82 3.00 -32.70
C SER A 702 -45.06 1.61 -33.25
N ARG A 703 -44.21 0.63 -32.89
CA ARG A 703 -44.35 -0.73 -33.38
C ARG A 703 -45.30 -1.59 -32.57
N PHE A 704 -45.97 -1.04 -31.56
CA PHE A 704 -46.87 -1.82 -30.72
C PHE A 704 -48.26 -1.22 -30.65
N PRO A 705 -49.24 -2.09 -30.52
CA PRO A 705 -50.64 -1.72 -30.38
C PRO A 705 -50.78 -0.70 -29.26
N SER A 706 -51.47 0.41 -29.53
CA SER A 706 -51.66 1.48 -28.57
C SER A 706 -50.35 2.11 -28.13
N GLY A 707 -49.29 2.02 -28.91
CA GLY A 707 -47.97 2.49 -28.61
C GLY A 707 -47.41 2.09 -27.25
N LYS A 708 -47.73 0.92 -26.72
CA LYS A 708 -47.20 0.56 -25.39
C LYS A 708 -46.45 -0.77 -25.43
N VAL A 709 -45.15 -0.68 -25.19
CA VAL A 709 -44.31 -1.88 -25.22
C VAL A 709 -44.83 -2.85 -24.17
N PRO A 710 -45.19 -4.03 -24.62
CA PRO A 710 -45.71 -5.08 -23.78
C PRO A 710 -44.64 -5.61 -22.83
N MET A 711 -45.03 -5.87 -21.58
CA MET A 711 -44.09 -6.44 -20.61
C MET A 711 -43.65 -7.82 -21.07
N GLN A 712 -44.57 -8.57 -21.69
CA GLN A 712 -44.23 -9.88 -22.24
C GLN A 712 -43.01 -9.71 -23.16
N GLN A 713 -43.08 -8.72 -24.07
CA GLN A 713 -41.95 -8.48 -24.96
C GLN A 713 -40.67 -8.18 -24.19
N LEU A 714 -40.78 -7.32 -23.18
CA LEU A 714 -39.62 -6.97 -22.39
C LEU A 714 -39.03 -8.20 -21.69
N LEU A 715 -39.87 -9.07 -21.12
CA LEU A 715 -39.31 -10.25 -20.45
C LEU A 715 -38.76 -11.24 -21.48
N LYS A 716 -39.42 -11.36 -22.62
CA LYS A 716 -38.95 -12.24 -23.68
C LYS A 716 -37.53 -11.85 -24.08
N ASP A 717 -37.27 -10.58 -24.35
CA ASP A 717 -35.95 -10.12 -24.74
C ASP A 717 -34.91 -10.30 -23.65
N LEU A 718 -35.31 -10.10 -22.40
CA LEU A 718 -34.44 -10.35 -21.26
C LEU A 718 -34.03 -11.82 -21.23
N LEU A 719 -34.99 -12.73 -21.46
CA LEU A 719 -34.68 -14.16 -21.47
C LEU A 719 -33.81 -14.53 -22.67
N THR A 720 -34.10 -13.96 -23.83
CA THR A 720 -33.28 -14.19 -25.02
C THR A 720 -31.81 -13.92 -24.67
N ALA A 721 -31.56 -12.70 -24.17
CA ALA A 721 -30.19 -12.31 -23.83
C ALA A 721 -29.58 -13.35 -22.90
N TYR A 722 -30.28 -13.77 -21.85
CA TYR A 722 -29.73 -14.80 -20.99
C TYR A 722 -29.43 -16.07 -21.79
N LYS A 723 -30.36 -16.50 -22.63
CA LYS A 723 -30.19 -17.72 -23.41
C LYS A 723 -28.89 -17.75 -24.22
N PHE A 724 -28.45 -16.62 -24.77
CA PHE A 724 -27.24 -16.61 -25.56
C PHE A 724 -26.00 -16.15 -24.79
N GLY A 725 -26.05 -16.25 -23.47
CA GLY A 725 -24.95 -15.88 -22.62
C GLY A 725 -24.68 -14.40 -22.47
N VAL A 726 -25.62 -13.50 -22.77
CA VAL A 726 -25.29 -12.07 -22.56
C VAL A 726 -24.97 -11.82 -21.09
N LYS A 727 -23.78 -11.27 -20.83
CA LYS A 727 -23.36 -11.09 -19.45
C LYS A 727 -24.13 -9.99 -18.72
N THR A 728 -24.15 -8.79 -19.31
CA THR A 728 -24.83 -7.65 -18.73
C THR A 728 -25.74 -7.00 -19.77
N LEU A 729 -26.69 -6.18 -19.32
CA LEU A 729 -27.53 -5.39 -20.19
C LEU A 729 -27.52 -3.95 -19.65
N TYR A 730 -27.17 -3.03 -20.51
CA TYR A 730 -27.07 -1.61 -20.18
C TYR A 730 -28.33 -0.87 -20.57
N TYR A 731 -28.21 0.34 -21.11
CA TYR A 731 -29.37 1.14 -21.44
C TYR A 731 -30.49 0.35 -22.10
N GLN A 732 -31.70 0.89 -21.91
CA GLN A 732 -32.86 0.55 -22.70
C GLN A 732 -33.29 1.83 -23.43
N ASN A 733 -33.18 1.93 -24.75
CA ASN A 733 -33.65 3.13 -25.42
C ASN A 733 -35.11 2.88 -25.81
N THR A 734 -35.96 3.79 -25.36
CA THR A 734 -37.33 3.84 -25.86
C THR A 734 -37.36 5.07 -26.78
N ARG A 735 -37.72 4.86 -28.02
CA ARG A 735 -37.77 5.96 -28.97
C ARG A 735 -38.90 6.90 -28.56
N ASP A 736 -38.79 8.18 -28.88
CA ASP A 736 -39.85 9.12 -28.55
C ASP A 736 -39.72 10.33 -29.47
N GLY A 737 -40.51 10.34 -30.53
CA GLY A 737 -40.45 11.41 -31.52
C GLY A 737 -41.63 12.38 -31.43
N SER B 8 -48.33 -4.39 -19.23
CA SER B 8 -48.04 -4.92 -17.90
C SER B 8 -48.58 -6.34 -17.75
N GLU B 9 -49.41 -6.74 -18.71
CA GLU B 9 -50.00 -8.07 -18.73
C GLU B 9 -48.91 -9.08 -19.08
N VAL B 10 -48.73 -10.10 -18.25
CA VAL B 10 -47.69 -11.10 -18.49
C VAL B 10 -48.23 -12.52 -18.52
N ASP B 11 -47.98 -13.24 -19.61
CA ASP B 11 -48.42 -14.63 -19.70
C ASP B 11 -47.26 -15.53 -19.31
N THR B 12 -47.50 -16.33 -18.27
CA THR B 12 -46.50 -17.26 -17.76
C THR B 12 -46.44 -18.54 -18.59
N ASP B 13 -47.56 -18.95 -19.15
CA ASP B 13 -47.60 -20.15 -19.99
C ASP B 13 -46.69 -19.95 -21.21
N ASP B 14 -46.84 -18.81 -21.87
CA ASP B 14 -45.99 -18.49 -23.01
C ASP B 14 -44.52 -18.60 -22.65
N LEU B 15 -44.10 -18.02 -21.54
CA LEU B 15 -42.73 -18.11 -21.08
C LEU B 15 -42.32 -19.46 -20.51
N SER B 16 -43.18 -20.23 -19.90
CA SER B 16 -42.86 -21.51 -19.27
C SER B 16 -42.01 -22.49 -20.05
N ASN B 17 -42.23 -22.61 -21.34
CA ASN B 17 -41.65 -23.55 -22.26
C ASN B 17 -40.30 -23.09 -22.82
N PHE B 18 -39.93 -21.85 -22.50
CA PHE B 18 -38.65 -21.30 -22.91
C PHE B 18 -37.52 -22.12 -22.29
N GLN B 19 -36.40 -22.22 -22.99
CA GLN B 19 -35.26 -22.99 -22.51
C GLN B 19 -34.05 -22.11 -22.22
N LEU B 20 -33.75 -21.86 -20.95
CA LEU B 20 -32.69 -20.96 -20.54
C LEU B 20 -31.27 -21.32 -20.98
N LEU C 5 -66.32 -9.24 39.10
CA LEU C 5 -66.68 -10.46 38.36
C LEU C 5 -65.72 -10.76 37.22
N LEU C 6 -64.94 -11.80 37.41
CA LEU C 6 -63.98 -12.35 36.48
C LEU C 6 -62.89 -11.42 35.98
N VAL C 7 -61.69 -11.79 36.40
CA VAL C 7 -60.44 -11.13 36.06
C VAL C 7 -59.46 -12.21 35.61
N THR C 8 -58.51 -11.89 34.74
CA THR C 8 -57.51 -12.85 34.29
C THR C 8 -56.13 -12.44 34.81
N LYS C 9 -55.35 -13.39 35.30
CA LYS C 9 -54.02 -13.07 35.81
C LYS C 9 -52.90 -13.24 34.79
N ARG C 10 -51.67 -13.39 35.28
CA ARG C 10 -50.49 -13.43 34.43
C ARG C 10 -50.23 -14.79 33.81
N ASP C 11 -50.61 -15.85 34.52
CA ASP C 11 -50.45 -17.19 33.98
C ASP C 11 -51.59 -17.44 32.99
N GLY C 12 -52.71 -16.75 33.24
CA GLY C 12 -53.86 -16.80 32.35
C GLY C 12 -55.01 -17.45 33.12
N SER C 13 -54.84 -17.48 34.44
CA SER C 13 -55.83 -18.12 35.30
C SER C 13 -56.81 -17.13 35.92
N THR C 14 -58.09 -17.40 35.65
CA THR C 14 -59.19 -16.60 36.16
C THR C 14 -59.21 -16.53 37.69
N GLU C 15 -59.93 -15.54 38.19
CA GLU C 15 -60.20 -15.30 39.60
C GLU C 15 -61.30 -14.23 39.63
N ARG C 16 -62.07 -14.13 40.70
CA ARG C 16 -63.13 -13.12 40.73
C ARG C 16 -62.56 -11.76 41.17
N ILE C 17 -63.21 -10.68 40.73
CA ILE C 17 -62.76 -9.34 41.04
C ILE C 17 -63.07 -8.93 42.47
N ASN C 18 -62.04 -8.64 43.25
CA ASN C 18 -62.27 -8.06 44.58
C ASN C 18 -61.89 -6.59 44.42
N LEU C 19 -62.88 -5.70 44.38
CA LEU C 19 -62.69 -4.28 44.16
C LEU C 19 -62.10 -3.49 45.31
N ASP C 20 -61.97 -4.08 46.50
CA ASP C 20 -61.37 -3.40 47.64
C ASP C 20 -59.85 -3.42 47.49
N LYS C 21 -59.34 -4.42 46.77
CA LYS C 21 -57.93 -4.56 46.47
C LYS C 21 -57.49 -3.31 45.72
N ILE C 22 -58.17 -3.03 44.61
CA ILE C 22 -57.91 -1.84 43.80
C ILE C 22 -57.95 -0.61 44.69
N HIS C 23 -59.07 -0.43 45.39
CA HIS C 23 -59.23 0.71 46.28
C HIS C 23 -58.04 0.83 47.22
N ARG C 24 -57.66 -0.29 47.85
CA ARG C 24 -56.51 -0.28 48.75
C ARG C 24 -55.33 0.39 48.05
N VAL C 25 -54.94 -0.14 46.88
CA VAL C 25 -53.85 0.44 46.11
C VAL C 25 -54.02 1.95 45.94
N LEU C 26 -55.14 2.37 45.36
CA LEU C 26 -55.38 3.80 45.16
C LEU C 26 -55.16 4.55 46.46
N ASP C 27 -55.82 4.07 47.52
CA ASP C 27 -55.73 4.65 48.85
C ASP C 27 -54.28 4.84 49.26
N TRP C 28 -53.47 3.82 49.05
CA TRP C 28 -52.05 3.85 49.34
C TRP C 28 -51.29 4.93 48.58
N ALA C 29 -51.48 4.98 47.27
CA ALA C 29 -50.80 5.91 46.38
C ALA C 29 -51.20 7.35 46.61
N ALA C 30 -52.40 7.55 47.15
CA ALA C 30 -52.92 8.87 47.43
C ALA C 30 -52.33 9.39 48.75
N GLU C 31 -51.86 8.48 49.60
CA GLU C 31 -51.24 8.90 50.85
C GLU C 31 -50.49 10.22 50.70
N GLY C 32 -50.85 11.22 51.48
CA GLY C 32 -50.22 12.52 51.49
C GLY C 32 -50.53 13.52 50.41
N LEU C 33 -51.18 13.10 49.33
CA LEU C 33 -51.47 14.04 48.25
C LEU C 33 -52.67 14.90 48.62
N HIS C 34 -52.77 16.05 47.99
CA HIS C 34 -53.86 17.00 48.22
C HIS C 34 -54.65 17.22 46.93
N ASN C 35 -55.97 17.24 47.08
CA ASN C 35 -56.90 17.49 45.99
C ASN C 35 -57.07 16.38 44.96
N VAL C 36 -56.78 15.13 45.32
CA VAL C 36 -57.02 14.06 44.35
C VAL C 36 -58.20 13.23 44.84
N SER C 37 -58.97 12.70 43.91
CA SER C 37 -60.12 11.89 44.29
C SER C 37 -60.00 10.43 43.85
N ILE C 38 -59.86 9.55 44.85
CA ILE C 38 -59.90 8.11 44.59
C ILE C 38 -61.22 7.70 43.91
N SER C 39 -62.36 8.24 44.31
CA SER C 39 -63.62 7.92 43.65
C SER C 39 -63.59 8.40 42.21
N GLN C 40 -63.07 9.61 41.98
CA GLN C 40 -62.96 10.10 40.60
C GLN C 40 -62.25 9.05 39.75
N VAL C 41 -61.08 8.65 40.25
CA VAL C 41 -60.28 7.64 39.57
C VAL C 41 -61.07 6.35 39.40
N GLU C 42 -61.60 5.86 40.52
CA GLU C 42 -62.39 4.63 40.51
C GLU C 42 -63.51 4.70 39.47
N LEU C 43 -64.27 5.79 39.53
CA LEU C 43 -65.37 6.00 38.60
C LEU C 43 -64.92 5.88 37.16
N ARG C 44 -63.89 6.64 36.77
CA ARG C 44 -63.38 6.62 35.41
C ARG C 44 -62.80 5.29 34.95
N SER C 45 -62.29 4.43 35.83
CA SER C 45 -61.64 3.21 35.39
C SER C 45 -62.57 2.01 35.47
N HIS C 46 -63.42 1.98 36.51
CA HIS C 46 -64.34 0.84 36.64
C HIS C 46 -65.23 0.69 35.41
N ILE C 47 -65.74 1.77 34.85
CA ILE C 47 -66.54 1.73 33.63
C ILE C 47 -65.87 1.04 32.46
N GLN C 48 -64.55 0.91 32.41
CA GLN C 48 -63.90 0.24 31.29
C GLN C 48 -63.44 -1.18 31.60
N PHE C 49 -63.89 -1.73 32.72
CA PHE C 49 -63.60 -3.12 33.06
C PHE C 49 -64.56 -4.07 32.36
N TYR C 50 -64.21 -5.34 32.27
CA TYR C 50 -65.06 -6.35 31.65
C TYR C 50 -64.63 -7.77 31.98
N ASP C 51 -65.58 -8.71 32.00
CA ASP C 51 -65.30 -10.10 32.31
C ASP C 51 -64.03 -10.62 31.66
N GLY C 52 -63.11 -11.07 32.51
CA GLY C 52 -61.86 -11.68 32.08
C GLY C 52 -60.86 -10.61 31.65
N ILE C 53 -60.97 -9.44 32.25
CA ILE C 53 -60.06 -8.34 31.89
C ILE C 53 -58.70 -8.57 32.53
N LYS C 54 -57.66 -8.67 31.70
CA LYS C 54 -56.33 -8.95 32.23
C LYS C 54 -56.11 -8.00 33.42
N THR C 55 -55.40 -8.54 34.40
CA THR C 55 -55.04 -7.80 35.61
C THR C 55 -54.13 -6.64 35.27
N SER C 56 -53.20 -6.82 34.34
CA SER C 56 -52.31 -5.77 33.87
C SER C 56 -53.14 -4.59 33.37
N ASP C 57 -54.15 -4.90 32.56
CA ASP C 57 -55.07 -3.93 32.00
C ASP C 57 -55.73 -3.07 33.06
N ILE C 58 -56.19 -3.70 34.14
CA ILE C 58 -56.74 -2.98 35.28
C ILE C 58 -55.74 -1.93 35.75
N HIS C 59 -54.47 -2.33 35.93
CA HIS C 59 -53.45 -1.40 36.36
C HIS C 59 -53.32 -0.22 35.41
N GLU C 60 -53.18 -0.50 34.12
CA GLU C 60 -53.04 0.55 33.12
C GLU C 60 -54.20 1.53 33.17
N THR C 61 -55.41 0.96 33.24
CA THR C 61 -56.62 1.76 33.32
C THR C 61 -56.58 2.74 34.47
N ILE C 62 -56.36 2.30 35.72
CA ILE C 62 -56.33 3.26 36.83
C ILE C 62 -55.15 4.21 36.70
N ILE C 63 -54.02 3.76 36.14
CA ILE C 63 -52.91 4.70 35.94
C ILE C 63 -53.39 5.84 35.04
N LYS C 64 -53.95 5.49 33.88
CA LYS C 64 -54.44 6.51 32.96
C LYS C 64 -55.47 7.41 33.64
N ALA C 65 -56.42 6.77 34.34
CA ALA C 65 -57.45 7.50 35.08
C ALA C 65 -56.81 8.64 35.88
N ALA C 66 -55.87 8.22 36.74
CA ALA C 66 -55.12 9.19 37.53
C ALA C 66 -54.39 10.16 36.60
N ALA C 67 -53.70 9.62 35.58
CA ALA C 67 -52.96 10.49 34.67
C ALA C 67 -53.82 11.51 33.95
N ASP C 68 -55.07 11.21 33.64
CA ASP C 68 -55.95 12.10 32.91
C ASP C 68 -56.50 13.23 33.77
N LEU C 69 -56.30 13.24 35.06
CA LEU C 69 -56.80 14.31 35.91
C LEU C 69 -55.68 15.29 36.27
N ILE C 70 -54.48 15.10 35.74
CA ILE C 70 -53.39 16.04 36.04
C ILE C 70 -53.85 17.43 35.63
N SER C 71 -53.55 18.43 36.44
CA SER C 71 -53.99 19.80 36.10
C SER C 71 -53.28 20.83 36.95
N ARG C 72 -53.35 22.10 36.55
CA ARG C 72 -52.73 23.15 37.36
C ARG C 72 -53.39 23.19 38.74
N ASP C 73 -54.71 23.11 38.78
CA ASP C 73 -55.48 23.12 40.01
C ASP C 73 -55.37 21.84 40.81
N ALA C 74 -54.97 20.73 40.20
CA ALA C 74 -54.82 19.48 40.96
C ALA C 74 -53.58 18.75 40.47
N PRO C 75 -52.42 19.21 40.91
CA PRO C 75 -51.12 18.74 40.47
C PRO C 75 -50.62 17.51 41.17
N ASP C 76 -51.31 17.07 42.23
CA ASP C 76 -50.89 15.87 42.95
C ASP C 76 -51.33 14.62 42.20
N TYR C 77 -52.21 14.75 41.21
CA TYR C 77 -52.53 13.59 40.36
C TYR C 77 -51.22 13.09 39.74
N GLN C 78 -50.30 13.98 39.37
CA GLN C 78 -48.98 13.57 38.91
C GLN C 78 -48.41 12.47 39.80
N TYR C 79 -48.38 12.71 41.11
CA TYR C 79 -47.80 11.72 42.03
C TYR C 79 -48.70 10.51 42.21
N LEU C 80 -50.02 10.69 42.18
CA LEU C 80 -50.92 9.54 42.30
C LEU C 80 -50.73 8.61 41.12
N ALA C 81 -50.67 9.20 39.91
CA ALA C 81 -50.47 8.39 38.70
C ALA C 81 -49.12 7.69 38.82
N ALA C 82 -48.09 8.49 39.10
CA ALA C 82 -46.73 8.02 39.25
C ALA C 82 -46.60 6.77 40.13
N ARG C 83 -47.08 6.89 41.36
CA ARG C 83 -47.00 5.76 42.29
C ARG C 83 -47.66 4.53 41.70
N LEU C 84 -48.91 4.66 41.24
CA LEU C 84 -49.54 3.54 40.54
C LEU C 84 -48.60 2.99 39.48
N ALA C 85 -48.05 3.85 38.62
CA ALA C 85 -47.07 3.41 37.64
C ALA C 85 -45.89 2.69 38.28
N ILE C 86 -45.31 3.26 39.34
CA ILE C 86 -44.22 2.62 40.06
C ILE C 86 -44.62 1.24 40.60
N PHE C 87 -45.77 1.14 41.24
CA PHE C 87 -46.27 -0.11 41.79
C PHE C 87 -46.29 -1.20 40.71
N HIS C 88 -46.95 -0.87 39.61
CA HIS C 88 -47.08 -1.74 38.46
C HIS C 88 -45.74 -2.19 37.90
N LEU C 89 -44.77 -1.27 37.82
CA LEU C 89 -43.45 -1.63 37.32
C LEU C 89 -42.77 -2.56 38.33
N ARG C 90 -42.95 -2.34 39.63
CA ARG C 90 -42.37 -3.25 40.62
C ARG C 90 -42.82 -4.66 40.27
N LYS C 91 -44.14 -4.89 40.35
CA LYS C 91 -44.68 -6.20 40.00
C LYS C 91 -44.12 -6.66 38.67
N LYS C 92 -44.27 -5.85 37.62
CA LYS C 92 -43.68 -6.13 36.32
C LYS C 92 -42.23 -6.59 36.38
N ALA C 93 -41.36 -6.02 37.23
CA ALA C 93 -39.98 -6.45 37.24
C ALA C 93 -39.70 -7.56 38.25
N TYR C 94 -40.40 -7.55 39.39
CA TYR C 94 -40.06 -8.45 40.48
C TYR C 94 -41.16 -9.43 40.84
N GLY C 95 -42.35 -9.26 40.30
CA GLY C 95 -43.49 -10.13 40.61
C GLY C 95 -44.03 -9.80 41.99
N GLN C 96 -43.62 -8.68 42.55
CA GLN C 96 -44.04 -8.22 43.86
C GLN C 96 -43.60 -6.77 44.00
N PHE C 97 -44.19 -6.05 44.94
CA PHE C 97 -43.83 -4.66 45.16
C PHE C 97 -42.42 -4.53 45.71
N GLU C 98 -42.07 -5.35 46.69
CA GLU C 98 -40.76 -5.27 47.32
C GLU C 98 -39.64 -5.76 46.43
N PRO C 99 -38.72 -4.85 46.15
CA PRO C 99 -37.54 -5.12 45.35
C PRO C 99 -36.66 -6.13 46.08
N PRO C 100 -36.05 -7.03 45.33
CA PRO C 100 -35.14 -8.05 45.79
C PRO C 100 -33.91 -7.44 46.44
N ALA C 101 -33.07 -8.30 47.02
CA ALA C 101 -31.83 -7.82 47.63
C ALA C 101 -30.91 -7.33 46.50
N LEU C 102 -30.14 -6.28 46.77
CA LEU C 102 -29.25 -5.75 45.76
C LEU C 102 -28.38 -6.84 45.14
N TYR C 103 -27.74 -7.62 46.00
CA TYR C 103 -26.82 -8.67 45.53
C TYR C 103 -27.54 -9.70 44.68
N ASP C 104 -28.66 -10.20 45.19
CA ASP C 104 -29.45 -11.18 44.44
C ASP C 104 -29.82 -10.62 43.08
N HIS C 105 -30.30 -9.39 43.01
CA HIS C 105 -30.61 -8.69 41.78
C HIS C 105 -29.42 -8.61 40.83
N VAL C 106 -28.28 -8.11 41.27
CA VAL C 106 -27.10 -8.02 40.42
C VAL C 106 -26.66 -9.38 39.90
N VAL C 107 -26.65 -10.41 40.75
CA VAL C 107 -26.26 -11.73 40.26
C VAL C 107 -27.18 -12.16 39.12
N LYS C 108 -28.48 -12.15 39.40
CA LYS C 108 -29.48 -12.49 38.41
C LYS C 108 -29.28 -11.74 37.10
N MET C 109 -29.10 -10.42 37.21
CA MET C 109 -28.94 -9.60 36.01
C MET C 109 -27.62 -9.90 35.31
N VAL C 110 -26.58 -10.25 36.06
CA VAL C 110 -25.31 -10.58 35.41
C VAL C 110 -25.50 -11.88 34.63
N GLU C 111 -26.18 -12.87 35.23
CA GLU C 111 -26.45 -14.14 34.58
C GLU C 111 -27.29 -13.98 33.32
N MET C 112 -28.18 -12.98 33.28
CA MET C 112 -29.00 -12.73 32.11
C MET C 112 -28.29 -11.85 31.09
N GLY C 113 -27.12 -11.36 31.46
CA GLY C 113 -26.29 -10.52 30.60
C GLY C 113 -26.85 -9.12 30.43
N LYS C 114 -27.61 -8.66 31.41
CA LYS C 114 -28.20 -7.32 31.33
C LYS C 114 -27.32 -6.32 32.07
N TYR C 115 -26.48 -6.82 32.96
CA TYR C 115 -25.55 -5.98 33.70
C TYR C 115 -24.11 -6.37 33.36
N ASP C 116 -23.18 -5.45 33.60
CA ASP C 116 -21.78 -5.76 33.32
C ASP C 116 -21.28 -6.77 34.34
N ASN C 117 -20.41 -7.70 33.92
CA ASN C 117 -19.94 -8.73 34.84
C ASN C 117 -18.95 -8.16 35.81
N HIS C 118 -18.25 -7.09 35.43
CA HIS C 118 -17.29 -6.44 36.32
C HIS C 118 -17.89 -6.05 37.66
N LEU C 119 -19.17 -5.72 37.75
CA LEU C 119 -19.79 -5.35 39.01
C LEU C 119 -19.55 -6.43 40.06
N LEU C 120 -19.79 -7.68 39.69
CA LEU C 120 -19.58 -8.79 40.62
C LEU C 120 -18.11 -9.02 40.92
N GLU C 121 -17.21 -8.65 40.02
CA GLU C 121 -15.79 -8.78 40.26
C GLU C 121 -15.28 -7.62 41.12
N ASP C 122 -15.83 -6.44 40.86
CA ASP C 122 -15.38 -5.23 41.53
C ASP C 122 -15.90 -5.09 42.94
N TYR C 123 -17.05 -5.67 43.27
CA TYR C 123 -17.59 -5.55 44.62
C TYR C 123 -17.86 -6.94 45.20
N THR C 124 -17.72 -7.04 46.52
CA THR C 124 -17.94 -8.33 47.19
C THR C 124 -19.39 -8.41 47.61
N GLU C 125 -19.95 -9.61 47.76
CA GLU C 125 -21.33 -9.77 48.18
C GLU C 125 -21.62 -8.98 49.45
N GLU C 126 -20.71 -8.94 50.42
CA GLU C 126 -20.90 -8.12 51.61
C GLU C 126 -20.90 -6.65 51.23
N GLU C 127 -20.08 -6.25 50.28
CA GLU C 127 -20.10 -4.87 49.77
C GLU C 127 -21.45 -4.54 49.16
N PHE C 128 -22.00 -5.44 48.36
CA PHE C 128 -23.34 -5.29 47.81
C PHE C 128 -24.36 -5.23 48.93
N LYS C 129 -24.27 -6.08 49.95
CA LYS C 129 -25.18 -6.01 51.09
C LYS C 129 -25.10 -4.62 51.72
N GLN C 130 -23.90 -4.10 51.91
CA GLN C 130 -23.68 -2.77 52.44
C GLN C 130 -24.38 -1.73 51.59
N MET C 131 -24.17 -1.77 50.28
CA MET C 131 -24.81 -0.82 49.37
C MET C 131 -26.31 -0.88 49.52
N ASP C 132 -26.90 -2.07 49.53
CA ASP C 132 -28.33 -2.24 49.73
C ASP C 132 -28.87 -1.39 50.88
N THR C 133 -28.17 -1.32 52.00
CA THR C 133 -28.51 -0.48 53.13
C THR C 133 -28.59 1.02 52.80
N PHE C 134 -27.88 1.49 51.79
CA PHE C 134 -27.94 2.89 51.38
C PHE C 134 -29.25 3.20 50.64
N ILE C 135 -29.64 2.22 49.82
CA ILE C 135 -30.81 2.32 48.98
C ILE C 135 -32.02 2.72 49.81
N ASP C 136 -32.85 3.56 49.22
CA ASP C 136 -34.15 3.86 49.81
C ASP C 136 -35.17 3.77 48.68
N HIS C 137 -35.78 2.59 48.55
CA HIS C 137 -36.78 2.37 47.53
C HIS C 137 -38.02 3.24 47.67
N ASP C 138 -38.33 3.79 48.84
CA ASP C 138 -39.46 4.72 48.92
C ASP C 138 -39.20 5.96 48.09
N ARG C 139 -37.97 6.32 47.78
CA ARG C 139 -37.69 7.45 46.90
C ARG C 139 -38.43 7.34 45.57
N ASP C 140 -38.64 6.15 45.04
CA ASP C 140 -39.50 5.92 43.89
C ASP C 140 -40.84 6.64 43.97
N MET C 141 -41.45 6.75 45.14
CA MET C 141 -42.62 7.54 45.40
C MET C 141 -42.48 9.05 45.25
N THR C 142 -41.30 9.59 44.94
CA THR C 142 -41.14 11.02 44.80
C THR C 142 -41.14 11.46 43.34
N PHE C 143 -41.16 10.49 42.43
CA PHE C 143 -41.20 10.82 40.99
C PHE C 143 -42.59 11.33 40.57
N SER C 144 -42.66 12.15 39.53
CA SER C 144 -43.95 12.61 39.03
C SER C 144 -44.33 11.78 37.83
N TYR C 145 -45.61 11.53 37.57
CA TYR C 145 -45.99 10.68 36.45
C TYR C 145 -45.13 10.85 35.21
N ALA C 146 -44.91 12.06 34.70
CA ALA C 146 -44.09 12.26 33.50
C ALA C 146 -42.72 11.63 33.69
N ALA C 147 -42.11 11.91 34.85
CA ALA C 147 -40.81 11.31 35.17
C ALA C 147 -40.88 9.79 35.06
N VAL C 148 -41.84 9.12 35.74
CA VAL C 148 -41.89 7.66 35.62
C VAL C 148 -41.93 7.25 34.14
N LYS C 149 -42.79 7.91 33.37
CA LYS C 149 -42.82 7.72 31.92
C LYS C 149 -41.44 7.81 31.32
N GLN C 150 -40.62 8.82 31.63
CA GLN C 150 -39.27 8.86 31.09
C GLN C 150 -38.44 7.67 31.56
N LEU C 151 -38.37 7.42 32.87
CA LEU C 151 -37.60 6.28 33.35
C LEU C 151 -37.99 5.00 32.59
N GLU C 152 -39.28 4.68 32.54
CA GLU C 152 -39.75 3.47 31.89
C GLU C 152 -39.35 3.42 30.42
N GLY C 153 -39.49 4.57 29.75
CA GLY C 153 -39.23 4.66 28.33
C GLY C 153 -37.77 4.69 27.94
N LYS C 154 -36.90 5.30 28.73
CA LYS C 154 -35.51 5.39 28.28
C LYS C 154 -34.42 5.34 29.33
N TYR C 155 -34.67 4.77 30.50
CA TYR C 155 -33.61 4.69 31.51
C TYR C 155 -33.51 3.25 32.04
N LEU C 156 -34.64 2.77 32.55
CA LEU C 156 -34.68 1.45 33.16
C LEU C 156 -34.21 0.37 32.21
N VAL C 157 -33.42 -0.58 32.70
CA VAL C 157 -32.94 -1.67 31.85
C VAL C 157 -34.12 -2.54 31.46
N GLN C 158 -34.33 -2.77 30.18
CA GLN C 158 -35.49 -3.55 29.73
C GLN C 158 -35.25 -4.30 28.42
N ASN C 159 -36.16 -5.19 28.09
CA ASN C 159 -36.06 -5.92 26.82
C ASN C 159 -36.95 -5.16 25.85
N ARG C 160 -36.36 -4.63 24.77
CA ARG C 160 -37.13 -3.79 23.85
C ARG C 160 -38.08 -4.58 22.96
N VAL C 161 -37.73 -5.81 22.63
CA VAL C 161 -38.63 -6.65 21.85
C VAL C 161 -39.80 -7.09 22.72
N THR C 162 -39.51 -7.91 23.73
CA THR C 162 -40.51 -8.47 24.63
C THR C 162 -41.25 -7.47 25.48
N GLY C 163 -40.61 -6.36 25.85
CA GLY C 163 -41.25 -5.37 26.70
C GLY C 163 -40.78 -5.47 28.14
N GLU C 164 -40.39 -6.64 28.62
CA GLU C 164 -39.96 -6.84 29.98
C GLU C 164 -39.09 -5.72 30.56
N ILE C 165 -39.46 -5.26 31.75
CA ILE C 165 -38.69 -4.25 32.48
C ILE C 165 -37.90 -4.98 33.56
N TYR C 166 -36.57 -4.94 33.55
CA TYR C 166 -35.81 -5.71 34.51
C TYR C 166 -35.40 -4.98 35.77
N GLU C 167 -35.67 -3.69 35.97
CA GLU C 167 -35.13 -3.06 37.17
C GLU C 167 -35.98 -1.92 37.69
N SER C 168 -35.48 -1.26 38.74
CA SER C 168 -36.17 -0.12 39.31
C SER C 168 -35.20 1.05 39.50
N ALA C 169 -35.74 2.27 39.47
CA ALA C 169 -34.94 3.48 39.62
C ALA C 169 -33.84 3.37 40.66
N GLN C 170 -34.16 3.08 41.91
CA GLN C 170 -33.14 3.00 42.96
C GLN C 170 -31.99 2.07 42.60
N PHE C 171 -32.27 0.90 42.03
CA PHE C 171 -31.20 0.01 41.62
C PHE C 171 -30.35 0.74 40.58
N LEU C 172 -30.98 1.39 39.60
CA LEU C 172 -30.26 2.16 38.59
C LEU C 172 -29.29 3.14 39.25
N TYR C 173 -29.79 3.99 40.14
CA TYR C 173 -28.92 4.97 40.78
C TYR C 173 -27.79 4.34 41.58
N ILE C 174 -28.10 3.32 42.39
CA ILE C 174 -27.04 2.72 43.20
C ILE C 174 -25.94 2.15 42.32
N LEU C 175 -26.33 1.44 41.27
CA LEU C 175 -25.34 0.83 40.37
C LEU C 175 -24.65 1.84 39.47
N VAL C 176 -25.29 2.99 39.19
CA VAL C 176 -24.56 4.02 38.44
C VAL C 176 -23.44 4.49 39.37
N ALA C 177 -23.77 4.70 40.65
CA ALA C 177 -22.74 5.10 41.62
C ALA C 177 -21.66 4.03 41.69
N ALA C 178 -22.11 2.79 41.92
CA ALA C 178 -21.19 1.67 42.04
C ALA C 178 -20.20 1.65 40.88
N CYS C 179 -20.69 1.69 39.65
CA CYS C 179 -19.79 1.63 38.50
C CYS C 179 -18.87 2.83 38.41
N LEU C 180 -19.39 4.04 38.56
CA LEU C 180 -18.55 5.23 38.49
C LEU C 180 -17.46 5.30 39.55
N PHE C 181 -17.68 4.81 40.77
CA PHE C 181 -16.63 4.85 41.78
C PHE C 181 -16.04 3.48 42.10
N SER C 182 -16.08 2.56 41.13
CA SER C 182 -15.56 1.21 41.34
C SER C 182 -14.05 1.14 41.47
N ASN C 183 -13.28 2.10 40.98
CA ASN C 183 -11.84 2.08 41.12
C ASN C 183 -11.33 2.84 42.34
N TYR C 184 -12.23 3.23 43.22
CA TYR C 184 -11.79 3.91 44.44
C TYR C 184 -11.19 2.90 45.41
N PRO C 185 -10.22 3.39 46.16
CA PRO C 185 -9.53 2.61 47.20
C PRO C 185 -10.64 2.15 48.13
N ARG C 186 -10.53 0.99 48.73
CA ARG C 186 -11.63 0.49 49.57
C ARG C 186 -11.87 1.33 50.78
N GLU C 187 -10.95 2.18 51.22
CA GLU C 187 -11.16 3.04 52.36
C GLU C 187 -12.19 4.13 52.11
N THR C 188 -12.47 4.54 50.87
CA THR C 188 -13.47 5.56 50.60
C THR C 188 -14.52 5.16 49.56
N ARG C 189 -14.29 4.10 48.82
CA ARG C 189 -15.17 3.68 47.73
C ARG C 189 -16.63 3.76 48.12
N LEU C 190 -17.13 2.90 49.00
CA LEU C 190 -18.52 2.90 49.43
C LEU C 190 -19.04 4.20 50.02
N GLN C 191 -18.20 5.01 50.66
CA GLN C 191 -18.60 6.33 51.16
C GLN C 191 -19.06 7.19 50.00
N TYR C 192 -18.22 7.29 48.96
CA TYR C 192 -18.55 7.93 47.70
C TYR C 192 -19.78 7.32 47.04
N VAL C 193 -19.82 6.02 46.86
CA VAL C 193 -21.01 5.39 46.29
C VAL C 193 -22.23 5.88 47.05
N LYS C 194 -22.26 5.77 48.38
CA LYS C 194 -23.42 6.22 49.13
C LYS C 194 -23.69 7.71 48.89
N ARG C 195 -22.69 8.55 49.00
CA ARG C 195 -22.91 9.99 48.82
C ARG C 195 -23.49 10.30 47.45
N PHE C 196 -22.89 9.79 46.38
CA PHE C 196 -23.38 10.02 45.03
C PHE C 196 -24.79 9.47 44.85
N TYR C 197 -25.07 8.27 45.37
CA TYR C 197 -26.40 7.69 45.26
C TYR C 197 -27.45 8.65 45.82
N ASP C 198 -27.25 9.13 47.05
CA ASP C 198 -28.15 10.11 47.63
C ASP C 198 -28.25 11.35 46.73
N ALA C 199 -27.08 11.84 46.27
CA ALA C 199 -27.10 13.04 45.42
C ALA C 199 -28.04 12.82 44.25
N VAL C 200 -27.87 11.74 43.49
CA VAL C 200 -28.74 11.52 42.35
C VAL C 200 -30.13 11.06 42.73
N SER C 201 -30.37 10.15 43.67
CA SER C 201 -31.76 9.76 43.96
C SER C 201 -32.59 10.88 44.57
N THR C 202 -32.00 11.92 45.14
CA THR C 202 -32.80 13.03 45.67
C THR C 202 -32.68 14.22 44.73
N PHE C 203 -32.46 13.93 43.46
CA PHE C 203 -32.42 14.84 42.35
C PHE C 203 -31.54 16.08 42.53
N LYS C 204 -30.44 15.99 43.28
CA LYS C 204 -29.55 17.15 43.43
C LYS C 204 -28.66 17.28 42.18
N ILE C 205 -28.30 16.16 41.60
CA ILE C 205 -27.44 16.11 40.42
C ILE C 205 -28.14 15.34 39.30
N SER C 206 -28.14 15.89 38.10
CA SER C 206 -28.77 15.22 36.96
C SER C 206 -27.71 14.61 36.07
N LEU C 207 -28.00 13.45 35.49
CA LEU C 207 -26.99 12.84 34.60
C LEU C 207 -27.67 12.52 33.28
N PRO C 208 -26.95 12.68 32.18
CA PRO C 208 -27.40 12.50 30.83
C PRO C 208 -27.94 11.11 30.53
N THR C 209 -28.85 11.07 29.53
CA THR C 209 -29.51 9.82 29.18
C THR C 209 -28.60 8.63 28.93
N PRO C 210 -27.58 8.80 28.13
CA PRO C 210 -26.63 7.73 27.83
C PRO C 210 -26.10 7.14 29.13
N ILE C 211 -25.60 8.00 30.02
CA ILE C 211 -25.06 7.52 31.30
C ILE C 211 -26.12 6.77 32.08
N MET C 212 -27.25 7.43 32.30
CA MET C 212 -28.34 6.88 33.07
C MET C 212 -28.88 5.55 32.56
N SER C 213 -28.93 5.36 31.25
CA SER C 213 -29.46 4.13 30.70
C SER C 213 -28.41 3.03 30.62
N GLY C 214 -27.14 3.39 30.43
CA GLY C 214 -26.12 2.40 30.23
C GLY C 214 -25.12 2.04 31.28
N VAL C 215 -24.71 3.00 32.11
CA VAL C 215 -23.67 2.71 33.11
C VAL C 215 -24.22 1.65 34.05
N ARG C 216 -23.71 0.43 33.96
CA ARG C 216 -24.13 -0.70 34.78
C ARG C 216 -24.31 -1.90 33.84
N THR C 217 -24.62 -1.55 32.60
CA THR C 217 -24.84 -2.57 31.57
C THR C 217 -23.51 -2.78 30.88
N PRO C 218 -23.39 -3.83 30.09
CA PRO C 218 -22.20 -4.21 29.37
C PRO C 218 -21.67 -3.20 28.37
N THR C 219 -22.43 -2.20 27.95
CA THR C 219 -21.92 -1.22 27.00
C THR C 219 -20.79 -0.40 27.63
N ARG C 220 -20.20 0.45 26.81
CA ARG C 220 -19.12 1.34 27.18
C ARG C 220 -19.22 2.62 26.34
N GLN C 221 -20.30 2.71 25.58
CA GLN C 221 -20.53 3.88 24.74
C GLN C 221 -21.36 4.88 25.52
N PHE C 222 -20.88 6.07 25.87
CA PHE C 222 -21.68 6.99 26.68
C PHE C 222 -21.62 8.44 26.19
N SER C 223 -20.81 8.73 25.19
CA SER C 223 -20.67 10.10 24.68
C SER C 223 -21.90 10.54 23.88
N SER C 224 -22.48 11.68 24.23
CA SER C 224 -23.64 12.23 23.56
C SER C 224 -23.32 13.21 22.44
N CYS C 225 -22.16 13.85 22.43
CA CYS C 225 -21.85 14.77 21.36
C CYS C 225 -20.34 14.88 21.16
N VAL C 226 -20.03 15.04 19.88
CA VAL C 226 -18.69 15.08 19.33
C VAL C 226 -18.51 16.40 18.61
N LEU C 227 -17.30 16.90 18.53
CA LEU C 227 -16.94 18.10 17.80
C LEU C 227 -15.76 17.77 16.88
N ILE C 228 -15.97 17.67 15.58
CA ILE C 228 -14.90 17.35 14.64
C ILE C 228 -14.50 18.57 13.83
N GLU C 229 -13.23 18.86 13.64
CA GLU C 229 -12.80 20.00 12.82
C GLU C 229 -12.27 19.44 11.49
N CYS C 230 -12.65 20.04 10.37
CA CYS C 230 -12.27 19.46 9.08
C CYS C 230 -11.19 20.26 8.38
N GLY C 231 -10.08 19.60 8.06
CA GLY C 231 -9.00 20.35 7.40
C GLY C 231 -9.43 20.52 5.95
N ASP C 232 -8.83 21.46 5.23
CA ASP C 232 -9.16 21.68 3.83
C ASP C 232 -8.43 20.67 2.95
N SER C 233 -8.89 19.42 2.96
CA SER C 233 -8.24 18.39 2.16
C SER C 233 -9.10 17.16 2.00
N LEU C 234 -9.06 16.51 0.83
CA LEU C 234 -9.85 15.32 0.61
C LEU C 234 -9.63 14.29 1.71
N ASP C 235 -8.38 14.10 2.14
CA ASP C 235 -8.07 13.18 3.23
C ASP C 235 -8.83 13.59 4.49
N SER C 236 -8.75 14.87 4.84
CA SER C 236 -9.43 15.35 6.06
C SER C 236 -10.94 15.27 5.90
N ILE C 237 -11.44 15.63 4.72
CA ILE C 237 -12.86 15.52 4.43
C ILE C 237 -13.27 14.06 4.60
N ASN C 238 -12.51 13.13 4.02
CA ASN C 238 -12.84 11.71 4.19
C ASN C 238 -12.79 11.33 5.65
N ALA C 239 -11.71 11.68 6.34
CA ALA C 239 -11.56 11.39 7.76
C ALA C 239 -12.75 11.90 8.57
N THR C 240 -13.06 13.19 8.38
CA THR C 240 -14.19 13.82 9.08
C THR C 240 -15.44 12.97 8.89
N SER C 241 -15.75 12.75 7.60
CA SER C 241 -16.92 11.94 7.27
C SER C 241 -16.85 10.62 8.01
N SER C 242 -15.75 9.87 7.97
CA SER C 242 -15.68 8.60 8.69
C SER C 242 -15.95 8.77 10.17
N ALA C 243 -15.37 9.78 10.80
CA ALA C 243 -15.63 10.00 12.22
C ALA C 243 -17.14 10.14 12.42
N ILE C 244 -17.81 11.02 11.68
CA ILE C 244 -19.26 11.18 11.82
C ILE C 244 -20.02 9.87 11.73
N VAL C 245 -19.78 9.04 10.74
CA VAL C 245 -20.50 7.77 10.61
C VAL C 245 -20.33 6.93 11.87
N LYS C 246 -19.13 6.82 12.40
CA LYS C 246 -18.92 6.03 13.61
C LYS C 246 -19.69 6.60 14.81
N TYR C 247 -19.65 7.93 14.92
CA TYR C 247 -20.27 8.60 16.05
C TYR C 247 -21.77 8.72 15.98
N VAL C 248 -22.39 8.86 14.82
CA VAL C 248 -23.84 8.93 14.78
C VAL C 248 -24.38 7.52 14.96
N SER C 249 -23.55 6.53 14.64
CA SER C 249 -23.91 5.12 14.80
C SER C 249 -24.06 4.75 16.26
N GLN C 250 -23.57 5.57 17.17
CA GLN C 250 -23.70 5.43 18.60
C GLN C 250 -24.53 6.64 19.07
N ARG C 251 -25.53 7.00 18.28
CA ARG C 251 -26.47 8.07 18.59
C ARG C 251 -25.90 9.34 19.18
N ALA C 252 -24.80 9.89 18.63
CA ALA C 252 -24.24 11.12 19.18
C ALA C 252 -24.49 12.35 18.32
N GLY C 253 -24.71 13.49 18.97
CA GLY C 253 -24.92 14.75 18.28
C GLY C 253 -23.59 15.18 17.65
N ILE C 254 -23.60 15.66 16.40
CA ILE C 254 -22.35 16.05 15.76
C ILE C 254 -22.21 17.55 15.60
N GLY C 255 -21.04 18.09 15.86
CA GLY C 255 -20.79 19.52 15.67
C GLY C 255 -19.54 19.56 14.77
N ILE C 256 -19.68 19.99 13.54
CA ILE C 256 -18.62 19.93 12.56
C ILE C 256 -18.12 21.32 12.17
N ASN C 257 -16.82 21.54 12.12
CA ASN C 257 -16.32 22.84 11.66
C ASN C 257 -15.79 22.62 10.26
N ALA C 258 -16.49 23.11 9.23
CA ALA C 258 -16.01 22.91 7.86
C ALA C 258 -15.59 24.24 7.26
N GLY C 259 -15.24 25.20 8.11
CA GLY C 259 -14.84 26.53 7.75
C GLY C 259 -13.63 26.73 6.87
N ARG C 260 -12.64 25.87 6.91
CA ARG C 260 -11.46 26.05 6.05
C ARG C 260 -11.64 25.40 4.68
N ILE C 261 -12.72 24.66 4.45
CA ILE C 261 -12.88 24.08 3.10
C ILE C 261 -12.91 25.28 2.13
N ARG C 262 -11.92 25.33 1.26
CA ARG C 262 -11.75 26.45 0.33
C ARG C 262 -13.00 26.65 -0.51
N ALA C 263 -13.17 27.85 -1.05
CA ALA C 263 -14.33 28.22 -1.81
C ALA C 263 -14.39 27.70 -3.24
N LEU C 264 -15.61 27.76 -3.76
CA LEU C 264 -15.89 27.40 -5.15
C LEU C 264 -15.05 28.25 -6.10
N GLY C 265 -14.47 27.59 -7.10
CA GLY C 265 -13.64 28.29 -8.08
C GLY C 265 -12.16 28.32 -7.76
N SER C 266 -11.82 28.18 -6.49
CA SER C 266 -10.43 28.21 -6.04
C SER C 266 -9.62 27.17 -6.80
N PRO C 267 -8.38 27.54 -7.10
CA PRO C 267 -7.44 26.72 -7.81
C PRO C 267 -7.19 25.40 -7.10
N ILE C 268 -6.94 24.33 -7.84
CA ILE C 268 -6.55 23.05 -7.28
C ILE C 268 -5.38 22.49 -8.10
N ARG C 269 -4.24 22.31 -7.44
CA ARG C 269 -3.02 21.77 -8.02
C ARG C 269 -2.19 22.81 -8.76
N GLY C 270 -2.75 23.99 -8.99
CA GLY C 270 -2.11 25.08 -9.70
C GLY C 270 -3.17 25.80 -10.55
N GLY C 271 -3.42 25.26 -11.73
CA GLY C 271 -4.42 25.79 -12.65
C GLY C 271 -4.97 24.60 -13.45
N GLU C 272 -4.55 23.41 -13.01
CA GLU C 272 -4.94 22.16 -13.66
C GLU C 272 -6.40 21.81 -13.40
N ALA C 273 -6.96 22.25 -12.28
CA ALA C 273 -8.36 22.00 -11.97
C ALA C 273 -8.88 23.00 -10.94
N PHE C 274 -10.10 23.48 -11.16
CA PHE C 274 -10.70 24.46 -10.26
C PHE C 274 -11.66 23.75 -9.31
N HIS C 275 -11.68 24.22 -8.07
CA HIS C 275 -12.51 23.67 -7.00
C HIS C 275 -14.00 23.67 -7.31
N THR C 276 -14.72 22.75 -6.68
CA THR C 276 -16.14 22.57 -6.91
C THR C 276 -17.05 23.23 -5.90
N GLY C 277 -16.54 23.65 -4.76
CA GLY C 277 -17.26 24.36 -3.73
C GLY C 277 -17.35 23.61 -2.41
N CYS C 278 -17.91 24.27 -1.39
CA CYS C 278 -18.11 23.66 -0.09
C CYS C 278 -19.37 22.81 -0.03
N ILE C 279 -20.42 23.24 -0.73
CA ILE C 279 -21.73 22.59 -0.67
C ILE C 279 -21.70 21.12 -0.93
N PRO C 280 -21.12 20.69 -2.03
CA PRO C 280 -20.94 19.28 -2.33
C PRO C 280 -20.43 18.51 -1.13
N PHE C 281 -19.45 19.04 -0.40
CA PHE C 281 -18.95 18.37 0.80
C PHE C 281 -19.94 18.44 1.95
N TYR C 282 -20.58 19.59 2.17
CA TYR C 282 -21.60 19.68 3.20
C TYR C 282 -22.68 18.62 2.97
N LYS C 283 -23.13 18.45 1.73
CA LYS C 283 -24.12 17.42 1.42
C LYS C 283 -23.58 16.07 1.84
N HIS C 284 -22.27 15.86 1.64
CA HIS C 284 -21.62 14.61 1.99
C HIS C 284 -21.58 14.41 3.48
N PHE C 285 -21.27 15.46 4.26
CA PHE C 285 -21.33 15.31 5.72
C PHE C 285 -22.77 15.09 6.17
N GLN C 286 -23.75 15.72 5.52
CA GLN C 286 -25.15 15.48 5.85
C GLN C 286 -25.53 14.02 5.64
N THR C 287 -25.15 13.36 4.56
CA THR C 287 -25.49 11.94 4.42
C THR C 287 -24.76 11.13 5.47
N ALA C 288 -23.53 11.54 5.81
CA ALA C 288 -22.77 10.85 6.85
C ALA C 288 -23.58 10.92 8.15
N VAL C 289 -23.99 12.14 8.50
CA VAL C 289 -24.80 12.39 9.68
C VAL C 289 -26.06 11.57 9.73
N LYS C 290 -26.78 11.41 8.64
CA LYS C 290 -28.01 10.63 8.63
C LYS C 290 -27.84 9.19 8.21
N SER C 291 -26.62 8.71 8.05
CA SER C 291 -26.30 7.36 7.65
C SER C 291 -26.93 6.24 8.47
N CYS C 292 -27.29 6.50 9.72
CA CYS C 292 -27.95 5.53 10.58
C CYS C 292 -29.30 6.03 11.08
N SER C 293 -30.13 6.51 10.15
CA SER C 293 -31.47 7.01 10.42
C SER C 293 -32.50 6.36 9.49
N GLN C 294 -33.68 6.04 10.00
CA GLN C 294 -34.70 5.42 9.16
C GLN C 294 -34.93 6.22 7.88
N GLY C 295 -34.56 5.64 6.75
CA GLY C 295 -34.67 6.28 5.45
C GLY C 295 -33.56 7.28 5.16
N GLY C 296 -33.54 8.36 5.94
CA GLY C 296 -32.60 9.45 5.88
C GLY C 296 -33.17 10.64 6.66
N VAL C 297 -34.02 10.32 7.65
CA VAL C 297 -34.72 11.31 8.45
C VAL C 297 -34.50 11.16 9.95
N ARG C 298 -35.14 10.17 10.55
CA ARG C 298 -35.16 9.87 11.96
C ARG C 298 -33.87 9.93 12.76
N GLY C 299 -33.53 11.10 13.31
CA GLY C 299 -32.36 11.20 14.17
C GLY C 299 -31.09 11.57 13.41
N GLY C 300 -29.98 11.64 14.14
CA GLY C 300 -28.71 12.05 13.52
C GLY C 300 -28.79 13.56 13.36
N ALA C 301 -28.20 14.29 14.29
CA ALA C 301 -28.24 15.75 14.22
C ALA C 301 -26.83 16.31 14.10
N ALA C 302 -26.72 17.45 13.45
CA ALA C 302 -25.41 18.08 13.30
C ALA C 302 -25.57 19.59 13.14
N THR C 303 -24.53 20.33 13.47
CA THR C 303 -24.45 21.76 13.33
C THR C 303 -23.04 22.07 12.77
N LEU C 304 -23.06 22.63 11.57
CA LEU C 304 -21.84 22.95 10.83
C LEU C 304 -21.48 24.39 11.08
N PHE C 305 -20.19 24.70 11.21
CA PHE C 305 -19.79 26.08 11.53
C PHE C 305 -18.93 26.70 10.44
N TYR C 306 -19.06 27.98 10.14
CA TYR C 306 -18.21 28.63 9.16
C TYR C 306 -18.11 30.11 9.51
N PRO C 307 -17.02 30.72 9.11
CA PRO C 307 -16.79 32.13 9.35
C PRO C 307 -17.78 32.93 8.52
N MET C 308 -18.15 34.12 9.01
CA MET C 308 -19.05 34.98 8.28
C MET C 308 -18.39 35.49 7.01
N TRP C 309 -17.06 35.64 6.98
CA TRP C 309 -16.37 36.17 5.82
C TRP C 309 -16.00 35.13 4.78
N HIS C 310 -16.36 33.86 5.00
CA HIS C 310 -16.05 32.85 3.98
C HIS C 310 -16.56 33.32 2.62
N LEU C 311 -15.80 33.04 1.55
CA LEU C 311 -16.22 33.50 0.23
C LEU C 311 -17.62 33.03 -0.16
N GLU C 312 -18.02 31.81 0.16
CA GLU C 312 -19.34 31.31 -0.17
C GLU C 312 -20.39 31.59 0.90
N VAL C 313 -20.17 32.54 1.81
CA VAL C 313 -21.11 32.82 2.87
C VAL C 313 -22.55 33.01 2.45
N GLU C 314 -22.83 33.78 1.40
CA GLU C 314 -24.23 34.04 1.04
C GLU C 314 -24.93 32.79 0.51
N SER C 315 -24.19 31.80 -0.01
CA SER C 315 -24.79 30.57 -0.47
C SER C 315 -24.94 29.61 0.72
N LEU C 316 -24.02 29.72 1.67
CA LEU C 316 -24.07 28.90 2.89
C LEU C 316 -25.22 29.34 3.79
N LEU C 317 -25.43 30.64 3.98
CA LEU C 317 -26.51 31.17 4.80
C LEU C 317 -27.94 30.76 4.45
N VAL C 318 -28.22 30.41 3.21
CA VAL C 318 -29.58 30.04 2.79
C VAL C 318 -29.69 28.55 2.53
N LEU C 319 -28.76 27.76 3.07
CA LEU C 319 -28.84 26.32 2.84
C LEU C 319 -30.13 25.67 3.33
N LYS C 320 -30.81 26.22 4.32
CA LYS C 320 -32.05 25.62 4.78
C LYS C 320 -33.25 26.23 4.05
N ASN C 321 -33.06 27.37 3.39
CA ASN C 321 -34.18 27.97 2.66
C ASN C 321 -34.85 26.87 1.83
N ASN C 322 -36.12 26.62 2.07
CA ASN C 322 -36.84 25.57 1.35
C ASN C 322 -37.08 25.95 -0.10
N ARG C 323 -37.49 27.19 -0.34
CA ARG C 323 -37.66 27.68 -1.71
C ARG C 323 -36.31 27.81 -2.39
N GLY C 324 -35.83 26.76 -3.06
CA GLY C 324 -34.54 26.82 -3.74
C GLY C 324 -34.23 25.55 -4.49
N VAL C 325 -33.32 25.63 -5.45
CA VAL C 325 -32.91 24.47 -6.24
C VAL C 325 -32.28 23.43 -5.33
N GLU C 326 -32.69 22.18 -5.50
CA GLU C 326 -32.20 21.03 -4.76
C GLU C 326 -30.69 21.01 -4.59
N GLY C 327 -29.95 21.19 -5.67
CA GLY C 327 -28.51 21.19 -5.69
C GLY C 327 -27.83 22.28 -4.89
N ASN C 328 -28.54 23.35 -4.56
CA ASN C 328 -27.98 24.44 -3.77
C ASN C 328 -28.63 24.53 -2.40
N ARG C 329 -28.84 23.39 -1.76
CA ARG C 329 -29.49 23.32 -0.46
C ARG C 329 -29.00 22.14 0.36
N VAL C 330 -28.70 22.35 1.63
CA VAL C 330 -28.37 21.25 2.54
C VAL C 330 -29.24 21.50 3.78
N ARG C 331 -30.54 21.25 3.60
CA ARG C 331 -31.58 21.58 4.55
C ARG C 331 -31.60 20.82 5.86
N HIS C 332 -31.00 19.65 6.01
CA HIS C 332 -31.13 18.87 7.22
C HIS C 332 -29.98 18.97 8.18
N MET C 333 -29.39 20.14 8.32
CA MET C 333 -28.32 20.38 9.28
C MET C 333 -28.45 21.84 9.74
N ASP C 334 -28.15 22.09 11.01
CA ASP C 334 -28.20 23.48 11.47
C ASP C 334 -26.83 24.10 11.24
N TYR C 335 -26.74 25.42 11.08
CA TYR C 335 -25.48 26.11 10.83
C TYR C 335 -25.14 27.10 11.93
N GLY C 336 -23.84 27.29 12.16
CA GLY C 336 -23.38 28.24 13.18
C GLY C 336 -22.47 29.27 12.52
N VAL C 337 -22.99 30.46 12.30
CA VAL C 337 -22.21 31.53 11.69
C VAL C 337 -21.25 32.11 12.74
N GLN C 338 -19.96 32.16 12.43
CA GLN C 338 -19.01 32.71 13.40
C GLN C 338 -18.63 34.15 13.11
N ILE C 339 -18.94 35.03 14.05
CA ILE C 339 -18.64 36.45 13.94
C ILE C 339 -17.61 36.88 14.99
N ASN C 340 -17.00 38.03 14.78
CA ASN C 340 -16.05 38.61 15.70
C ASN C 340 -16.32 40.12 15.72
N LYS C 341 -15.66 40.85 16.60
CA LYS C 341 -15.78 42.28 16.72
C LYS C 341 -15.75 43.07 15.41
N LEU C 342 -14.73 42.82 14.59
CA LEU C 342 -14.57 43.56 13.34
C LEU C 342 -15.83 43.50 12.51
N MET C 343 -16.40 42.31 12.31
CA MET C 343 -17.63 42.19 11.53
C MET C 343 -18.72 43.10 12.09
N TYR C 344 -19.03 43.06 13.39
CA TYR C 344 -20.05 43.90 13.96
C TYR C 344 -19.80 45.39 13.73
N THR C 345 -18.55 45.83 13.89
CA THR C 345 -18.23 47.24 13.65
C THR C 345 -18.55 47.60 12.20
N ARG C 346 -18.18 46.73 11.26
CA ARG C 346 -18.56 46.97 9.86
C ARG C 346 -20.06 47.25 9.80
N LEU C 347 -20.90 46.42 10.41
CA LEU C 347 -22.32 46.66 10.47
C LEU C 347 -22.65 48.04 11.05
N LEU C 348 -22.17 48.34 12.25
CA LEU C 348 -22.46 49.61 12.92
C LEU C 348 -22.04 50.83 12.12
N LYS C 349 -20.85 50.80 11.53
CA LYS C 349 -20.38 51.90 10.69
C LYS C 349 -21.03 51.91 9.31
N GLY C 350 -21.90 50.97 9.00
CA GLY C 350 -22.56 50.88 7.71
C GLY C 350 -21.55 50.65 6.59
N GLU C 351 -20.51 49.88 6.88
CA GLU C 351 -19.43 49.65 5.94
C GLU C 351 -19.60 48.31 5.27
N ASP C 352 -18.59 47.88 4.52
CA ASP C 352 -18.64 46.63 3.80
C ASP C 352 -17.92 45.54 4.56
N ILE C 353 -18.22 44.29 4.19
CA ILE C 353 -17.47 43.16 4.74
C ILE C 353 -16.86 42.48 3.52
N THR C 354 -15.57 42.18 3.58
CA THR C 354 -14.92 41.52 2.46
C THR C 354 -14.99 40.01 2.65
N LEU C 355 -15.41 39.28 1.62
CA LEU C 355 -15.45 37.83 1.71
C LEU C 355 -14.18 37.25 1.12
N PHE C 356 -13.63 36.21 1.73
CA PHE C 356 -12.40 35.59 1.29
C PHE C 356 -12.44 34.06 1.46
N SER C 357 -11.86 33.35 0.50
CA SER C 357 -11.71 31.90 0.72
C SER C 357 -10.55 31.82 1.71
N PRO C 358 -10.66 30.98 2.72
CA PRO C 358 -9.62 30.78 3.72
C PRO C 358 -8.32 30.36 3.04
N SER C 359 -8.38 29.58 1.97
CA SER C 359 -7.22 29.14 1.24
C SER C 359 -6.36 30.27 0.67
N ASP C 360 -6.90 31.44 0.41
CA ASP C 360 -6.16 32.55 -0.15
C ASP C 360 -5.73 33.64 0.81
N VAL C 361 -5.88 33.50 2.12
CA VAL C 361 -5.48 34.58 3.03
C VAL C 361 -4.68 34.06 4.21
N PRO C 362 -3.39 33.91 3.99
CA PRO C 362 -2.46 33.33 4.95
C PRO C 362 -2.66 33.93 6.32
N GLY C 363 -2.83 33.07 7.32
CA GLY C 363 -2.99 33.50 8.69
C GLY C 363 -4.31 34.08 9.13
N LEU C 364 -5.25 34.38 8.24
CA LEU C 364 -6.51 35.00 8.63
C LEU C 364 -7.33 34.12 9.56
N TYR C 365 -7.68 32.93 9.06
CA TYR C 365 -8.48 31.96 9.82
C TYR C 365 -7.97 31.80 11.23
N ASP C 366 -6.72 31.42 11.46
CA ASP C 366 -6.22 31.32 12.83
C ASP C 366 -6.44 32.63 13.56
N ALA C 367 -5.91 33.73 13.04
CA ALA C 367 -6.05 35.06 13.67
C ALA C 367 -7.46 35.27 14.16
N PHE C 368 -8.45 35.14 13.30
CA PHE C 368 -9.87 35.24 13.60
C PHE C 368 -10.24 34.66 14.96
N PHE C 369 -9.84 33.44 15.28
CA PHE C 369 -10.14 32.91 16.61
C PHE C 369 -9.15 33.31 17.70
N ALA C 370 -7.85 33.27 17.42
CA ALA C 370 -6.83 33.45 18.43
C ALA C 370 -6.34 34.86 18.67
N ASP C 371 -6.24 35.69 17.65
CA ASP C 371 -5.71 37.04 17.88
C ASP C 371 -6.50 38.09 17.12
N GLN C 372 -7.26 38.92 17.83
CA GLN C 372 -8.10 39.88 17.12
C GLN C 372 -7.29 41.00 16.50
N GLU C 373 -6.24 41.47 17.16
CA GLU C 373 -5.39 42.52 16.59
C GLU C 373 -4.78 42.02 15.29
N GLU C 374 -4.17 40.84 15.37
CA GLU C 374 -3.56 40.23 14.19
C GLU C 374 -4.59 39.99 13.11
N PHE C 375 -5.79 39.56 13.48
CA PHE C 375 -6.86 39.37 12.52
C PHE C 375 -7.11 40.69 11.80
N GLU C 376 -7.37 41.73 12.57
CA GLU C 376 -7.62 43.05 11.99
C GLU C 376 -6.49 43.49 11.05
N ARG C 377 -5.24 43.31 11.46
CA ARG C 377 -4.11 43.65 10.62
C ARG C 377 -4.20 42.92 9.29
N LEU C 378 -4.15 41.59 9.36
CA LEU C 378 -4.27 40.75 8.17
C LEU C 378 -5.50 41.06 7.32
N TYR C 379 -6.66 41.19 7.95
CA TYR C 379 -7.89 41.51 7.25
C TYR C 379 -7.78 42.75 6.37
N THR C 380 -7.30 43.87 6.94
CA THR C 380 -7.18 45.10 6.16
C THR C 380 -6.12 44.92 5.07
N LYS C 381 -4.98 44.34 5.45
CA LYS C 381 -3.92 44.08 4.47
C LYS C 381 -4.50 43.41 3.23
N TYR C 382 -5.11 42.24 3.40
CA TYR C 382 -5.70 41.51 2.28
C TYR C 382 -6.84 42.25 1.60
N GLU C 383 -7.58 43.12 2.30
CA GLU C 383 -8.61 43.92 1.64
C GLU C 383 -7.96 44.75 0.54
N LYS C 384 -6.85 45.43 0.85
CA LYS C 384 -6.09 46.22 -0.09
C LYS C 384 -5.47 45.36 -1.20
N ASP C 385 -4.70 44.36 -0.83
CA ASP C 385 -4.01 43.50 -1.79
C ASP C 385 -4.93 42.97 -2.88
N ASP C 386 -4.78 43.50 -4.09
CA ASP C 386 -5.57 43.15 -5.25
C ASP C 386 -5.27 41.79 -5.87
N SER C 387 -4.20 41.13 -5.45
CA SER C 387 -3.88 39.80 -5.95
C SER C 387 -4.82 38.76 -5.35
N ILE C 388 -5.30 39.02 -4.14
CA ILE C 388 -6.19 38.13 -3.42
C ILE C 388 -7.64 38.15 -3.92
N ARG C 389 -8.13 36.97 -4.32
CA ARG C 389 -9.53 36.88 -4.72
C ARG C 389 -10.39 37.37 -3.56
N LYS C 390 -11.47 38.09 -3.87
CA LYS C 390 -12.33 38.56 -2.79
C LYS C 390 -13.67 39.04 -3.31
N GLN C 391 -14.56 39.36 -2.39
CA GLN C 391 -15.89 39.87 -2.73
C GLN C 391 -16.30 40.87 -1.66
N ARG C 392 -16.95 41.95 -2.06
CA ARG C 392 -17.46 42.93 -1.10
C ARG C 392 -18.97 42.71 -0.94
N VAL C 393 -19.49 42.85 0.26
CA VAL C 393 -20.92 42.77 0.50
C VAL C 393 -21.19 43.82 1.58
N LYS C 394 -22.36 44.43 1.52
CA LYS C 394 -22.69 45.46 2.52
C LYS C 394 -23.00 44.78 3.85
N ALA C 395 -22.28 45.13 4.90
CA ALA C 395 -22.51 44.54 6.22
C ALA C 395 -23.98 44.41 6.59
N VAL C 396 -24.77 45.45 6.41
CA VAL C 396 -26.20 45.40 6.67
C VAL C 396 -26.87 44.28 5.86
N GLU C 397 -26.48 44.16 4.59
CA GLU C 397 -27.04 43.14 3.74
C GLU C 397 -26.73 41.76 4.33
N LEU C 398 -25.44 41.50 4.53
CA LEU C 398 -25.00 40.21 5.05
C LEU C 398 -25.67 39.91 6.39
N PHE C 399 -25.53 40.80 7.35
CA PHE C 399 -26.18 40.59 8.63
C PHE C 399 -27.67 40.36 8.49
N SER C 400 -28.35 41.19 7.70
CA SER C 400 -29.79 41.03 7.51
C SER C 400 -30.10 39.67 6.88
N LEU C 401 -29.28 39.26 5.92
CA LEU C 401 -29.51 37.97 5.29
C LEU C 401 -29.49 36.85 6.34
N MET C 402 -28.42 36.85 7.12
CA MET C 402 -28.25 35.85 8.17
C MET C 402 -29.40 35.86 9.16
N MET C 403 -29.78 37.04 9.66
CA MET C 403 -30.83 37.13 10.65
C MET C 403 -32.17 36.69 10.09
N GLN C 404 -32.38 36.97 8.82
CA GLN C 404 -33.60 36.56 8.12
C GLN C 404 -33.74 35.04 8.19
N GLU C 405 -32.70 34.36 7.70
CA GLU C 405 -32.64 32.92 7.70
C GLU C 405 -32.68 32.37 9.13
N ARG C 406 -32.09 33.09 10.08
CA ARG C 406 -32.16 32.67 11.47
C ARG C 406 -33.62 32.80 11.92
N ALA C 407 -34.26 33.89 11.52
CA ALA C 407 -35.64 34.15 11.93
C ALA C 407 -36.60 33.14 11.32
N SER C 408 -36.46 32.82 10.03
CA SER C 408 -37.34 31.87 9.38
C SER C 408 -37.15 30.44 9.86
N THR C 409 -35.92 29.95 9.87
CA THR C 409 -35.73 28.55 10.26
C THR C 409 -35.58 28.38 11.76
N GLY C 410 -35.03 29.41 12.42
CA GLY C 410 -34.79 29.34 13.85
C GLY C 410 -33.43 28.70 14.17
N ARG C 411 -32.77 28.14 13.16
CA ARG C 411 -31.62 27.27 13.31
C ARG C 411 -30.36 27.81 12.65
N ILE C 412 -30.23 29.12 12.52
CA ILE C 412 -28.97 29.67 12.01
C ILE C 412 -28.39 30.33 13.28
N TYR C 413 -27.45 29.63 13.89
CA TYR C 413 -26.86 30.09 15.13
C TYR C 413 -25.63 30.99 14.93
N ILE C 414 -25.34 31.76 15.98
CA ILE C 414 -24.20 32.67 15.96
C ILE C 414 -23.14 32.21 16.95
N GLN C 415 -21.87 32.32 16.58
CA GLN C 415 -20.81 32.05 17.55
C GLN C 415 -19.84 33.25 17.55
N ASN C 416 -19.76 33.92 18.69
CA ASN C 416 -18.86 35.06 18.86
C ASN C 416 -17.47 34.53 19.21
N VAL C 417 -16.64 34.31 18.18
CA VAL C 417 -15.39 33.58 18.34
C VAL C 417 -14.39 34.38 19.17
N ASP C 418 -14.48 35.71 19.09
CA ASP C 418 -13.53 36.51 19.88
C ASP C 418 -13.85 36.23 21.35
N HIS C 419 -15.12 36.40 21.74
CA HIS C 419 -15.55 36.09 23.10
C HIS C 419 -15.19 34.66 23.48
N CYS C 420 -15.31 33.71 22.56
CA CYS C 420 -14.94 32.33 22.83
C CYS C 420 -13.46 32.11 23.12
N ASN C 421 -12.57 33.00 22.68
CA ASN C 421 -11.16 32.81 22.94
C ASN C 421 -10.60 33.82 23.92
N THR C 422 -11.12 35.03 24.02
CA THR C 422 -10.59 35.98 24.98
C THR C 422 -11.06 35.68 26.40
N HIS C 423 -12.20 35.00 26.52
CA HIS C 423 -12.76 34.65 27.82
C HIS C 423 -13.00 33.15 27.91
N SER C 424 -11.92 32.38 27.85
CA SER C 424 -11.96 30.93 27.91
C SER C 424 -10.82 30.43 28.79
N PRO C 425 -10.89 29.16 29.16
CA PRO C 425 -9.92 28.48 29.98
C PRO C 425 -8.66 28.16 29.20
N PHE C 426 -8.71 28.26 27.88
CA PHE C 426 -7.58 27.88 27.06
C PHE C 426 -6.75 29.04 26.55
N ASP C 427 -5.54 28.70 26.12
CA ASP C 427 -4.62 29.63 25.51
C ASP C 427 -4.88 29.60 24.01
N PRO C 428 -5.42 30.69 23.48
CA PRO C 428 -5.75 30.86 22.08
C PRO C 428 -4.60 30.52 21.15
N ALA C 429 -3.40 30.90 21.52
CA ALA C 429 -2.22 30.57 20.74
C ALA C 429 -1.97 29.07 20.68
N ILE C 430 -2.21 28.34 21.77
CA ILE C 430 -1.91 26.93 21.79
C ILE C 430 -3.10 26.03 21.45
N ALA C 431 -4.25 26.39 21.99
CA ALA C 431 -5.45 25.56 21.84
C ALA C 431 -6.71 26.42 21.85
N PRO C 432 -6.98 27.05 20.73
CA PRO C 432 -8.08 27.98 20.54
C PRO C 432 -9.41 27.25 20.46
N VAL C 433 -10.50 27.98 20.59
CA VAL C 433 -11.83 27.38 20.45
C VAL C 433 -12.46 27.92 19.17
N ARG C 434 -12.62 27.06 18.18
CA ARG C 434 -13.01 27.50 16.85
C ARG C 434 -14.32 26.86 16.38
N GLN C 435 -15.18 26.53 17.33
CA GLN C 435 -16.44 25.89 16.98
C GLN C 435 -17.21 25.56 18.25
N SER C 436 -18.44 25.08 18.11
CA SER C 436 -19.18 24.64 19.28
C SER C 436 -19.78 23.27 18.95
N ASN C 437 -20.79 22.83 19.66
CA ASN C 437 -21.41 21.53 19.37
C ASN C 437 -22.81 21.75 18.80
N LEU C 438 -23.58 20.67 18.71
CA LEU C 438 -24.94 20.72 18.20
C LEU C 438 -25.73 21.82 18.87
N CYS C 439 -25.82 21.81 20.20
CA CYS C 439 -26.65 22.73 20.95
C CYS C 439 -25.96 24.00 21.40
N LEU C 440 -24.83 24.32 20.80
CA LEU C 440 -24.09 25.54 21.07
C LEU C 440 -23.69 25.86 22.50
N GLU C 441 -23.43 24.87 23.34
CA GLU C 441 -22.97 25.15 24.69
C GLU C 441 -21.53 24.68 24.92
N ILE C 442 -21.06 23.72 24.14
CA ILE C 442 -19.67 23.28 24.32
C ILE C 442 -18.67 24.18 23.60
N ALA C 443 -17.53 24.40 24.24
CA ALA C 443 -16.47 25.21 23.63
C ALA C 443 -15.10 24.65 24.01
N LEU C 444 -14.52 23.87 23.11
CA LEU C 444 -13.29 23.13 23.36
C LEU C 444 -12.41 23.09 22.12
N PRO C 445 -11.13 22.86 22.34
CA PRO C 445 -10.11 22.79 21.30
C PRO C 445 -10.33 21.53 20.46
N THR C 446 -9.97 21.62 19.18
CA THR C 446 -10.12 20.54 18.23
C THR C 446 -8.98 20.63 17.20
N LYS C 447 -8.56 19.51 16.66
CA LYS C 447 -7.53 19.48 15.62
C LYS C 447 -8.04 18.54 14.53
N PRO C 448 -7.92 18.91 13.27
CA PRO C 448 -8.39 18.13 12.15
C PRO C 448 -7.70 16.79 12.02
N LEU C 449 -8.40 15.78 11.54
CA LEU C 449 -7.80 14.47 11.33
C LEU C 449 -7.28 14.42 9.91
N ASN C 450 -6.30 13.59 9.64
CA ASN C 450 -5.87 13.37 8.26
C ASN C 450 -6.19 11.93 7.86
N ASP C 451 -6.90 11.26 8.75
CA ASP C 451 -7.32 9.87 8.58
C ASP C 451 -8.21 9.51 9.75
N VAL C 452 -9.11 8.53 9.66
CA VAL C 452 -9.93 8.25 10.85
C VAL C 452 -9.06 8.00 12.08
N ASN C 453 -8.03 7.15 12.03
CA ASN C 453 -7.25 6.86 13.22
C ASN C 453 -6.03 7.75 13.42
N ASP C 454 -5.98 8.90 12.76
CA ASP C 454 -4.88 9.85 12.93
C ASP C 454 -4.73 10.16 14.42
N GLU C 455 -3.55 9.90 14.97
CA GLU C 455 -3.29 10.12 16.39
C GLU C 455 -2.96 11.56 16.74
N ASN C 456 -2.76 12.42 15.74
CA ASN C 456 -2.45 13.83 15.98
C ASN C 456 -3.67 14.70 15.82
N GLY C 457 -4.79 14.05 15.56
CA GLY C 457 -6.06 14.76 15.44
C GLY C 457 -6.62 14.95 16.85
N GLU C 458 -7.60 15.83 16.98
CA GLU C 458 -8.28 15.97 18.25
C GLU C 458 -9.77 16.22 18.08
N ILE C 459 -10.55 15.37 18.72
CA ILE C 459 -12.01 15.51 18.71
C ILE C 459 -12.53 15.85 20.10
N ALA C 460 -13.36 16.88 20.22
CA ALA C 460 -13.91 17.25 21.52
C ALA C 460 -15.17 16.43 21.79
N LEU C 461 -15.47 16.18 23.05
CA LEU C 461 -16.65 15.41 23.44
C LEU C 461 -17.47 16.18 24.46
N CYS C 462 -18.68 15.76 24.77
CA CYS C 462 -19.45 16.45 25.80
C CYS C 462 -19.59 15.46 26.97
N THR C 463 -18.92 15.79 28.06
CA THR C 463 -19.03 14.95 29.26
C THR C 463 -19.83 15.82 30.23
N LEU C 464 -21.15 15.60 30.24
CA LEU C 464 -22.03 16.47 30.99
C LEU C 464 -22.71 15.92 32.25
N SER C 465 -23.32 16.89 32.94
CA SER C 465 -24.03 16.69 34.19
C SER C 465 -24.68 18.01 34.60
N ALA C 466 -25.42 18.01 35.73
CA ALA C 466 -26.02 19.27 36.14
C ALA C 466 -26.54 19.31 37.56
N PHE C 467 -26.41 20.51 38.14
CA PHE C 467 -26.94 20.75 39.48
C PHE C 467 -28.40 21.17 39.34
N ASN C 468 -29.24 20.65 40.22
CA ASN C 468 -30.64 21.08 40.30
C ASN C 468 -30.75 22.24 41.26
N LEU C 469 -30.90 23.48 40.80
CA LEU C 469 -31.01 24.63 41.69
C LEU C 469 -32.30 24.61 42.50
N GLY C 470 -33.25 23.75 42.16
CA GLY C 470 -34.50 23.66 42.88
C GLY C 470 -34.37 22.72 44.08
N ALA C 471 -33.32 21.92 44.12
CA ALA C 471 -33.14 20.92 45.16
C ALA C 471 -32.09 21.21 46.21
N ILE C 472 -31.39 22.33 46.15
CA ILE C 472 -30.40 22.64 47.18
C ILE C 472 -31.04 23.68 48.09
N ASN C 473 -30.64 23.81 49.35
CA ASN C 473 -31.26 24.83 50.20
C ASN C 473 -30.39 26.07 50.23
N ASN C 474 -29.07 25.86 50.24
CA ASN C 474 -28.18 27.02 50.15
C ASN C 474 -27.12 26.66 49.13
N LEU C 475 -26.38 27.67 48.69
CA LEU C 475 -25.34 27.51 47.69
C LEU C 475 -24.10 26.79 48.20
N ASP C 476 -23.97 26.67 49.52
CA ASP C 476 -22.84 25.96 50.11
C ASP C 476 -23.01 24.47 50.01
N GLU C 477 -24.18 23.99 49.60
CA GLU C 477 -24.43 22.59 49.35
C GLU C 477 -23.73 22.18 48.05
N LEU C 478 -23.39 23.16 47.23
CA LEU C 478 -22.70 22.90 45.97
C LEU C 478 -21.26 22.43 46.14
N GLU C 479 -20.63 22.69 47.28
CA GLU C 479 -19.30 22.19 47.57
C GLU C 479 -19.28 20.66 47.57
N GLU C 480 -20.22 19.99 48.26
CA GLU C 480 -20.20 18.53 48.23
C GLU C 480 -20.74 18.06 46.88
N LEU C 481 -21.78 18.73 46.40
CA LEU C 481 -22.37 18.39 45.11
C LEU C 481 -21.35 18.50 43.99
N ALA C 482 -20.50 19.54 44.00
CA ALA C 482 -19.47 19.69 42.97
C ALA C 482 -18.42 18.60 43.10
N ILE C 483 -17.98 18.29 44.32
CA ILE C 483 -17.12 17.12 44.54
C ILE C 483 -17.67 15.88 43.83
N LEU C 484 -18.90 15.50 44.20
CA LEU C 484 -19.48 14.31 43.59
C LEU C 484 -19.60 14.41 42.08
N ALA C 485 -20.12 15.53 41.56
CA ALA C 485 -20.31 15.64 40.11
C ALA C 485 -18.97 15.56 39.36
N VAL C 486 -17.97 16.33 39.81
CA VAL C 486 -16.66 16.28 39.15
C VAL C 486 -16.04 14.90 39.28
N ARG C 487 -16.07 14.29 40.47
CA ARG C 487 -15.45 12.99 40.67
C ARG C 487 -16.10 11.90 39.84
N ALA C 488 -17.40 11.90 39.65
CA ALA C 488 -18.04 10.85 38.85
C ALA C 488 -17.76 10.93 37.35
N LEU C 489 -17.79 12.13 36.78
CA LEU C 489 -17.55 12.31 35.35
C LEU C 489 -16.09 12.03 35.03
N ASP C 490 -15.19 12.53 35.87
CA ASP C 490 -13.77 12.24 35.71
C ASP C 490 -13.57 10.73 35.70
N ALA C 491 -14.27 9.98 36.55
CA ALA C 491 -14.17 8.53 36.52
C ALA C 491 -14.68 8.00 35.19
N LEU C 492 -15.82 8.53 34.78
CA LEU C 492 -16.47 8.17 33.51
C LEU C 492 -15.45 8.27 32.39
N LEU C 493 -14.75 9.39 32.26
CA LEU C 493 -13.72 9.52 31.23
C LEU C 493 -12.82 8.28 31.12
N ASP C 494 -12.35 7.71 32.23
CA ASP C 494 -11.54 6.51 32.14
C ASP C 494 -12.41 5.27 31.94
N TYR C 495 -13.66 5.34 32.41
CA TYR C 495 -14.58 4.22 32.30
C TYR C 495 -14.93 3.84 30.89
N GLN C 496 -15.30 4.80 30.07
CA GLN C 496 -15.82 4.58 28.73
C GLN C 496 -14.81 4.33 27.62
N ASP C 497 -15.35 3.89 26.49
CA ASP C 497 -14.55 3.59 25.31
C ASP C 497 -14.54 4.71 24.29
N TYR C 498 -13.45 4.80 23.54
CA TYR C 498 -13.28 5.80 22.48
C TYR C 498 -13.12 5.09 21.14
N PRO C 499 -14.10 5.26 20.26
CA PRO C 499 -14.14 4.70 18.93
C PRO C 499 -13.11 5.30 17.99
N ILE C 500 -12.68 6.53 18.20
CA ILE C 500 -11.66 7.16 17.35
C ILE C 500 -10.55 7.69 18.22
N PRO C 501 -9.31 7.33 17.91
CA PRO C 501 -8.11 7.79 18.57
C PRO C 501 -8.17 9.25 18.98
N ALA C 502 -8.42 10.17 18.04
CA ALA C 502 -8.53 11.59 18.29
C ALA C 502 -9.50 11.93 19.42
N ALA C 503 -10.60 11.21 19.56
CA ALA C 503 -11.55 11.47 20.64
C ALA C 503 -10.93 11.05 21.97
N LYS C 504 -10.29 9.90 22.10
CA LYS C 504 -9.54 9.60 23.31
C LYS C 504 -8.50 10.67 23.58
N ARG C 505 -7.66 10.99 22.61
CA ARG C 505 -6.64 12.02 22.76
C ARG C 505 -7.10 13.25 23.53
N GLY C 506 -8.18 13.90 23.10
CA GLY C 506 -8.65 15.10 23.78
C GLY C 506 -9.23 14.75 25.15
N ALA C 507 -9.92 13.61 25.25
CA ALA C 507 -10.52 13.23 26.52
C ALA C 507 -9.45 13.10 27.60
N MET C 508 -8.45 12.27 27.34
CA MET C 508 -7.35 12.07 28.27
C MET C 508 -6.47 13.32 28.35
N GLY C 509 -6.21 13.98 27.22
CA GLY C 509 -5.38 15.17 27.21
C GLY C 509 -5.87 16.20 28.23
N ARG C 510 -7.11 16.64 28.04
CA ARG C 510 -7.67 17.76 28.77
C ARG C 510 -8.74 17.39 29.78
N ARG C 511 -9.23 16.17 29.78
CA ARG C 511 -10.27 15.75 30.73
C ARG C 511 -11.37 16.78 30.93
N THR C 512 -11.92 17.34 29.85
CA THR C 512 -12.87 18.44 29.91
C THR C 512 -14.27 18.00 30.30
N LEU C 513 -14.86 18.68 31.29
CA LEU C 513 -16.22 18.37 31.70
C LEU C 513 -17.10 19.59 31.42
N GLY C 514 -18.42 19.38 31.43
CA GLY C 514 -19.37 20.46 31.17
C GLY C 514 -20.57 20.25 32.08
N ILE C 515 -20.49 20.88 33.26
CA ILE C 515 -21.56 20.73 34.25
C ILE C 515 -22.37 22.01 34.28
N GLY C 516 -23.69 21.93 34.21
CA GLY C 516 -24.50 23.13 34.25
C GLY C 516 -25.67 22.98 35.23
N VAL C 517 -26.69 23.81 35.10
CA VAL C 517 -27.83 23.74 36.00
C VAL C 517 -29.10 23.36 35.24
N ILE C 518 -30.12 22.97 35.95
CA ILE C 518 -31.47 22.75 35.43
C ILE C 518 -32.34 23.43 36.51
N ASN C 519 -33.57 23.79 36.27
CA ASN C 519 -34.42 24.35 37.30
C ASN C 519 -34.14 25.80 37.61
N PHE C 520 -33.42 26.51 36.74
CA PHE C 520 -33.13 27.92 36.98
C PHE C 520 -34.42 28.70 37.24
N ALA C 521 -35.39 28.62 36.34
CA ALA C 521 -36.67 29.29 36.44
C ALA C 521 -37.34 29.15 37.80
N TYR C 522 -37.48 27.90 38.25
CA TYR C 522 -38.11 27.61 39.53
C TYR C 522 -37.37 28.27 40.68
N TYR C 523 -36.04 28.16 40.60
CA TYR C 523 -35.16 28.78 41.60
C TYR C 523 -35.44 30.27 41.69
N LEU C 524 -35.43 30.98 40.54
CA LEU C 524 -35.75 32.39 40.56
C LEU C 524 -37.15 32.65 41.13
N ALA C 525 -38.14 31.82 40.78
CA ALA C 525 -39.49 32.00 41.31
C ALA C 525 -39.43 31.90 42.83
N LYS C 526 -38.78 30.85 43.33
CA LYS C 526 -38.54 30.68 44.76
C LYS C 526 -37.96 31.94 45.41
N HIS C 527 -37.10 32.70 44.74
CA HIS C 527 -36.53 33.89 45.34
C HIS C 527 -37.21 35.16 44.87
N GLY C 528 -38.39 35.01 44.26
CA GLY C 528 -39.14 36.15 43.78
C GLY C 528 -38.39 37.06 42.83
N LYS C 529 -37.65 36.50 41.88
CA LYS C 529 -37.04 37.32 40.84
C LYS C 529 -37.75 37.00 39.53
N ARG C 530 -37.48 37.77 38.48
CA ARG C 530 -38.09 37.47 37.19
C ARG C 530 -36.91 37.49 36.21
N TYR C 531 -37.15 37.19 34.93
CA TYR C 531 -36.05 37.26 33.98
C TYR C 531 -35.96 38.63 33.32
N SER C 532 -37.10 39.19 32.96
CA SER C 532 -37.15 40.40 32.15
C SER C 532 -36.82 41.74 32.75
N ASP C 533 -36.93 41.94 34.06
CA ASP C 533 -36.69 43.28 34.59
C ASP C 533 -35.33 43.55 35.19
N GLY C 534 -34.45 42.55 35.22
CA GLY C 534 -33.12 42.72 35.82
C GLY C 534 -33.16 42.39 37.30
N SER C 535 -34.33 42.02 37.82
CA SER C 535 -34.44 41.66 39.23
C SER C 535 -33.57 40.47 39.60
N ALA C 536 -33.20 39.59 38.69
CA ALA C 536 -32.40 38.42 39.02
C ALA C 536 -30.90 38.57 38.77
N ASN C 537 -30.42 39.69 38.22
CA ASN C 537 -29.01 39.87 37.95
C ASN C 537 -28.10 39.49 39.10
N ASN C 538 -28.15 40.21 40.23
CA ASN C 538 -27.23 39.94 41.33
C ASN C 538 -27.40 38.53 41.87
N LEU C 539 -28.62 38.02 41.99
CA LEU C 539 -28.82 36.64 42.46
C LEU C 539 -28.16 35.66 41.50
N THR C 540 -28.41 35.90 40.21
CA THR C 540 -27.72 35.10 39.19
C THR C 540 -26.22 35.17 39.38
N HIS C 541 -25.62 36.35 39.51
CA HIS C 541 -24.20 36.52 39.71
C HIS C 541 -23.72 35.78 40.96
N LYS C 542 -24.50 35.89 42.04
CA LYS C 542 -24.20 35.17 43.26
C LYS C 542 -24.20 33.66 43.00
N THR C 543 -25.26 33.16 42.41
CA THR C 543 -25.41 31.72 42.18
C THR C 543 -24.39 31.09 41.24
N PHE C 544 -24.07 31.75 40.13
CA PHE C 544 -23.10 31.19 39.20
C PHE C 544 -21.68 31.30 39.72
N GLU C 545 -21.38 32.32 40.54
CA GLU C 545 -20.10 32.36 41.23
C GLU C 545 -19.94 31.15 42.15
N ALA C 546 -20.92 30.87 43.00
CA ALA C 546 -20.84 29.64 43.80
C ALA C 546 -20.57 28.43 42.91
N ILE C 547 -21.42 28.17 41.92
CA ILE C 547 -21.23 27.03 41.04
C ILE C 547 -19.81 26.91 40.51
N GLN C 548 -19.30 27.97 39.88
CA GLN C 548 -17.94 27.89 39.33
C GLN C 548 -16.86 27.69 40.39
N TYR C 549 -16.97 28.44 41.48
CA TYR C 549 -16.00 28.36 42.58
C TYR C 549 -15.88 26.93 43.08
N TYR C 550 -16.99 26.34 43.52
CA TYR C 550 -16.98 24.96 43.99
C TYR C 550 -16.57 23.93 42.96
N LEU C 551 -16.89 24.08 41.67
CA LEU C 551 -16.41 23.13 40.66
C LEU C 551 -14.90 23.21 40.49
N LEU C 552 -14.37 24.44 40.41
CA LEU C 552 -12.92 24.62 40.34
C LEU C 552 -12.24 24.06 41.59
N LYS C 553 -12.82 24.32 42.76
CA LYS C 553 -12.30 23.72 43.99
C LYS C 553 -12.28 22.20 43.81
N ALA C 554 -13.42 21.54 43.62
CA ALA C 554 -13.45 20.09 43.45
C ALA C 554 -12.39 19.56 42.47
N SER C 555 -12.26 20.21 41.32
CA SER C 555 -11.27 19.78 40.34
C SER C 555 -9.88 19.95 40.96
N ASN C 556 -9.61 21.13 41.51
CA ASN C 556 -8.32 21.37 42.16
C ASN C 556 -8.02 20.35 43.25
N GLU C 557 -9.00 20.10 44.12
CA GLU C 557 -8.88 19.05 45.11
C GLU C 557 -8.53 17.73 44.45
N LEU C 558 -9.16 17.38 43.34
CA LEU C 558 -8.93 16.14 42.63
C LEU C 558 -7.54 16.06 42.02
N ALA C 559 -6.97 17.19 41.60
CA ALA C 559 -5.64 17.20 41.00
C ALA C 559 -4.60 16.82 42.05
N LYS C 560 -4.78 17.41 43.24
CA LYS C 560 -3.96 17.05 44.39
C LYS C 560 -3.99 15.54 44.53
N GLU C 561 -5.17 14.97 44.69
CA GLU C 561 -5.29 13.53 44.82
C GLU C 561 -4.65 12.82 43.64
N GLN C 562 -5.10 13.05 42.42
CA GLN C 562 -4.73 12.19 41.30
C GLN C 562 -3.93 12.84 40.18
N GLY C 563 -3.58 14.11 40.29
CA GLY C 563 -2.79 14.79 39.28
C GLY C 563 -3.64 15.52 38.24
N ALA C 564 -3.16 16.69 37.85
CA ALA C 564 -3.83 17.49 36.85
C ALA C 564 -3.81 16.78 35.49
N CYS C 565 -4.69 17.23 34.59
CA CYS C 565 -4.74 16.59 33.27
C CYS C 565 -3.42 16.84 32.56
N PRO C 566 -3.01 15.87 31.77
CA PRO C 566 -1.80 15.91 30.97
C PRO C 566 -1.61 17.28 30.32
N TRP C 567 -2.58 17.74 29.54
CA TRP C 567 -2.43 19.02 28.85
C TRP C 567 -2.84 20.21 29.68
N PHE C 568 -2.84 20.15 31.01
CA PHE C 568 -3.18 21.29 31.85
C PHE C 568 -2.43 22.57 31.51
N ASN C 569 -1.17 22.54 31.12
CA ASN C 569 -0.39 23.69 30.73
C ASN C 569 -0.90 24.46 29.53
N GLU C 570 -1.89 24.01 28.74
CA GLU C 570 -2.38 24.82 27.62
C GLU C 570 -3.58 25.63 28.09
N THR C 571 -4.00 25.45 29.34
CA THR C 571 -5.07 26.23 29.91
C THR C 571 -4.54 27.56 30.42
N THR C 572 -5.38 28.60 30.45
CA THR C 572 -5.03 29.86 31.08
C THR C 572 -5.07 29.68 32.59
N TYR C 573 -5.75 28.64 33.05
CA TYR C 573 -5.85 28.28 34.45
C TYR C 573 -4.44 28.01 34.98
N ALA C 574 -3.66 27.28 34.18
CA ALA C 574 -2.26 27.00 34.45
C ALA C 574 -1.40 28.25 34.58
N LYS C 575 -1.74 29.35 33.92
CA LYS C 575 -1.02 30.60 34.02
C LYS C 575 -1.54 31.50 35.11
N GLY C 576 -2.35 31.03 36.04
CA GLY C 576 -2.91 31.83 37.11
C GLY C 576 -4.02 32.77 36.67
N ILE C 577 -4.63 32.49 35.52
CA ILE C 577 -5.74 33.30 35.01
C ILE C 577 -7.08 32.70 35.42
N LEU C 578 -8.04 33.51 35.79
CA LEU C 578 -9.36 33.02 36.20
C LEU C 578 -10.50 33.69 35.46
N PRO C 579 -11.63 33.01 35.41
CA PRO C 579 -12.85 33.47 34.78
C PRO C 579 -13.14 34.89 35.19
N ILE C 580 -13.03 35.20 36.48
CA ILE C 580 -13.21 36.53 37.01
C ILE C 580 -12.22 37.56 36.52
N ASP C 581 -11.15 37.20 35.83
CA ASP C 581 -10.21 38.15 35.30
C ASP C 581 -10.48 38.48 33.83
N THR C 582 -11.06 37.57 33.05
CA THR C 582 -11.24 37.90 31.63
C THR C 582 -12.67 38.05 31.17
N TYR C 583 -13.68 38.14 32.04
CA TYR C 583 -15.06 38.26 31.58
C TYR C 583 -15.27 39.57 30.84
N LYS C 584 -16.42 39.75 30.17
CA LYS C 584 -16.70 40.99 29.45
C LYS C 584 -17.04 42.12 30.41
N LYS C 585 -16.20 43.13 30.46
CA LYS C 585 -16.31 44.27 31.35
C LYS C 585 -17.65 44.96 31.43
N ASP C 586 -18.40 45.08 30.35
CA ASP C 586 -19.74 45.67 30.39
C ASP C 586 -20.59 45.07 31.49
N LEU C 587 -20.40 43.81 31.84
CA LEU C 587 -21.07 43.15 32.94
C LEU C 587 -21.06 43.94 34.23
N ASP C 588 -20.00 44.68 34.52
CA ASP C 588 -19.87 45.52 35.70
C ASP C 588 -21.02 46.50 35.84
N THR C 589 -21.50 47.08 34.74
CA THR C 589 -22.60 48.01 34.71
C THR C 589 -23.99 47.40 34.85
N ILE C 590 -24.16 46.08 34.92
CA ILE C 590 -25.49 45.52 35.07
C ILE C 590 -25.65 44.68 36.33
N ALA C 591 -24.65 44.51 37.15
CA ALA C 591 -24.76 43.73 38.39
C ALA C 591 -23.66 44.21 39.35
N ASN C 592 -23.96 44.32 40.65
CA ASN C 592 -22.92 44.79 41.56
C ASN C 592 -22.57 43.76 42.63
N GLU C 593 -23.30 42.64 42.68
CA GLU C 593 -23.01 41.63 43.68
C GLU C 593 -21.52 41.30 43.72
N PRO C 594 -20.96 41.36 44.92
CA PRO C 594 -19.56 41.14 45.19
C PRO C 594 -19.20 39.67 45.32
N LEU C 595 -18.01 39.28 44.88
CA LEU C 595 -17.62 37.87 44.96
C LEU C 595 -17.61 37.42 46.41
N HIS C 596 -18.32 36.34 46.72
CA HIS C 596 -18.34 35.88 48.10
C HIS C 596 -17.25 34.88 48.42
N TYR C 597 -16.54 34.39 47.41
CA TYR C 597 -15.59 33.30 47.68
C TYR C 597 -14.15 33.73 47.60
N ASP C 598 -13.24 32.95 48.19
CA ASP C 598 -11.84 33.31 48.16
C ASP C 598 -11.22 32.84 46.83
N TRP C 599 -11.31 33.73 45.84
CA TRP C 599 -10.80 33.41 44.52
C TRP C 599 -9.29 33.42 44.50
N GLU C 600 -8.66 34.38 45.19
CA GLU C 600 -7.20 34.45 45.23
C GLU C 600 -6.56 33.24 45.92
N ALA C 601 -7.18 32.72 46.99
CA ALA C 601 -6.63 31.53 47.62
C ALA C 601 -6.57 30.43 46.54
N LEU C 602 -7.73 30.21 45.92
CA LEU C 602 -7.91 29.27 44.84
C LEU C 602 -6.99 29.50 43.65
N ARG C 603 -6.82 30.74 43.21
CA ARG C 603 -5.92 31.06 42.10
C ARG C 603 -4.56 30.38 42.28
N GLU C 604 -3.94 30.65 43.43
CA GLU C 604 -2.69 30.01 43.80
C GLU C 604 -2.78 28.50 43.82
N SER C 605 -3.74 27.93 44.56
CA SER C 605 -3.90 26.48 44.62
C SER C 605 -3.99 25.81 43.25
N ILE C 606 -4.70 26.47 42.33
CA ILE C 606 -4.77 26.04 40.94
C ILE C 606 -3.38 26.17 40.36
N LYS C 607 -2.76 27.34 40.43
CA LYS C 607 -1.39 27.52 39.94
C LYS C 607 -0.47 26.40 40.43
N THR C 608 -0.44 26.16 41.72
CA THR C 608 0.40 25.14 42.32
C THR C 608 0.06 23.70 41.94
N HIS C 609 -1.17 23.26 42.22
CA HIS C 609 -1.57 21.88 41.99
C HIS C 609 -2.32 21.60 40.70
N GLY C 610 -2.61 22.63 39.92
CA GLY C 610 -3.33 22.48 38.67
C GLY C 610 -4.79 22.08 38.83
N LEU C 611 -5.38 21.71 37.70
CA LEU C 611 -6.77 21.27 37.65
C LEU C 611 -6.80 19.88 37.04
N ARG C 612 -7.72 19.04 37.51
CA ARG C 612 -7.85 17.70 36.95
C ARG C 612 -8.43 17.83 35.54
N ASN C 613 -9.46 18.67 35.47
CA ASN C 613 -10.23 18.90 34.24
C ASN C 613 -9.96 20.30 33.72
N SER C 614 -9.77 20.51 32.42
CA SER C 614 -9.48 21.85 31.91
C SER C 614 -10.67 22.79 31.83
N THR C 615 -11.87 22.23 31.75
CA THR C 615 -13.11 23.01 31.67
C THR C 615 -14.08 22.30 32.62
N LEU C 616 -14.99 23.00 33.27
CA LEU C 616 -15.87 22.31 34.21
C LEU C 616 -17.36 22.60 34.06
N SER C 617 -17.69 23.80 33.59
CA SER C 617 -19.09 24.19 33.48
C SER C 617 -19.51 24.44 32.05
N ALA C 618 -20.77 24.18 31.77
CA ALA C 618 -21.37 24.42 30.46
C ALA C 618 -22.88 24.37 30.65
N LEU C 619 -23.56 25.42 30.24
CA LEU C 619 -25.02 25.46 30.45
C LEU C 619 -25.75 24.94 29.23
N MET C 620 -26.11 23.65 29.29
CA MET C 620 -26.77 22.98 28.18
C MET C 620 -28.27 22.93 28.42
N PRO C 621 -29.05 22.69 27.39
CA PRO C 621 -30.49 22.52 27.49
C PRO C 621 -30.80 21.18 28.16
N SER C 622 -32.05 20.86 28.44
CA SER C 622 -32.35 19.56 29.03
C SER C 622 -33.85 19.27 29.16
N GLU C 623 -34.37 18.41 28.29
CA GLU C 623 -35.76 18.00 28.36
C GLU C 623 -35.90 16.83 29.32
N THR C 624 -35.28 15.71 29.01
CA THR C 624 -35.40 14.48 29.80
C THR C 624 -35.02 14.61 31.25
N SER C 625 -33.77 14.88 31.52
CA SER C 625 -33.25 15.06 32.88
C SER C 625 -34.14 15.98 33.71
N SER C 626 -34.50 17.14 33.15
CA SER C 626 -35.43 18.04 33.84
C SER C 626 -36.74 17.31 34.14
N GLN C 627 -37.26 16.56 33.19
CA GLN C 627 -38.49 15.83 33.41
C GLN C 627 -38.45 14.86 34.59
N ILE C 628 -37.36 14.11 34.76
CA ILE C 628 -37.26 13.12 35.82
C ILE C 628 -37.29 13.78 37.19
N SER C 629 -36.66 14.94 37.29
CA SER C 629 -36.59 15.67 38.54
C SER C 629 -37.74 16.65 38.70
N ASN C 630 -38.70 16.65 37.78
CA ASN C 630 -39.77 17.63 37.78
C ASN C 630 -39.14 19.00 38.00
N ALA C 631 -38.39 19.44 37.01
CA ALA C 631 -37.72 20.73 37.13
C ALA C 631 -37.83 21.54 35.85
N THR C 632 -37.86 22.87 35.96
CA THR C 632 -37.88 23.63 34.71
C THR C 632 -36.56 23.30 34.00
N ASN C 633 -36.55 23.36 32.67
CA ASN C 633 -35.41 22.90 31.91
C ASN C 633 -34.27 23.90 31.91
N GLY C 634 -33.08 23.33 32.19
CA GLY C 634 -31.84 24.09 32.18
C GLY C 634 -32.03 25.50 32.71
N ILE C 635 -31.75 26.53 31.93
CA ILE C 635 -31.92 27.88 32.46
C ILE C 635 -33.14 28.59 31.86
N GLU C 636 -33.90 27.93 31.02
CA GLU C 636 -35.02 28.58 30.34
C GLU C 636 -36.29 28.68 31.18
N PRO C 637 -37.01 29.77 30.97
CA PRO C 637 -38.32 29.99 31.57
C PRO C 637 -39.29 29.03 30.91
N PRO C 638 -40.28 28.56 31.63
CA PRO C 638 -41.30 27.67 31.13
C PRO C 638 -42.19 28.40 30.12
N ARG C 639 -42.60 27.69 29.08
CA ARG C 639 -43.61 28.19 28.15
C ARG C 639 -44.95 28.40 28.86
N GLY C 640 -45.36 27.47 29.71
CA GLY C 640 -46.61 27.59 30.44
C GLY C 640 -46.56 26.77 31.73
N TYR C 641 -47.62 26.78 32.53
CA TYR C 641 -47.59 26.05 33.79
C TYR C 641 -47.73 24.55 33.57
N VAL C 642 -48.42 24.13 32.52
CA VAL C 642 -48.59 22.69 32.29
C VAL C 642 -48.01 22.33 30.93
N SER C 643 -47.14 21.34 30.93
CA SER C 643 -46.49 20.97 29.67
C SER C 643 -47.11 19.68 29.16
N ILE C 644 -47.52 19.67 27.91
CA ILE C 644 -48.12 18.48 27.33
C ILE C 644 -47.16 17.69 26.46
N LYS C 645 -47.19 16.37 26.63
CA LYS C 645 -46.37 15.46 25.84
C LYS C 645 -47.24 14.30 25.35
N ALA C 646 -46.97 13.85 24.13
CA ALA C 646 -47.74 12.76 23.55
C ALA C 646 -47.06 11.42 23.81
N SER C 647 -47.85 10.35 23.80
CA SER C 647 -47.34 9.02 24.06
C SER C 647 -48.31 7.97 23.54
N LYS C 648 -47.84 6.72 23.40
CA LYS C 648 -48.76 5.65 23.00
C LYS C 648 -49.74 5.42 24.14
N ASP C 649 -49.26 5.57 25.37
CA ASP C 649 -50.04 5.42 26.58
C ASP C 649 -50.89 6.63 26.97
N GLY C 650 -51.11 7.60 26.10
CA GLY C 650 -51.94 8.75 26.40
C GLY C 650 -51.22 10.10 26.42
N ILE C 651 -51.96 11.13 26.84
CA ILE C 651 -51.42 12.48 26.93
C ILE C 651 -50.67 12.67 28.24
N LEU C 652 -49.45 13.15 28.16
CA LEU C 652 -48.60 13.39 29.32
C LEU C 652 -48.57 14.85 29.73
N ARG C 653 -49.03 15.10 30.96
CA ARG C 653 -49.01 16.47 31.47
C ARG C 653 -48.07 16.58 32.66
N GLN C 654 -47.31 17.65 32.74
CA GLN C 654 -46.44 17.88 33.88
C GLN C 654 -46.59 19.34 34.32
N VAL C 655 -46.97 19.56 35.56
CA VAL C 655 -47.15 20.91 36.09
C VAL C 655 -45.85 21.45 36.67
N VAL C 656 -45.56 22.73 36.44
CA VAL C 656 -44.33 23.31 36.98
C VAL C 656 -44.31 23.11 38.49
N PRO C 657 -43.12 22.88 39.02
CA PRO C 657 -42.89 22.68 40.44
C PRO C 657 -43.55 23.77 41.26
N ASP C 658 -44.23 23.34 42.32
CA ASP C 658 -44.87 24.24 43.27
C ASP C 658 -45.74 25.30 42.62
N TYR C 659 -46.59 24.85 41.69
CA TYR C 659 -47.51 25.76 41.01
C TYR C 659 -48.47 26.38 42.03
N GLU C 660 -48.92 25.57 42.97
CA GLU C 660 -49.77 25.99 44.06
C GLU C 660 -49.35 27.36 44.60
N HIS C 661 -48.12 27.40 45.11
CA HIS C 661 -47.60 28.61 45.74
C HIS C 661 -46.85 29.55 44.83
N LEU C 662 -46.41 29.13 43.65
CA LEU C 662 -45.61 30.03 42.82
C LEU C 662 -46.18 30.45 41.49
N HIS C 663 -47.44 30.11 41.18
CA HIS C 663 -47.99 30.50 39.89
C HIS C 663 -47.69 31.96 39.59
N ASP C 664 -48.04 32.93 40.45
CA ASP C 664 -47.70 34.31 40.13
C ASP C 664 -46.21 34.62 40.14
N ALA C 665 -45.38 33.88 40.85
CA ALA C 665 -43.94 34.12 40.88
C ALA C 665 -43.28 33.82 39.54
N TYR C 666 -43.66 32.71 38.91
CA TYR C 666 -43.07 32.38 37.61
C TYR C 666 -43.20 33.56 36.67
N GLU C 667 -42.40 33.62 35.63
CA GLU C 667 -42.53 34.59 34.54
C GLU C 667 -42.43 33.69 33.30
N LEU C 668 -43.55 33.46 32.64
CA LEU C 668 -43.55 32.49 31.54
C LEU C 668 -42.87 33.04 30.32
N LEU C 669 -42.31 32.16 29.49
CA LEU C 669 -41.57 32.54 28.30
C LEU C 669 -42.14 33.75 27.57
N TRP C 670 -43.41 33.70 27.17
CA TRP C 670 -44.02 34.80 26.43
C TRP C 670 -44.52 35.97 27.27
N GLU C 671 -44.24 36.00 28.57
CA GLU C 671 -44.62 37.15 29.38
C GLU C 671 -43.47 38.16 29.40
N MET C 672 -42.29 37.71 29.02
CA MET C 672 -41.16 38.64 29.00
C MET C 672 -41.41 39.59 27.84
N PRO C 673 -41.33 40.88 28.07
CA PRO C 673 -41.55 41.91 27.09
C PRO C 673 -40.51 41.90 25.99
N GLY C 674 -39.32 41.36 26.24
CA GLY C 674 -38.29 41.29 25.20
C GLY C 674 -37.14 40.40 25.65
N ASN C 675 -35.98 40.47 25.02
CA ASN C 675 -34.85 39.62 25.38
C ASN C 675 -33.80 40.23 26.29
N ASP C 676 -33.80 41.54 26.55
CA ASP C 676 -32.76 42.19 27.33
C ASP C 676 -32.51 41.54 28.69
N GLY C 677 -33.54 41.49 29.53
CA GLY C 677 -33.43 40.86 30.84
C GLY C 677 -32.67 39.53 30.73
N TYR C 678 -33.17 38.62 29.89
CA TYR C 678 -32.57 37.30 29.74
C TYR C 678 -31.15 37.36 29.20
N LEU C 679 -30.92 38.18 28.16
CA LEU C 679 -29.53 38.27 27.65
C LEU C 679 -28.61 38.82 28.74
N GLN C 680 -29.06 39.76 29.57
CA GLN C 680 -28.26 40.12 30.74
C GLN C 680 -27.92 38.89 31.56
N LEU C 681 -28.92 38.11 32.00
CA LEU C 681 -28.64 36.96 32.84
C LEU C 681 -27.70 35.99 32.15
N VAL C 682 -27.78 35.82 30.84
CA VAL C 682 -26.85 34.88 30.20
C VAL C 682 -25.45 35.46 30.27
N GLY C 683 -25.31 36.77 30.02
CA GLY C 683 -24.02 37.43 30.12
C GLY C 683 -23.45 37.23 31.53
N ILE C 684 -24.25 37.44 32.56
CA ILE C 684 -23.78 37.27 33.93
C ILE C 684 -23.30 35.84 34.14
N MET C 685 -24.12 34.86 33.75
CA MET C 685 -23.71 33.47 33.90
C MET C 685 -22.42 33.22 33.14
N GLN C 686 -22.23 33.79 31.96
CA GLN C 686 -21.00 33.55 31.20
C GLN C 686 -19.78 34.08 31.92
N LYS C 687 -19.87 35.06 32.82
CA LYS C 687 -18.72 35.55 33.56
C LYS C 687 -17.99 34.36 34.18
N PHE C 688 -18.73 33.49 34.88
CA PHE C 688 -18.13 32.35 35.54
C PHE C 688 -18.11 31.06 34.75
N ILE C 689 -18.82 30.92 33.63
CA ILE C 689 -18.87 29.62 32.97
C ILE C 689 -17.65 29.35 32.11
N ASP C 690 -17.06 28.15 32.22
CA ASP C 690 -15.88 27.78 31.47
C ASP C 690 -16.11 27.70 29.97
N GLN C 691 -17.21 27.04 29.60
CA GLN C 691 -17.51 26.85 28.17
C GLN C 691 -18.48 27.90 27.67
N SER C 692 -19.67 27.46 27.25
CA SER C 692 -20.66 28.40 26.75
C SER C 692 -22.03 28.05 27.28
N ILE C 693 -23.05 28.79 26.86
CA ILE C 693 -24.43 28.58 27.28
C ILE C 693 -25.34 28.46 26.06
N SER C 694 -26.39 27.67 26.11
CA SER C 694 -27.31 27.56 24.98
C SER C 694 -28.32 28.71 25.04
N ALA C 695 -27.94 29.95 24.79
CA ALA C 695 -28.92 31.04 24.91
C ALA C 695 -29.90 30.96 23.74
N ASN C 696 -31.14 31.31 24.03
CA ASN C 696 -32.21 31.38 23.04
C ASN C 696 -32.60 32.85 22.88
N THR C 697 -33.15 33.23 21.76
CA THR C 697 -33.73 34.56 21.61
C THR C 697 -35.19 34.33 21.26
N ASN C 698 -36.14 34.99 21.90
CA ASN C 698 -37.56 34.72 21.66
C ASN C 698 -38.30 35.96 21.17
N TYR C 699 -39.21 35.81 20.22
CA TYR C 699 -39.97 36.90 19.65
C TYR C 699 -41.44 36.50 19.46
N ASP C 700 -42.32 37.38 19.92
CA ASP C 700 -43.76 37.19 19.74
C ASP C 700 -44.25 38.25 18.76
N PRO C 701 -44.70 37.79 17.60
CA PRO C 701 -45.16 38.64 16.52
C PRO C 701 -46.27 39.57 16.98
N SER C 702 -47.16 39.13 17.85
CA SER C 702 -48.19 39.94 18.47
C SER C 702 -47.74 41.25 19.09
N ARG C 703 -46.48 41.34 19.52
CA ARG C 703 -45.96 42.53 20.16
C ARG C 703 -45.45 43.58 19.18
N PHE C 704 -45.58 43.37 17.88
CA PHE C 704 -45.08 44.31 16.89
C PHE C 704 -46.15 44.74 15.91
N PRO C 705 -46.03 45.98 15.45
CA PRO C 705 -46.93 46.57 14.46
C PRO C 705 -47.02 45.63 13.26
N SER C 706 -48.23 45.33 12.82
CA SER C 706 -48.46 44.43 11.70
C SER C 706 -47.93 43.03 11.95
N GLY C 707 -47.76 42.62 13.19
CA GLY C 707 -47.19 41.35 13.58
C GLY C 707 -45.88 40.97 12.93
N LYS C 708 -45.00 41.91 12.59
CA LYS C 708 -43.75 41.52 11.93
C LYS C 708 -42.53 42.04 12.71
N VAL C 709 -41.76 41.09 13.23
CA VAL C 709 -40.58 41.43 14.01
C VAL C 709 -39.63 42.23 13.12
N PRO C 710 -39.33 43.43 13.55
CA PRO C 710 -38.46 44.34 12.84
C PRO C 710 -37.03 43.82 12.82
N MET C 711 -36.35 43.97 11.68
CA MET C 711 -34.95 43.56 11.58
C MET C 711 -34.11 44.40 12.52
N GLN C 712 -34.45 45.68 12.67
CA GLN C 712 -33.77 46.55 13.61
C GLN C 712 -33.76 45.88 14.98
N GLN C 713 -34.93 45.40 15.42
CA GLN C 713 -35.00 44.72 16.71
C GLN C 713 -34.09 43.50 16.77
N LEU C 714 -34.11 42.70 15.71
CA LEU C 714 -33.27 41.52 15.64
C LEU C 714 -31.80 41.88 15.72
N LEU C 715 -31.36 42.92 14.99
CA LEU C 715 -29.93 43.28 15.07
C LEU C 715 -29.60 43.88 16.42
N LYS C 716 -30.52 44.67 16.98
CA LYS C 716 -30.31 45.26 18.29
C LYS C 716 -30.04 44.18 19.32
N ASP C 717 -30.86 43.14 19.38
CA ASP C 717 -30.70 42.05 20.32
C ASP C 717 -29.42 41.26 20.10
N LEU C 718 -29.04 41.08 18.83
CA LEU C 718 -27.78 40.44 18.49
C LEU C 718 -26.61 41.24 19.04
N LEU C 719 -26.66 42.58 18.90
CA LEU C 719 -25.60 43.44 19.42
C LEU C 719 -25.59 43.44 20.94
N THR C 720 -26.76 43.48 21.57
CA THR C 720 -26.86 43.41 23.02
C THR C 720 -26.07 42.19 23.52
N ALA C 721 -26.42 41.02 22.97
CA ALA C 721 -25.77 39.79 23.38
C ALA C 721 -24.25 39.94 23.25
N TYR C 722 -23.77 40.44 22.11
CA TYR C 722 -22.32 40.64 22.00
C TYR C 722 -21.82 41.57 23.10
N LYS C 723 -22.52 42.68 23.34
CA LYS C 723 -22.08 43.65 24.34
C LYS C 723 -21.85 43.04 25.72
N PHE C 724 -22.64 42.06 26.13
CA PHE C 724 -22.47 41.46 27.45
C PHE C 724 -21.67 40.16 27.44
N GLY C 725 -20.89 39.95 26.39
CA GLY C 725 -20.07 38.77 26.24
C GLY C 725 -20.79 37.48 25.93
N VAL C 726 -22.02 37.49 25.43
CA VAL C 726 -22.64 36.19 25.11
C VAL C 726 -21.79 35.46 24.07
N LYS C 727 -21.37 34.24 24.40
CA LYS C 727 -20.48 33.51 23.50
C LYS C 727 -21.17 33.00 22.24
N THR C 728 -22.28 32.27 22.41
CA THR C 728 -23.03 31.74 21.30
C THR C 728 -24.52 32.09 21.43
N LEU C 729 -25.27 31.98 20.36
CA LEU C 729 -26.72 32.15 20.38
C LEU C 729 -27.31 30.96 19.62
N TYR C 730 -28.21 30.26 20.28
CA TYR C 730 -28.87 29.07 19.74
C TYR C 730 -30.22 29.43 19.16
N TYR C 731 -31.23 28.60 19.36
CA TYR C 731 -32.53 28.82 18.78
C TYR C 731 -32.99 30.27 18.85
N GLN C 732 -33.85 30.60 17.90
CA GLN C 732 -34.71 31.77 17.94
C GLN C 732 -36.16 31.27 17.97
N ASN C 733 -36.90 31.44 19.04
CA ASN C 733 -38.30 31.01 19.02
C ASN C 733 -39.12 32.22 18.55
N THR C 734 -39.89 31.99 17.51
CA THR C 734 -40.93 32.94 17.12
C THR C 734 -42.24 32.27 17.53
N ARG C 735 -43.00 32.95 18.36
CA ARG C 735 -44.27 32.40 18.82
C ARG C 735 -45.22 32.33 17.63
N ASP C 736 -46.17 31.40 17.65
CA ASP C 736 -47.13 31.30 16.56
C ASP C 736 -48.35 30.56 17.08
N GLY C 737 -49.37 31.30 17.46
CA GLY C 737 -50.58 30.71 18.03
C GLY C 737 -51.77 30.73 17.06
N SER D 8 -37.70 44.43 7.60
CA SER D 8 -36.45 44.31 6.85
C SER D 8 -35.75 45.67 6.75
N GLU D 9 -36.47 46.70 7.14
CA GLU D 9 -35.94 48.07 7.14
C GLU D 9 -34.93 48.21 8.27
N VAL D 10 -33.71 48.64 7.95
CA VAL D 10 -32.67 48.77 8.97
C VAL D 10 -32.06 50.17 9.03
N ASP D 11 -32.11 50.79 10.20
CA ASP D 11 -31.49 52.11 10.35
C ASP D 11 -30.09 51.95 10.91
N THR D 12 -29.12 52.43 10.15
CA THR D 12 -27.71 52.36 10.53
C THR D 12 -27.34 53.46 11.52
N ASP D 13 -27.99 54.61 11.43
CA ASP D 13 -27.72 55.71 12.36
C ASP D 13 -28.06 55.28 13.78
N ASP D 14 -29.24 54.68 13.95
CA ASP D 14 -29.65 54.18 15.26
C ASP D 14 -28.60 53.23 15.83
N LEU D 15 -28.11 52.28 15.05
CA LEU D 15 -27.08 51.37 15.48
C LEU D 15 -25.69 51.96 15.60
N SER D 16 -25.30 52.95 14.79
CA SER D 16 -23.97 53.53 14.80
C SER D 16 -23.33 53.89 16.12
N ASN D 17 -24.11 54.42 17.04
CA ASN D 17 -23.73 54.96 18.33
C ASN D 17 -23.63 53.88 19.42
N PHE D 18 -24.04 52.67 19.08
CA PHE D 18 -23.96 51.55 20.00
C PHE D 18 -22.49 51.28 20.35
N GLN D 19 -22.24 50.82 21.56
CA GLN D 19 -20.88 50.54 22.01
C GLN D 19 -20.64 49.05 22.26
N LEU D 20 -19.91 48.38 21.36
CA LEU D 20 -19.71 46.95 21.43
C LEU D 20 -18.99 46.42 22.66
N LEU E 5 14.30 -60.80 -18.04
CA LEU E 5 13.05 -61.17 -17.33
C LEU E 5 12.73 -60.23 -16.18
N LEU E 6 11.70 -59.44 -16.38
CA LEU E 6 11.13 -58.50 -15.43
C LEU E 6 12.06 -57.43 -14.89
N VAL E 7 11.72 -56.22 -15.29
CA VAL E 7 12.37 -54.98 -14.89
C VAL E 7 11.30 -54.00 -14.44
N THR E 8 11.60 -53.08 -13.54
CA THR E 8 10.64 -52.08 -13.09
C THR E 8 11.07 -50.70 -13.57
N LYS E 9 10.12 -49.89 -14.05
CA LYS E 9 10.47 -48.55 -14.53
C LYS E 9 10.29 -47.47 -13.48
N ARG E 10 10.16 -46.22 -13.95
CA ARG E 10 10.11 -45.06 -13.07
C ARG E 10 8.73 -44.79 -12.47
N ASP E 11 7.69 -45.15 -13.23
CA ASP E 11 6.34 -45.00 -12.70
C ASP E 11 6.06 -46.17 -11.75
N GLY E 12 6.75 -47.28 -12.01
CA GLY E 12 6.66 -48.46 -11.15
C GLY E 12 6.02 -49.58 -11.98
N SER E 13 6.02 -49.37 -13.29
CA SER E 13 5.40 -50.34 -14.19
C SER E 13 6.39 -51.31 -14.80
N THR E 14 6.12 -52.58 -14.58
CA THR E 14 6.92 -53.69 -15.10
C THR E 14 7.02 -53.67 -16.62
N GLU E 15 8.02 -54.38 -17.12
CA GLU E 15 8.29 -54.62 -18.52
C GLU E 15 9.35 -55.73 -18.55
N ARG E 16 9.48 -56.47 -19.64
CA ARG E 16 10.48 -57.53 -19.68
C ARG E 16 11.85 -56.96 -20.07
N ILE E 17 12.91 -57.63 -19.62
CA ILE E 17 14.26 -57.19 -19.88
C ILE E 17 14.71 -57.47 -21.32
N ASN E 18 15.03 -56.41 -22.05
CA ASN E 18 15.64 -56.63 -23.38
C ASN E 18 17.11 -56.25 -23.17
N LEU E 19 17.98 -57.26 -23.14
CA LEU E 19 19.40 -57.08 -22.87
C LEU E 19 20.23 -56.47 -24.00
N ASP E 20 19.66 -56.31 -25.19
CA ASP E 20 20.38 -55.68 -26.30
C ASP E 20 20.35 -54.16 -26.12
N LYS E 21 19.35 -53.67 -25.41
CA LYS E 21 19.21 -52.26 -25.07
C LYS E 21 20.45 -51.85 -24.28
N ILE E 22 20.70 -52.57 -23.19
CA ILE E 22 21.87 -52.34 -22.34
C ILE E 22 23.12 -52.35 -23.20
N HIS E 23 23.31 -53.46 -23.91
CA HIS E 23 24.47 -53.61 -24.79
C HIS E 23 24.62 -52.39 -25.70
N ARG E 24 23.53 -52.00 -26.35
CA ARG E 24 23.56 -50.81 -27.21
C ARG E 24 24.22 -49.66 -26.46
N VAL E 25 23.67 -49.30 -25.30
CA VAL E 25 24.24 -48.23 -24.49
C VAL E 25 25.74 -48.42 -24.27
N LEU E 26 26.14 -49.56 -23.73
CA LEU E 26 27.56 -49.81 -23.50
C LEU E 26 28.34 -49.56 -24.78
N ASP E 27 27.89 -50.20 -25.86
CA ASP E 27 28.50 -50.07 -27.17
C ASP E 27 28.70 -48.62 -27.55
N TRP E 28 27.68 -47.80 -27.33
CA TRP E 28 27.74 -46.38 -27.59
C TRP E 28 28.81 -45.64 -26.78
N ALA E 29 28.81 -45.87 -25.47
CA ALA E 29 29.74 -45.21 -24.55
C ALA E 29 31.18 -45.63 -24.75
N ALA E 30 31.37 -46.82 -25.31
CA ALA E 30 32.70 -47.34 -25.59
C ALA E 30 33.26 -46.73 -26.87
N GLU E 31 32.38 -46.22 -27.73
CA GLU E 31 32.83 -45.57 -28.95
C GLU E 31 34.14 -44.83 -28.75
N GLY E 32 35.17 -45.19 -29.52
CA GLY E 32 36.47 -44.56 -29.48
C GLY E 32 37.44 -44.91 -28.38
N LEU E 33 36.99 -45.59 -27.33
CA LEU E 33 37.91 -45.91 -26.23
C LEU E 33 38.76 -47.11 -26.62
N HIS E 34 39.90 -47.24 -25.96
CA HIS E 34 40.84 -48.31 -26.19
C HIS E 34 41.02 -49.15 -24.93
N ASN E 35 41.04 -50.47 -25.10
CA ASN E 35 41.25 -51.42 -24.02
C ASN E 35 40.12 -51.60 -23.04
N VAL E 36 38.87 -51.30 -23.42
CA VAL E 36 37.78 -51.56 -22.48
C VAL E 36 36.95 -52.72 -23.02
N SER E 37 36.39 -53.50 -22.12
CA SER E 37 35.59 -54.64 -22.55
C SER E 37 34.13 -54.51 -22.15
N ILE E 38 33.27 -54.35 -23.15
CA ILE E 38 31.83 -54.39 -22.93
C ILE E 38 31.39 -55.71 -22.30
N SER E 39 31.93 -56.85 -22.72
CA SER E 39 31.59 -58.12 -22.10
C SER E 39 32.03 -58.14 -20.64
N GLN E 40 33.24 -57.62 -20.37
CA GLN E 40 33.69 -57.56 -18.98
C GLN E 40 32.61 -56.86 -18.14
N VAL E 41 32.24 -55.67 -18.61
CA VAL E 41 31.22 -54.88 -17.94
C VAL E 41 29.92 -55.67 -17.82
N GLU E 42 29.47 -56.18 -18.97
CA GLU E 42 28.23 -56.95 -19.00
C GLU E 42 28.26 -58.09 -18.00
N LEU E 43 29.35 -58.86 -18.05
CA LEU E 43 29.52 -59.98 -17.15
C LEU E 43 29.37 -59.57 -15.69
N ARG E 44 30.13 -58.56 -15.26
CA ARG E 44 30.07 -58.08 -13.89
C ARG E 44 28.74 -57.50 -13.44
N SER E 45 27.92 -56.95 -14.33
CA SER E 45 26.68 -56.32 -13.91
C SER E 45 25.48 -57.24 -14.04
N HIS E 46 25.46 -58.06 -15.10
CA HIS E 46 24.32 -58.96 -15.29
C HIS E 46 24.14 -59.88 -14.09
N ILE E 47 25.20 -60.42 -13.50
CA ILE E 47 25.13 -61.25 -12.30
C ILE E 47 24.41 -60.59 -11.14
N GLN E 48 24.28 -59.28 -11.06
CA GLN E 48 23.60 -58.66 -9.94
C GLN E 48 22.19 -58.18 -10.27
N PHE E 49 21.66 -58.60 -11.41
CA PHE E 49 20.29 -58.27 -11.78
C PHE E 49 19.31 -59.24 -11.14
N TYR E 50 18.03 -58.90 -11.06
CA TYR E 50 17.00 -59.76 -10.49
C TYR E 50 15.60 -59.30 -10.85
N ASP E 51 14.65 -60.25 -10.91
CA ASP E 51 13.28 -59.94 -11.25
C ASP E 51 12.75 -58.68 -10.57
N GLY E 52 12.33 -57.74 -11.41
CA GLY E 52 11.72 -56.50 -10.97
C GLY E 52 12.77 -55.51 -10.48
N ILE E 53 13.97 -55.62 -11.06
CA ILE E 53 15.06 -54.73 -10.64
C ILE E 53 14.85 -53.36 -11.26
N LYS E 54 14.75 -52.34 -10.40
CA LYS E 54 14.49 -51.00 -10.92
C LYS E 54 15.47 -50.75 -12.07
N THR E 55 14.96 -49.99 -13.04
CA THR E 55 15.73 -49.62 -14.23
C THR E 55 16.89 -48.73 -13.84
N SER E 56 16.69 -47.83 -12.88
CA SER E 56 17.73 -46.96 -12.37
C SER E 56 18.89 -47.80 -11.86
N ASP E 57 18.56 -48.83 -11.09
CA ASP E 57 19.52 -49.77 -10.52
C ASP E 57 20.39 -50.42 -11.59
N ILE E 58 19.78 -50.83 -12.69
CA ILE E 58 20.52 -51.37 -13.83
C ILE E 58 21.60 -50.36 -14.24
N HIS E 59 21.21 -49.10 -14.39
CA HIS E 59 22.16 -48.07 -14.77
C HIS E 59 23.32 -47.96 -13.79
N GLU E 60 23.01 -47.85 -12.52
CA GLU E 60 24.03 -47.74 -11.48
C GLU E 60 25.00 -48.93 -11.54
N THR E 61 24.42 -50.12 -11.65
CA THR E 61 25.21 -51.34 -11.74
C THR E 61 26.23 -51.27 -12.87
N ILE E 62 25.82 -51.02 -14.12
CA ILE E 62 26.80 -50.97 -15.20
C ILE E 62 27.76 -49.81 -15.03
N ILE E 63 27.31 -48.69 -14.45
CA ILE E 63 28.26 -47.58 -14.21
C ILE E 63 29.37 -48.09 -13.29
N LYS E 64 28.98 -48.68 -12.14
CA LYS E 64 29.98 -49.21 -11.22
C LYS E 64 30.88 -50.23 -11.89
N ALA E 65 30.25 -51.15 -12.64
CA ALA E 65 30.99 -52.17 -13.38
C ALA E 65 32.15 -51.51 -14.14
N ALA E 66 31.77 -50.55 -14.99
CA ALA E 66 32.76 -49.79 -15.73
C ALA E 66 33.72 -49.09 -14.76
N ALA E 67 33.16 -48.43 -13.74
CA ALA E 67 34.00 -47.72 -12.78
C ALA E 67 35.01 -48.61 -12.06
N ASP E 68 34.68 -49.86 -11.79
CA ASP E 68 35.56 -50.76 -11.07
C ASP E 68 36.70 -51.30 -11.91
N LEU E 69 36.74 -51.06 -13.19
CA LEU E 69 37.83 -51.55 -14.03
C LEU E 69 38.82 -50.43 -14.34
N ILE E 70 38.62 -49.24 -13.78
CA ILE E 70 39.58 -48.16 -14.04
C ILE E 70 40.96 -48.65 -13.61
N SER E 71 41.98 -48.33 -14.38
CA SER E 71 43.33 -48.79 -14.02
C SER E 71 44.40 -48.06 -14.81
N ARG E 72 45.66 -48.16 -14.39
CA ARG E 72 46.74 -47.52 -15.17
C ARG E 72 46.80 -48.14 -16.56
N ASP E 73 46.70 -49.47 -16.63
CA ASP E 73 46.74 -50.20 -17.88
C ASP E 73 45.49 -50.05 -18.72
N ALA E 74 44.37 -49.68 -18.13
CA ALA E 74 43.13 -49.49 -18.91
C ALA E 74 42.40 -48.26 -18.40
N PRO E 75 42.88 -47.09 -18.80
CA PRO E 75 42.42 -45.80 -18.34
C PRO E 75 41.20 -45.27 -19.06
N ASP E 76 40.78 -45.92 -20.13
CA ASP E 76 39.60 -45.48 -20.87
C ASP E 76 38.33 -45.92 -20.18
N TYR E 77 38.42 -46.83 -19.20
CA TYR E 77 37.25 -47.16 -18.39
C TYR E 77 36.76 -45.87 -17.75
N GLN E 78 37.63 -44.95 -17.33
CA GLN E 78 37.22 -43.66 -16.85
C GLN E 78 36.14 -43.05 -17.75
N TYR E 79 36.41 -42.99 -19.06
CA TYR E 79 35.47 -42.38 -19.99
C TYR E 79 34.24 -43.25 -20.22
N LEU E 80 34.42 -44.59 -20.21
CA LEU E 80 33.27 -45.47 -20.39
C LEU E 80 32.31 -45.30 -19.22
N ALA E 81 32.87 -45.28 -18.00
CA ALA E 81 32.03 -45.11 -16.81
C ALA E 81 31.34 -43.74 -16.91
N ALA E 82 32.16 -42.72 -17.14
CA ALA E 82 31.69 -41.35 -17.27
C ALA E 82 30.47 -41.18 -18.17
N ARG E 83 30.63 -41.64 -19.41
CA ARG E 83 29.51 -41.53 -20.37
C ARG E 83 28.26 -42.20 -19.81
N LEU E 84 28.37 -43.46 -19.39
CA LEU E 84 27.23 -44.10 -18.73
C LEU E 84 26.66 -43.18 -17.67
N ALA E 85 27.51 -42.66 -16.77
CA ALA E 85 27.06 -41.69 -15.77
C ALA E 85 26.35 -40.49 -16.41
N ILE E 86 26.96 -39.88 -17.43
CA ILE E 86 26.33 -38.78 -18.14
C ILE E 86 24.97 -39.14 -18.72
N PHE E 87 24.88 -40.28 -19.40
CA PHE E 87 23.62 -40.76 -19.99
C PHE E 87 22.51 -40.80 -18.94
N HIS E 88 22.81 -41.49 -17.85
CA HIS E 88 21.92 -41.64 -16.72
C HIS E 88 21.46 -40.30 -16.14
N LEU E 89 22.39 -39.35 -16.01
CA LEU E 89 22.02 -38.04 -15.50
C LEU E 89 21.12 -37.33 -16.50
N ARG E 90 21.39 -37.48 -17.80
CA ARG E 90 20.50 -36.87 -18.80
C ARG E 90 19.07 -37.32 -18.50
N LYS E 91 18.84 -38.63 -18.61
CA LYS E 91 17.52 -39.17 -18.32
C LYS E 91 17.02 -38.64 -16.97
N LYS E 92 17.81 -38.81 -15.92
CA LYS E 92 17.51 -38.26 -14.61
C LYS E 92 17.06 -36.80 -14.65
N ALA E 93 17.66 -35.93 -15.44
CA ALA E 93 17.24 -34.54 -15.44
C ALA E 93 16.16 -34.23 -16.47
N TYR E 94 16.18 -34.90 -17.62
CA TYR E 94 15.31 -34.52 -18.72
C TYR E 94 14.33 -35.59 -19.14
N GLY E 95 14.48 -36.81 -18.62
CA GLY E 95 13.62 -37.92 -18.98
C GLY E 95 13.97 -38.44 -20.37
N GLN E 96 15.11 -38.02 -20.89
CA GLN E 96 15.60 -38.41 -22.20
C GLN E 96 17.06 -37.98 -22.30
N PHE E 97 17.80 -38.56 -23.23
CA PHE E 97 19.19 -38.20 -23.41
C PHE E 97 19.33 -36.77 -23.91
N GLU E 98 18.55 -36.40 -24.91
CA GLU E 98 18.66 -35.07 -25.50
C GLU E 98 18.15 -33.97 -24.59
N PRO E 99 19.06 -33.06 -24.27
CA PRO E 99 18.78 -31.90 -23.44
C PRO E 99 17.80 -31.00 -24.18
N PRO E 100 16.88 -30.39 -23.43
CA PRO E 100 15.89 -29.47 -23.91
C PRO E 100 16.52 -28.22 -24.50
N ALA E 101 15.68 -27.37 -25.07
CA ALA E 101 16.18 -26.11 -25.64
C ALA E 101 16.65 -25.23 -24.48
N LEU E 102 17.71 -24.46 -24.71
CA LEU E 102 18.22 -23.60 -23.65
C LEU E 102 17.12 -22.74 -23.05
N TYR E 103 16.36 -22.06 -23.90
CA TYR E 103 15.32 -21.15 -23.44
C TYR E 103 14.26 -21.88 -22.64
N ASP E 104 13.77 -22.99 -23.19
CA ASP E 104 12.77 -23.79 -22.48
C ASP E 104 13.28 -24.20 -21.11
N HIS E 105 14.51 -24.70 -21.03
CA HIS E 105 15.18 -25.04 -19.79
C HIS E 105 15.24 -23.88 -18.80
N VAL E 106 15.76 -22.73 -19.21
CA VAL E 106 15.83 -21.56 -18.33
C VAL E 106 14.46 -21.13 -17.82
N VAL E 107 13.47 -21.08 -18.69
CA VAL E 107 12.12 -20.70 -18.23
C VAL E 107 11.66 -21.65 -17.12
N LYS E 108 11.68 -22.94 -17.44
CA LYS E 108 11.30 -23.97 -16.48
C LYS E 108 12.02 -23.81 -15.15
N MET E 109 13.34 -23.62 -15.22
CA MET E 109 14.13 -23.50 -14.00
C MET E 109 13.84 -22.20 -13.27
N VAL E 110 13.51 -21.13 -14.01
CA VAL E 110 13.17 -19.89 -13.34
C VAL E 110 11.85 -20.09 -12.59
N GLU E 111 10.88 -20.73 -13.23
CA GLU E 111 9.58 -21.02 -12.62
C GLU E 111 9.71 -21.89 -11.37
N MET E 112 10.69 -22.79 -11.33
CA MET E 112 10.91 -23.64 -10.18
C MET E 112 11.76 -22.96 -9.13
N GLY E 113 12.28 -21.78 -9.45
CA GLY E 113 13.10 -20.99 -8.56
C GLY E 113 14.49 -21.57 -8.36
N LYS E 114 14.98 -22.31 -9.35
CA LYS E 114 16.31 -22.90 -9.24
C LYS E 114 17.33 -22.02 -9.94
N TYR E 115 16.85 -21.15 -10.81
CA TYR E 115 17.73 -20.22 -11.52
C TYR E 115 17.33 -18.77 -11.16
N ASP E 116 18.27 -17.85 -11.35
CA ASP E 116 17.96 -16.45 -11.04
C ASP E 116 16.98 -15.91 -12.07
N ASN E 117 16.05 -15.05 -11.64
CA ASN E 117 15.04 -14.55 -12.58
C ASN E 117 15.65 -13.53 -13.51
N HIS E 118 16.72 -12.86 -13.09
CA HIS E 118 17.39 -11.88 -13.93
C HIS E 118 17.81 -12.44 -15.29
N LEU E 119 18.13 -13.73 -15.39
CA LEU E 119 18.52 -14.32 -16.67
C LEU E 119 17.47 -14.04 -17.73
N LEU E 120 16.21 -14.29 -17.40
CA LEU E 120 15.13 -14.04 -18.35
C LEU E 120 14.91 -12.56 -18.62
N GLU E 121 15.28 -11.69 -17.68
CA GLU E 121 15.17 -10.26 -17.89
C GLU E 121 16.35 -9.74 -18.70
N ASP E 122 17.53 -10.30 -18.43
CA ASP E 122 18.74 -9.85 -19.05
C ASP E 122 18.91 -10.33 -20.48
N TYR E 123 18.34 -11.46 -20.86
CA TYR E 123 18.48 -11.99 -22.22
C TYR E 123 17.11 -12.22 -22.84
N THR E 124 17.03 -12.04 -24.16
CA THR E 124 15.76 -12.23 -24.85
C THR E 124 15.67 -13.67 -25.33
N GLU E 125 14.49 -14.22 -25.51
CA GLU E 125 14.33 -15.59 -25.98
C GLU E 125 15.14 -15.86 -27.24
N GLU E 126 15.21 -14.92 -28.17
CA GLU E 126 16.05 -15.09 -29.35
C GLU E 126 17.52 -15.11 -28.93
N GLU E 127 17.91 -14.31 -27.95
CA GLU E 127 19.27 -14.35 -27.42
C GLU E 127 19.58 -15.73 -26.83
N PHE E 128 18.65 -16.29 -26.07
CA PHE E 128 18.77 -17.64 -25.55
C PHE E 128 18.86 -18.64 -26.69
N LYS E 129 18.03 -18.52 -27.73
CA LYS E 129 18.13 -19.39 -28.89
C LYS E 129 19.52 -19.31 -29.48
N GLN E 130 20.06 -18.10 -29.62
CA GLN E 130 21.41 -17.89 -30.13
C GLN E 130 22.42 -18.62 -29.26
N MET E 131 22.35 -18.44 -27.94
CA MET E 131 23.27 -19.11 -27.03
C MET E 131 23.21 -20.61 -27.23
N ASP E 132 22.01 -21.18 -27.29
CA ASP E 132 21.84 -22.61 -27.52
C ASP E 132 22.71 -23.12 -28.66
N THR E 133 22.82 -22.40 -29.76
CA THR E 133 23.69 -22.72 -30.87
C THR E 133 25.16 -22.82 -30.51
N PHE E 134 25.63 -22.14 -29.47
CA PHE E 134 27.01 -22.23 -29.03
C PHE E 134 27.28 -23.54 -28.31
N ILE E 135 26.29 -23.95 -27.54
CA ILE E 135 26.36 -25.14 -26.72
C ILE E 135 26.77 -26.33 -27.57
N ASP E 136 27.59 -27.19 -26.98
CA ASP E 136 27.90 -28.47 -27.59
C ASP E 136 27.77 -29.53 -26.50
N HIS E 137 26.58 -30.12 -26.41
CA HIS E 137 26.32 -31.15 -25.42
C HIS E 137 27.19 -32.39 -25.57
N ASP E 138 27.77 -32.68 -26.73
CA ASP E 138 28.69 -33.80 -26.83
C ASP E 138 29.91 -33.58 -25.96
N ARG E 139 30.28 -32.37 -25.60
CA ARG E 139 31.39 -32.10 -24.69
C ARG E 139 31.23 -32.88 -23.39
N ASP E 140 30.03 -33.11 -22.89
CA ASP E 140 29.77 -33.99 -21.77
C ASP E 140 30.48 -35.33 -21.86
N MET E 141 30.62 -35.90 -23.06
CA MET E 141 31.40 -37.08 -23.32
C MET E 141 32.91 -36.96 -23.12
N THR E 142 33.45 -35.80 -22.77
CA THR E 142 34.88 -35.65 -22.59
C THR E 142 35.28 -35.68 -21.12
N PHE E 143 34.29 -35.72 -20.24
CA PHE E 143 34.58 -35.80 -18.80
C PHE E 143 35.06 -37.20 -18.40
N SER E 144 35.86 -37.31 -17.34
CA SER E 144 36.31 -38.61 -16.86
C SER E 144 35.43 -39.02 -15.70
N TYR E 145 35.17 -40.31 -15.47
CA TYR E 145 34.30 -40.70 -14.38
C TYR E 145 34.43 -39.88 -13.12
N ALA E 146 35.64 -39.69 -12.57
CA ALA E 146 35.82 -38.90 -11.36
C ALA E 146 35.20 -37.52 -11.52
N ALA E 147 35.51 -36.87 -12.65
CA ALA E 147 34.93 -35.57 -12.96
C ALA E 147 33.40 -35.63 -12.90
N VAL E 148 32.74 -36.56 -13.61
CA VAL E 148 31.28 -36.59 -13.51
C VAL E 148 30.84 -36.68 -12.06
N LYS E 149 31.48 -37.57 -11.29
CA LYS E 149 31.25 -37.63 -9.85
C LYS E 149 31.33 -36.26 -9.21
N GLN E 150 32.35 -35.44 -9.48
CA GLN E 150 32.40 -34.11 -8.90
C GLN E 150 31.22 -33.26 -9.38
N LEU E 151 30.99 -33.14 -10.70
CA LEU E 151 29.88 -32.36 -11.18
C LEU E 151 28.58 -32.76 -10.46
N GLU E 152 28.25 -34.05 -10.45
CA GLU E 152 27.02 -34.52 -9.84
C GLU E 152 26.94 -34.16 -8.36
N GLY E 153 28.07 -34.34 -7.67
CA GLY E 153 28.13 -34.10 -6.24
C GLY E 153 28.14 -32.66 -5.81
N LYS E 154 28.80 -31.77 -6.57
CA LYS E 154 28.87 -30.39 -6.08
C LYS E 154 28.87 -29.28 -7.11
N TYR E 155 28.33 -29.48 -8.29
CA TYR E 155 28.27 -28.40 -9.28
C TYR E 155 26.86 -28.28 -9.83
N LEU E 156 26.39 -29.39 -10.39
CA LEU E 156 25.08 -29.41 -11.03
C LEU E 156 23.97 -28.95 -10.09
N VAL E 157 23.04 -28.14 -10.59
CA VAL E 157 21.92 -27.67 -9.76
C VAL E 157 21.03 -28.87 -9.42
N GLN E 158 20.78 -29.10 -8.14
CA GLN E 158 19.99 -30.26 -7.74
C GLN E 158 19.21 -30.04 -6.45
N ASN E 159 18.28 -30.96 -6.16
CA ASN E 159 17.53 -30.89 -4.91
C ASN E 159 18.27 -31.80 -3.93
N ARG E 160 18.77 -31.25 -2.83
CA ARG E 160 19.59 -32.05 -1.92
C ARG E 160 18.77 -33.01 -1.07
N VAL E 161 17.53 -32.67 -0.76
CA VAL E 161 16.66 -33.58 -0.02
C VAL E 161 16.23 -34.72 -0.94
N THR E 162 15.44 -34.39 -1.96
CA THR E 162 14.90 -35.36 -2.89
C THR E 162 15.91 -36.10 -3.74
N GLY E 163 17.04 -35.46 -4.06
CA GLY E 163 18.05 -36.08 -4.90
C GLY E 163 17.99 -35.58 -6.34
N GLU E 164 16.83 -35.16 -6.83
CA GLU E 164 16.67 -34.70 -8.19
C GLU E 164 17.80 -33.82 -8.73
N ILE E 165 18.29 -34.16 -9.91
CA ILE E 165 19.32 -33.38 -10.58
C ILE E 165 18.62 -32.56 -11.68
N TYR E 166 18.68 -31.24 -11.63
CA TYR E 166 17.94 -30.45 -12.59
C TYR E 166 18.70 -30.01 -13.82
N GLU E 167 19.99 -30.28 -13.99
CA GLU E 167 20.65 -29.71 -15.16
C GLU E 167 21.79 -30.56 -15.68
N SER E 168 22.49 -30.04 -16.69
CA SER E 168 23.65 -30.73 -17.24
C SER E 168 24.83 -29.77 -17.39
N ALA E 169 26.04 -30.31 -17.35
CA ALA E 169 27.25 -29.51 -17.43
C ALA E 169 27.18 -28.39 -18.45
N GLN E 170 26.92 -28.68 -19.73
CA GLN E 170 26.88 -27.63 -20.75
C GLN E 170 25.94 -26.48 -20.39
N PHE E 171 24.75 -26.76 -19.85
CA PHE E 171 23.87 -25.70 -19.43
C PHE E 171 24.57 -24.89 -18.35
N LEU E 172 25.19 -25.55 -17.37
CA LEU E 172 25.94 -24.85 -16.33
C LEU E 172 26.95 -23.88 -16.94
N TYR E 173 27.81 -24.36 -17.82
CA TYR E 173 28.81 -23.48 -18.41
C TYR E 173 28.21 -22.33 -19.20
N ILE E 174 27.22 -22.60 -20.04
CA ILE E 174 26.64 -21.53 -20.85
C ILE E 174 26.06 -20.44 -19.94
N LEU E 175 25.32 -20.85 -18.92
CA LEU E 175 24.70 -19.89 -18.01
C LEU E 175 25.69 -19.22 -17.08
N VAL E 176 26.83 -19.87 -16.79
CA VAL E 176 27.84 -19.17 -15.99
C VAL E 176 28.35 -18.03 -16.88
N ALA E 177 28.58 -18.34 -18.16
CA ALA E 177 29.02 -17.29 -19.10
C ALA E 177 27.95 -16.19 -19.16
N ALA E 178 26.72 -16.63 -19.44
CA ALA E 178 25.60 -15.70 -19.55
C ALA E 178 25.57 -14.74 -18.38
N CYS E 179 25.58 -15.26 -17.15
CA CYS E 179 25.49 -14.38 -15.97
C CYS E 179 26.70 -13.48 -15.84
N LEU E 180 27.91 -14.01 -15.97
CA LEU E 180 29.11 -13.17 -15.85
C LEU E 180 29.20 -12.07 -16.88
N PHE E 181 28.74 -12.24 -18.12
CA PHE E 181 28.81 -11.17 -19.10
C PHE E 181 27.45 -10.56 -19.44
N SER E 182 26.52 -10.62 -18.49
CA SER E 182 25.19 -10.08 -18.72
C SER E 182 25.11 -8.57 -18.82
N ASN E 183 26.08 -7.83 -18.29
CA ASN E 183 26.07 -6.37 -18.39
C ASN E 183 26.85 -5.84 -19.57
N TYR E 184 27.27 -6.73 -20.47
CA TYR E 184 27.98 -6.26 -21.66
C TYR E 184 27.00 -5.63 -22.64
N PRO E 185 27.51 -4.63 -23.36
CA PRO E 185 26.77 -3.93 -24.38
C PRO E 185 26.32 -5.00 -25.36
N ARG E 186 25.18 -4.87 -25.99
CA ARG E 186 24.68 -5.94 -26.85
C ARG E 186 25.55 -6.15 -28.07
N GLU E 187 26.42 -5.23 -28.46
CA GLU E 187 27.31 -5.42 -29.59
C GLU E 187 28.38 -6.46 -29.32
N THR E 188 28.76 -6.78 -28.09
CA THR E 188 29.76 -7.80 -27.82
C THR E 188 29.34 -8.87 -26.82
N ARG E 189 28.26 -8.65 -26.08
CA ARG E 189 27.80 -9.55 -25.04
C ARG E 189 27.88 -11.01 -25.47
N LEU E 190 27.05 -11.47 -26.38
CA LEU E 190 27.05 -12.86 -26.84
C LEU E 190 28.36 -13.36 -27.42
N GLN E 191 29.19 -12.52 -28.01
CA GLN E 191 30.51 -12.92 -28.50
C GLN E 191 31.34 -13.41 -27.32
N TYR E 192 31.42 -12.60 -26.25
CA TYR E 192 32.03 -12.96 -24.99
C TYR E 192 31.40 -14.21 -24.37
N VAL E 193 30.08 -14.23 -24.24
CA VAL E 193 29.43 -15.43 -23.72
C VAL E 193 29.94 -16.64 -24.48
N LYS E 194 29.86 -16.63 -25.81
CA LYS E 194 30.32 -17.79 -26.57
C LYS E 194 31.79 -18.08 -26.31
N ARG E 195 32.65 -17.07 -26.39
CA ARG E 195 34.08 -17.32 -26.17
C ARG E 195 34.35 -17.94 -24.80
N PHE E 196 33.82 -17.35 -23.73
CA PHE E 196 34.01 -17.89 -22.39
C PHE E 196 33.44 -19.29 -22.26
N TYR E 197 32.26 -19.54 -22.82
CA TYR E 197 31.67 -20.88 -22.75
C TYR E 197 32.64 -21.92 -23.32
N ASP E 198 33.15 -21.68 -24.53
CA ASP E 198 34.13 -22.58 -25.11
C ASP E 198 35.35 -22.71 -24.20
N ALA E 199 35.83 -21.56 -23.69
CA ALA E 199 37.01 -21.61 -22.81
C ALA E 199 36.76 -22.59 -21.66
N VAL E 200 35.66 -22.41 -20.93
CA VAL E 200 35.41 -23.31 -19.82
C VAL E 200 34.95 -24.69 -20.24
N SER E 201 34.06 -24.90 -21.20
CA SER E 201 33.66 -26.27 -21.55
C SER E 201 34.79 -27.10 -22.15
N THR E 202 35.85 -26.51 -22.68
CA THR E 202 36.97 -27.30 -23.21
C THR E 202 38.13 -27.22 -22.24
N PHE E 203 37.82 -27.02 -20.97
CA PHE E 203 38.70 -27.02 -19.83
C PHE E 203 39.95 -26.15 -19.96
N LYS E 204 39.90 -25.02 -20.67
CA LYS E 204 41.05 -24.14 -20.78
C LYS E 204 41.17 -23.29 -19.51
N ILE E 205 40.02 -22.94 -18.95
CA ILE E 205 39.95 -22.10 -17.75
C ILE E 205 39.15 -22.82 -16.67
N SER E 206 39.68 -22.86 -15.45
CA SER E 206 38.97 -23.52 -14.35
C SER E 206 38.35 -22.46 -13.44
N LEU E 207 37.17 -22.76 -12.90
CA LEU E 207 36.55 -21.78 -11.99
C LEU E 207 36.19 -22.48 -10.70
N PRO E 208 36.33 -21.79 -9.59
CA PRO E 208 36.10 -22.28 -8.25
C PRO E 208 34.71 -22.82 -7.99
N THR E 209 34.63 -23.75 -7.03
CA THR E 209 33.37 -24.41 -6.72
C THR E 209 32.19 -23.49 -6.47
N PRO E 210 32.34 -22.49 -5.64
CA PRO E 210 31.28 -21.54 -5.35
C PRO E 210 30.73 -20.98 -6.64
N ILE E 211 31.61 -20.46 -7.50
CA ILE E 211 31.17 -19.88 -8.78
C ILE E 211 30.43 -20.92 -9.60
N MET E 212 31.08 -22.05 -9.83
CA MET E 212 30.53 -23.12 -10.65
C MET E 212 29.19 -23.66 -10.19
N SER E 213 28.98 -23.73 -8.88
CA SER E 213 27.72 -24.27 -8.37
C SER E 213 26.64 -23.21 -8.29
N GLY E 214 27.00 -21.96 -8.07
CA GLY E 214 26.01 -20.93 -7.85
C GLY E 214 25.68 -19.90 -8.90
N VAL E 215 26.68 -19.47 -9.69
CA VAL E 215 26.41 -18.41 -10.66
C VAL E 215 25.36 -18.92 -11.64
N ARG E 216 24.16 -18.41 -11.58
CA ARG E 216 23.05 -18.80 -12.43
C ARG E 216 21.82 -18.99 -11.53
N THR E 217 22.12 -19.34 -10.28
CA THR E 217 21.09 -19.58 -9.29
C THR E 217 20.86 -18.26 -8.57
N PRO E 218 19.80 -18.15 -7.80
CA PRO E 218 19.41 -16.98 -7.06
C PRO E 218 20.41 -16.47 -6.03
N THR E 219 21.39 -17.25 -5.60
CA THR E 219 22.35 -16.78 -4.62
C THR E 219 23.18 -15.65 -5.19
N ARG E 220 24.03 -15.09 -4.34
CA ARG E 220 24.93 -14.00 -4.65
C ARG E 220 26.20 -14.13 -3.80
N GLN E 221 26.25 -15.24 -3.06
CA GLN E 221 27.39 -15.50 -2.19
C GLN E 221 28.41 -16.31 -2.97
N PHE E 222 29.61 -15.83 -3.28
CA PHE E 222 30.55 -16.62 -4.08
C PHE E 222 31.97 -16.59 -3.56
N SER E 223 32.25 -15.80 -2.53
CA SER E 223 33.61 -15.68 -1.99
C SER E 223 34.02 -16.94 -1.22
N SER E 224 35.17 -17.51 -1.55
CA SER E 224 35.68 -18.71 -0.90
C SER E 224 36.65 -18.42 0.26
N CYS E 225 37.30 -17.27 0.32
CA CYS E 225 38.19 -16.98 1.42
C CYS E 225 38.30 -15.48 1.66
N VAL E 226 38.43 -15.21 2.95
CA VAL E 226 38.46 -13.88 3.52
C VAL E 226 39.77 -13.73 4.28
N LEU E 227 40.28 -12.52 4.41
CA LEU E 227 41.48 -12.19 5.18
C LEU E 227 41.13 -11.04 6.13
N ILE E 228 40.99 -11.29 7.42
CA ILE E 228 40.65 -10.23 8.37
C ILE E 228 41.86 -9.86 9.22
N GLU E 229 42.15 -8.59 9.45
CA GLU E 229 43.27 -8.20 10.31
C GLU E 229 42.69 -7.70 11.64
N CYS E 230 43.25 -8.11 12.76
CA CYS E 230 42.65 -7.77 14.04
C CYS E 230 43.44 -6.71 14.79
N GLY E 231 42.78 -5.60 15.12
CA GLY E 231 43.51 -4.54 15.83
C GLY E 231 43.65 -5.02 17.27
N ASP E 232 44.57 -4.43 18.03
CA ASP E 232 44.77 -4.80 19.43
C ASP E 232 43.73 -4.09 20.31
N SER E 233 42.48 -4.54 20.26
CA SER E 233 41.44 -3.90 21.04
C SER E 233 40.19 -4.76 21.15
N LEU E 234 39.52 -4.74 22.30
CA LEU E 234 38.31 -5.52 22.47
C LEU E 234 37.32 -5.26 21.35
N ASP E 235 37.15 -4.00 20.95
CA ASP E 235 36.26 -3.67 19.84
C ASP E 235 36.69 -4.39 18.57
N SER E 236 37.98 -4.31 18.26
CA SER E 236 38.48 -4.97 17.04
C SER E 236 38.39 -6.48 17.15
N ILE E 237 38.72 -7.01 18.33
CA ILE E 237 38.59 -8.44 18.59
C ILE E 237 37.14 -8.83 18.36
N ASN E 238 36.20 -8.08 18.95
CA ASN E 238 34.78 -8.38 18.74
C ASN E 238 34.43 -8.31 17.26
N ALA E 239 34.80 -7.20 16.61
CA ALA E 239 34.56 -7.02 15.19
C ALA E 239 35.07 -8.20 14.36
N THR E 240 36.35 -8.52 14.56
CA THR E 240 36.99 -9.63 13.86
C THR E 240 36.13 -10.89 14.00
N SER E 241 35.88 -11.21 15.27
CA SER E 241 35.04 -12.39 15.55
C SER E 241 33.74 -12.30 14.78
N SER E 242 33.01 -11.19 14.84
CA SER E 242 31.76 -11.10 14.09
C SER E 242 31.95 -11.33 12.60
N ALA E 243 32.98 -10.74 12.02
CA ALA E 243 33.24 -10.97 10.59
C ALA E 243 33.37 -12.46 10.36
N ILE E 244 34.24 -13.16 11.10
CA ILE E 244 34.39 -14.61 10.93
C ILE E 244 33.07 -15.37 10.97
N VAL E 245 32.21 -15.14 11.94
CA VAL E 245 30.93 -15.85 12.02
C VAL E 245 30.13 -15.66 10.75
N LYS E 246 30.04 -14.42 10.24
CA LYS E 246 29.28 -14.18 9.01
C LYS E 246 29.88 -14.93 7.82
N TYR E 247 31.21 -14.89 7.73
CA TYR E 247 31.91 -15.50 6.61
C TYR E 247 32.02 -16.99 6.64
N VAL E 248 32.12 -17.64 7.80
CA VAL E 248 32.18 -19.09 7.80
C VAL E 248 30.77 -19.62 7.57
N SER E 249 29.78 -18.80 7.89
CA SER E 249 28.37 -19.13 7.69
C SER E 249 28.03 -19.25 6.21
N GLN E 250 28.87 -18.73 5.34
CA GLN E 250 28.77 -18.83 3.90
C GLN E 250 29.98 -19.66 3.44
N ARG E 251 30.33 -20.68 4.21
CA ARG E 251 31.38 -21.62 3.91
C ARG E 251 32.68 -21.04 3.37
N ALA E 252 33.22 -19.97 3.95
CA ALA E 252 34.46 -19.40 3.44
C ALA E 252 35.67 -19.69 4.32
N GLY E 253 36.83 -19.90 3.69
CA GLY E 253 38.07 -20.13 4.42
C GLY E 253 38.50 -18.83 5.09
N ILE E 254 38.94 -18.87 6.34
CA ILE E 254 39.33 -17.65 7.03
C ILE E 254 40.83 -17.52 7.23
N GLY E 255 41.37 -16.34 7.02
CA GLY E 255 42.81 -16.11 7.24
C GLY E 255 42.82 -14.88 8.17
N ILE E 256 43.23 -15.06 9.41
CA ILE E 256 43.16 -14.02 10.42
C ILE E 256 44.53 -13.55 10.85
N ASN E 257 44.76 -12.26 10.93
CA ASN E 257 46.06 -11.79 11.44
C ASN E 257 45.81 -11.28 12.85
N ALA E 258 46.27 -12.00 13.87
CA ALA E 258 46.04 -11.56 15.25
C ALA E 258 47.36 -11.16 15.89
N GLY E 259 48.34 -10.79 15.08
CA GLY E 259 49.67 -10.42 15.48
C GLY E 259 49.86 -9.24 16.40
N ARG E 260 49.00 -8.23 16.36
CA ARG E 260 49.17 -7.09 17.26
C ARG E 260 48.49 -7.30 18.60
N ILE E 261 47.72 -8.37 18.79
CA ILE E 261 47.13 -8.56 20.12
C ILE E 261 48.28 -8.62 21.11
N ARG E 262 48.33 -7.65 22.00
CA ARG E 262 49.42 -7.53 22.97
C ARG E 262 49.59 -8.79 23.78
N ALA E 263 50.78 -8.98 24.35
CA ALA E 263 51.12 -10.17 25.09
C ALA E 263 50.57 -10.26 26.50
N LEU E 264 50.59 -11.49 26.99
CA LEU E 264 50.21 -11.81 28.37
C LEU E 264 51.03 -10.99 29.35
N GLY E 265 50.36 -10.43 30.36
CA GLY E 265 51.04 -9.64 31.38
C GLY E 265 51.10 -8.16 31.09
N SER E 266 50.98 -7.77 29.82
CA SER E 266 51.03 -6.38 29.41
C SER E 266 49.98 -5.57 30.17
N PRO E 267 50.36 -4.35 30.51
CA PRO E 267 49.52 -3.42 31.23
C PRO E 267 48.22 -3.14 30.49
N ILE E 268 47.15 -2.90 31.21
CA ILE E 268 45.88 -2.48 30.62
C ILE E 268 45.30 -1.34 31.46
N ARG E 269 45.16 -0.18 30.83
CA ARG E 269 44.60 1.03 31.43
C ARG E 269 45.64 1.82 32.22
N GLY E 270 46.80 1.26 32.45
CA GLY E 270 47.88 1.87 33.21
C GLY E 270 48.57 0.78 34.05
N GLY E 271 48.00 0.51 35.21
CA GLY E 271 48.49 -0.52 36.11
C GLY E 271 47.29 -1.07 36.88
N GLU E 272 46.11 -0.64 36.42
CA GLU E 272 44.84 -1.03 37.02
C GLU E 272 44.49 -2.47 36.72
N ALA E 273 44.95 -3.02 35.60
CA ALA E 273 44.69 -4.40 35.24
C ALA E 273 45.71 -4.91 34.22
N PHE E 274 46.18 -6.14 34.43
CA PHE E 274 47.18 -6.72 33.54
C PHE E 274 46.49 -7.65 32.54
N HIS E 275 46.99 -7.65 31.31
CA HIS E 275 46.47 -8.44 30.21
C HIS E 275 46.44 -9.94 30.48
N THR E 276 45.53 -10.63 29.82
CA THR E 276 45.34 -12.06 30.00
C THR E 276 46.01 -12.96 28.99
N GLY E 277 46.46 -12.40 27.87
CA GLY E 277 47.19 -13.12 26.84
C GLY E 277 46.47 -13.17 25.50
N CYS E 278 47.15 -13.71 24.48
CA CYS E 278 46.57 -13.86 23.17
C CYS E 278 45.72 -15.12 23.04
N ILE E 279 46.12 -16.19 23.73
CA ILE E 279 45.48 -17.49 23.61
C ILE E 279 43.99 -17.46 23.85
N PRO E 280 43.54 -16.90 24.95
CA PRO E 280 42.12 -16.71 25.22
C PRO E 280 41.39 -16.16 24.02
N PHE E 281 41.93 -15.18 23.32
CA PHE E 281 41.30 -14.64 22.13
C PHE E 281 41.40 -15.59 20.95
N TYR E 282 42.55 -16.24 20.75
CA TYR E 282 42.66 -17.24 19.69
C TYR E 282 41.59 -18.31 19.87
N LYS E 283 41.37 -18.79 21.09
CA LYS E 283 40.34 -19.78 21.35
C LYS E 283 38.99 -19.22 20.91
N HIS E 284 38.79 -17.92 21.13
CA HIS E 284 37.55 -17.25 20.78
C HIS E 284 37.39 -17.17 19.27
N PHE E 285 38.45 -16.85 18.53
CA PHE E 285 38.35 -16.86 17.07
C PHE E 285 38.13 -18.30 16.58
N GLN E 286 38.74 -19.30 17.22
CA GLN E 286 38.50 -20.69 16.85
C GLN E 286 37.03 -21.06 17.00
N THR E 287 36.33 -20.70 18.08
CA THR E 287 34.92 -21.04 18.19
C THR E 287 34.13 -20.27 17.13
N ALA E 288 34.57 -19.04 16.83
CA ALA E 288 33.91 -18.24 15.80
C ALA E 288 34.00 -19.03 14.48
N VAL E 289 35.22 -19.43 14.15
CA VAL E 289 35.51 -20.21 12.95
C VAL E 289 34.66 -21.47 12.85
N LYS E 290 34.48 -22.21 13.93
CA LYS E 290 33.69 -23.44 13.88
C LYS E 290 32.24 -23.27 14.27
N SER E 291 31.77 -22.05 14.45
CA SER E 291 30.40 -21.73 14.82
C SER E 291 29.31 -22.33 13.96
N CYS E 292 29.59 -22.67 12.71
CA CYS E 292 28.64 -23.28 11.81
C CYS E 292 29.15 -24.62 11.29
N SER E 293 29.60 -25.49 12.20
CA SER E 293 30.08 -26.82 11.91
C SER E 293 29.41 -27.87 12.80
N GLN E 294 29.10 -29.04 12.25
CA GLN E 294 28.44 -30.07 13.05
C GLN E 294 29.21 -30.33 14.34
N GLY E 295 28.61 -29.99 15.48
CA GLY E 295 29.21 -30.14 16.78
C GLY E 295 30.22 -29.04 17.11
N GLY E 296 31.31 -29.02 16.36
CA GLY E 296 32.41 -28.08 16.48
C GLY E 296 33.61 -28.64 15.71
N VAL E 297 33.30 -29.46 14.70
CA VAL E 297 34.32 -30.15 13.91
C VAL E 297 34.21 -29.89 12.41
N ARG E 298 33.23 -30.51 11.76
CA ARG E 298 32.96 -30.49 10.35
C ARG E 298 33.05 -29.19 9.59
N GLY E 299 34.23 -28.84 9.07
CA GLY E 299 34.37 -27.64 8.24
C GLY E 299 34.73 -26.40 9.04
N GLY E 300 34.82 -25.27 8.34
CA GLY E 300 35.22 -24.02 9.01
C GLY E 300 36.74 -24.11 9.21
N ALA E 301 37.49 -23.51 8.31
CA ALA E 301 38.94 -23.57 8.41
C ALA E 301 39.51 -22.17 8.57
N ALA E 302 40.65 -22.08 9.26
CA ALA E 302 41.27 -20.78 9.46
C ALA E 302 42.78 -20.97 9.65
N THR E 303 43.53 -19.91 9.36
CA THR E 303 44.96 -19.84 9.54
C THR E 303 45.26 -18.46 10.15
N LEU E 304 45.80 -18.51 11.36
CA LEU E 304 46.10 -17.32 12.14
C LEU E 304 47.56 -16.97 11.92
N PHE E 305 47.88 -15.67 11.85
CA PHE E 305 49.27 -15.27 11.57
C PHE E 305 49.86 -14.45 12.69
N TYR E 306 51.14 -14.60 13.01
CA TYR E 306 51.77 -13.77 14.04
C TYR E 306 53.25 -13.67 13.72
N PRO E 307 53.88 -12.60 14.16
CA PRO E 307 55.29 -12.37 13.97
C PRO E 307 56.06 -13.39 14.79
N MET E 308 57.26 -13.75 14.31
CA MET E 308 58.09 -14.68 15.05
C MET E 308 58.58 -14.05 16.34
N TRP E 309 58.73 -12.73 16.41
CA TRP E 309 59.25 -12.07 17.60
C TRP E 309 58.17 -11.73 18.62
N HIS E 310 56.91 -12.07 18.38
CA HIS E 310 55.87 -11.78 19.37
C HIS E 310 56.31 -12.32 20.73
N LEU E 311 56.00 -11.60 21.81
CA LEU E 311 56.43 -12.04 23.13
C LEU E 311 55.94 -13.44 23.48
N GLU E 312 54.74 -13.83 23.10
CA GLU E 312 54.22 -15.16 23.40
C GLU E 312 54.51 -16.18 22.31
N VAL E 313 55.48 -15.94 21.44
CA VAL E 313 55.78 -16.86 20.35
C VAL E 313 55.96 -18.31 20.74
N GLU E 314 56.69 -18.63 21.80
CA GLU E 314 56.93 -20.04 22.13
C GLU E 314 55.67 -20.74 22.61
N SER E 315 54.68 -20.01 23.12
CA SER E 315 53.42 -20.61 23.53
C SER E 315 52.50 -20.72 22.32
N LEU E 316 52.64 -19.78 21.40
CA LEU E 316 51.85 -19.79 20.17
C LEU E 316 52.29 -20.92 19.24
N LEU E 317 53.60 -21.15 19.08
CA LEU E 317 54.14 -22.20 18.24
C LEU E 317 53.72 -23.62 18.54
N VAL E 318 53.34 -23.95 19.77
CA VAL E 318 52.94 -25.30 20.13
C VAL E 318 51.44 -25.42 20.37
N LEU E 319 50.67 -24.47 19.84
CA LEU E 319 49.22 -24.54 20.03
C LEU E 319 48.58 -25.81 19.49
N LYS E 320 49.15 -26.47 18.49
CA LYS E 320 48.56 -27.70 17.99
C LYS E 320 49.13 -28.91 18.70
N ASN E 321 50.26 -28.76 19.38
CA ASN E 321 50.83 -29.90 20.10
C ASN E 321 49.71 -30.57 20.89
N ASN E 322 49.45 -31.84 20.62
CA ASN E 322 48.38 -32.58 21.29
C ASN E 322 48.72 -32.85 22.74
N ARG E 323 49.96 -33.27 23.01
CA ARG E 323 50.42 -33.49 24.37
C ARG E 323 50.53 -32.15 25.09
N GLY E 324 49.47 -31.69 25.76
CA GLY E 324 49.52 -30.42 26.46
C GLY E 324 48.22 -30.11 27.19
N VAL E 325 48.30 -29.22 28.18
CA VAL E 325 47.12 -28.83 28.95
C VAL E 325 46.11 -28.16 28.03
N GLU E 326 44.85 -28.57 28.16
CA GLU E 326 43.73 -28.05 27.40
C GLU E 326 43.72 -26.53 27.27
N GLY E 327 43.89 -25.83 28.38
CA GLY E 327 43.89 -24.38 28.44
C GLY E 327 45.01 -23.69 27.68
N ASN E 328 46.08 -24.40 27.35
CA ASN E 328 47.19 -23.84 26.61
C ASN E 328 47.32 -24.44 25.22
N ARG E 329 46.18 -24.62 24.55
CA ARG E 329 46.14 -25.25 23.24
C ARG E 329 44.98 -24.72 22.40
N VAL E 330 45.22 -24.40 21.14
CA VAL E 330 44.16 -24.03 20.21
C VAL E 330 44.42 -24.88 18.96
N ARG E 331 44.17 -26.17 19.09
CA ARG E 331 44.51 -27.19 18.13
C ARG E 331 43.79 -27.18 16.80
N HIS E 332 42.63 -26.56 16.64
CA HIS E 332 41.87 -26.66 15.42
C HIS E 332 42.00 -25.47 14.48
N MET E 333 43.18 -24.89 14.38
CA MET E 333 43.45 -23.80 13.46
C MET E 333 44.92 -23.93 13.03
N ASP E 334 45.21 -23.60 11.78
CA ASP E 334 46.61 -23.65 11.35
C ASP E 334 47.23 -22.30 11.62
N TYR E 335 48.55 -22.22 11.82
CA TYR E 335 49.24 -20.98 12.12
C TYR E 335 50.26 -20.62 11.05
N GLY E 336 50.47 -19.31 10.85
CA GLY E 336 51.44 -18.84 9.87
C GLY E 336 52.46 -17.94 10.58
N VAL E 337 53.65 -18.49 10.82
CA VAL E 337 54.71 -17.72 11.48
C VAL E 337 55.31 -16.75 10.46
N GLN E 338 55.38 -15.46 10.82
CA GLN E 338 55.95 -14.49 9.87
C GLN E 338 57.40 -14.14 10.21
N ILE E 339 58.29 -14.42 9.28
CA ILE E 339 59.71 -14.14 9.44
C ILE E 339 60.15 -13.09 8.42
N ASN E 340 61.31 -12.49 8.68
CA ASN E 340 61.93 -11.52 7.80
C ASN E 340 63.44 -11.80 7.81
N LYS E 341 64.19 -11.12 6.96
CA LYS E 341 65.63 -11.27 6.87
C LYS E 341 66.37 -11.27 8.20
N LEU E 342 66.12 -10.26 9.04
CA LEU E 342 66.82 -10.15 10.31
C LEU E 342 66.73 -11.44 11.11
N MET E 343 65.53 -11.99 11.26
CA MET E 343 65.39 -13.24 12.01
C MET E 343 66.30 -14.33 11.45
N TYR E 344 66.29 -14.60 10.14
CA TYR E 344 67.15 -15.62 9.57
C TYR E 344 68.62 -15.37 9.84
N THR E 345 69.08 -14.12 9.72
CA THR E 345 70.48 -13.83 10.01
C THR E 345 70.81 -14.18 11.45
N ARG E 346 69.92 -13.84 12.38
CA ARG E 346 70.11 -14.25 13.77
C ARG E 346 70.38 -15.75 13.80
N LEU E 347 69.56 -16.57 13.15
CA LEU E 347 69.80 -17.99 13.06
C LEU E 347 71.19 -18.32 12.51
N LEU E 348 71.53 -17.81 11.33
CA LEU E 348 72.80 -18.09 10.68
C LEU E 348 74.01 -17.70 11.52
N LYS E 349 73.97 -16.53 12.15
CA LYS E 349 75.05 -16.09 13.02
C LYS E 349 75.03 -16.77 14.39
N GLY E 350 74.08 -17.65 14.65
CA GLY E 350 73.95 -18.34 15.91
C GLY E 350 73.70 -17.35 17.05
N GLU E 351 72.94 -16.30 16.77
CA GLU E 351 72.71 -15.24 17.73
C GLU E 351 71.34 -15.42 18.36
N ASP E 352 70.91 -14.42 19.13
CA ASP E 352 69.64 -14.47 19.82
C ASP E 352 68.56 -13.74 19.05
N ILE E 353 67.30 -14.04 19.38
CA ILE E 353 66.19 -13.26 18.83
C ILE E 353 65.49 -12.67 20.05
N THR E 354 65.21 -11.38 20.00
CA THR E 354 64.52 -10.75 21.12
C THR E 354 63.01 -10.80 20.90
N LEU E 355 62.26 -11.25 21.90
CA LEU E 355 60.80 -11.27 21.77
C LEU E 355 60.23 -10.01 22.39
N PHE E 356 59.20 -9.44 21.76
CA PHE E 356 58.58 -8.22 22.22
C PHE E 356 57.06 -8.24 22.01
N SER E 357 56.33 -7.68 22.97
CA SER E 357 54.88 -7.51 22.71
C SER E 357 54.84 -6.33 21.76
N PRO E 358 54.01 -6.40 20.72
CA PRO E 358 53.85 -5.34 19.75
C PRO E 358 53.42 -4.06 20.44
N SER E 359 52.62 -4.13 21.49
CA SER E 359 52.17 -2.99 22.25
C SER E 359 53.28 -2.15 22.86
N ASP E 360 54.44 -2.71 23.14
CA ASP E 360 55.55 -1.99 23.75
C ASP E 360 56.67 -1.55 22.81
N VAL E 361 56.56 -1.66 21.50
CA VAL E 361 57.67 -1.26 20.63
C VAL E 361 57.18 -0.42 19.46
N PRO E 362 57.04 0.87 19.71
CA PRO E 362 56.49 1.83 18.76
C PRO E 362 57.11 1.67 17.40
N GLY E 363 56.28 1.52 16.38
CA GLY E 363 56.73 1.39 15.01
C GLY E 363 57.33 0.08 14.56
N LEU E 364 57.59 -0.89 15.42
CA LEU E 364 58.22 -2.14 15.02
C LEU E 364 57.34 -2.92 14.05
N TYR E 365 56.15 -3.28 14.50
CA TYR E 365 55.20 -4.05 13.71
C TYR E 365 55.07 -3.50 12.30
N ASP E 366 54.70 -2.24 12.09
CA ASP E 366 54.64 -1.72 10.73
C ASP E 366 55.98 -1.93 10.03
N ALA E 367 57.07 -1.42 10.60
CA ALA E 367 58.39 -1.56 10.00
C ALA E 367 58.61 -2.96 9.47
N PHE E 368 58.45 -3.96 10.31
CA PHE E 368 58.55 -5.37 9.97
C PHE E 368 58.01 -5.70 8.59
N PHE E 369 56.79 -5.28 8.24
CA PHE E 369 56.30 -5.55 6.90
C PHE E 369 56.73 -4.53 5.85
N ALA E 370 56.69 -3.24 6.16
CA ALA E 370 56.90 -2.20 5.18
C ALA E 370 58.32 -1.72 4.99
N ASP E 371 59.13 -1.64 6.03
CA ASP E 371 60.49 -1.12 5.84
C ASP E 371 61.51 -1.94 6.61
N GLN E 372 62.36 -2.69 5.90
CA GLN E 372 63.29 -3.56 6.60
C GLN E 372 64.39 -2.77 7.28
N GLU E 373 64.90 -1.71 6.66
CA GLU E 373 65.93 -0.88 7.27
C GLU E 373 65.41 -0.30 8.58
N GLU E 374 64.24 0.33 8.48
CA GLU E 374 63.60 0.91 9.66
C GLU E 374 63.33 -0.15 10.72
N PHE E 375 62.90 -1.34 10.30
CA PHE E 375 62.68 -2.43 11.23
C PHE E 375 63.97 -2.71 11.98
N GLU E 376 65.04 -2.95 11.22
CA GLU E 376 66.34 -3.23 11.83
C GLU E 376 66.76 -2.13 12.80
N ARG E 377 66.59 -0.86 12.43
CA ARG E 377 66.93 0.25 13.31
C ARG E 377 66.16 0.12 14.62
N LEU E 378 64.84 0.19 14.51
CA LEU E 378 63.96 0.04 15.67
C LEU E 378 64.25 -1.21 16.50
N TYR E 379 64.38 -2.36 15.84
CA TYR E 379 64.67 -3.61 16.53
C TYR E 379 65.90 -3.52 17.43
N THR E 380 67.03 -3.05 16.90
CA THR E 380 68.24 -2.95 17.72
C THR E 380 68.05 -1.92 18.83
N LYS E 381 67.48 -0.77 18.46
CA LYS E 381 67.21 0.28 19.45
C LYS E 381 66.50 -0.33 20.66
N TYR E 382 65.33 -0.92 20.47
CA TYR E 382 64.58 -1.55 21.54
C TYR E 382 65.28 -2.71 22.21
N GLU E 383 66.17 -3.43 21.52
CA GLU E 383 66.94 -4.49 22.18
C GLU E 383 67.75 -3.86 23.31
N LYS E 384 68.45 -2.76 23.04
CA LYS E 384 69.22 -2.03 24.01
C LYS E 384 68.34 -1.44 25.13
N ASP E 385 67.36 -0.64 24.75
CA ASP E 385 66.47 0.03 25.70
C ASP E 385 65.91 -0.92 26.75
N ASP E 386 66.41 -0.80 27.98
CA ASP E 386 66.03 -1.62 29.11
C ASP E 386 64.65 -1.33 29.70
N SER E 387 64.01 -0.24 29.29
CA SER E 387 62.67 0.08 29.77
C SER E 387 61.64 -0.84 29.12
N ILE E 388 61.93 -1.29 27.91
CA ILE E 388 61.05 -2.15 27.14
C ILE E 388 61.04 -3.60 27.61
N ARG E 389 59.86 -4.10 27.97
CA ARG E 389 59.74 -5.51 28.33
C ARG E 389 60.25 -6.34 27.16
N LYS E 390 60.95 -7.44 27.45
CA LYS E 390 61.44 -8.27 26.37
C LYS E 390 61.91 -9.63 26.87
N GLN E 391 62.24 -10.51 25.94
CA GLN E 391 62.74 -11.84 26.24
C GLN E 391 63.76 -12.24 25.19
N ARG E 392 64.82 -12.91 25.60
CA ARG E 392 65.82 -13.40 24.65
C ARG E 392 65.59 -14.89 24.45
N VAL E 393 65.76 -15.39 23.23
CA VAL E 393 65.67 -16.81 22.97
C VAL E 393 66.74 -17.07 21.90
N LYS E 394 67.35 -18.24 21.94
CA LYS E 394 68.39 -18.55 20.97
C LYS E 394 67.75 -18.83 19.61
N ALA E 395 68.13 -18.08 18.59
CA ALA E 395 67.57 -18.27 17.25
C ALA E 395 67.44 -19.73 16.84
N VAL E 396 68.48 -20.53 17.03
CA VAL E 396 68.42 -21.96 16.73
C VAL E 396 67.28 -22.64 17.50
N GLU E 397 67.12 -22.27 18.77
CA GLU E 397 66.07 -22.85 19.59
C GLU E 397 64.71 -22.52 18.96
N LEU E 398 64.47 -21.22 18.80
CA LEU E 398 63.20 -20.75 18.25
C LEU E 398 62.93 -21.40 16.90
N PHE E 399 63.85 -21.23 15.95
CA PHE E 399 63.66 -21.85 14.64
C PHE E 399 63.41 -23.33 14.75
N SER E 400 64.22 -24.05 15.54
CA SER E 400 64.04 -25.49 15.70
C SER E 400 62.67 -25.80 16.27
N LEU E 401 62.24 -25.02 17.25
CA LEU E 401 60.93 -25.25 17.85
C LEU E 401 59.84 -25.18 16.77
N MET E 402 59.86 -24.08 16.02
CA MET E 402 58.89 -23.89 14.94
C MET E 402 58.92 -25.01 13.93
N MET E 403 60.11 -25.39 13.45
CA MET E 403 60.21 -26.41 12.42
C MET E 403 59.75 -27.76 12.95
N GLN E 404 59.99 -28.01 14.22
CA GLN E 404 59.56 -29.25 14.88
C GLN E 404 58.04 -29.37 14.77
N GLU E 405 57.36 -28.34 15.26
CA GLU E 405 55.91 -28.27 15.23
C GLU E 405 55.40 -28.26 13.78
N ARG E 406 56.15 -27.66 12.87
CA ARG E 406 55.76 -27.70 11.46
C ARG E 406 55.90 -29.14 10.98
N ALA E 407 56.97 -29.80 11.39
CA ALA E 407 57.22 -31.17 10.96
C ALA E 407 56.19 -32.14 11.53
N SER E 408 55.84 -32.02 12.80
CA SER E 408 54.88 -32.92 13.41
C SER E 408 53.46 -32.70 12.90
N THR E 409 52.97 -31.47 12.91
CA THR E 409 51.59 -31.25 12.49
C THR E 409 51.46 -31.06 10.98
N GLY E 410 52.50 -30.51 10.37
CA GLY E 410 52.47 -30.23 8.94
C GLY E 410 51.85 -28.87 8.65
N ARG E 411 51.28 -28.21 9.65
CA ARG E 411 50.43 -27.06 9.51
C ARG E 411 50.94 -25.82 10.22
N ILE E 412 52.25 -25.70 10.39
CA ILE E 412 52.81 -24.46 10.94
C ILE E 412 53.50 -23.85 9.70
N TYR E 413 52.82 -22.89 9.10
CA TYR E 413 53.31 -22.27 7.89
C TYR E 413 54.22 -21.07 8.13
N ILE E 414 55.01 -20.75 7.11
CA ILE E 414 55.93 -19.62 7.19
C ILE E 414 55.50 -18.53 6.22
N GLN E 415 55.62 -17.27 6.62
CA GLN E 415 55.39 -16.19 5.67
C GLN E 415 56.59 -15.23 5.71
N ASN E 416 57.29 -15.11 4.59
CA ASN E 416 58.43 -14.23 4.48
C ASN E 416 57.92 -12.82 4.16
N VAL E 417 57.69 -12.02 5.19
CA VAL E 417 56.98 -10.76 5.05
C VAL E 417 57.79 -9.74 4.27
N ASP E 418 59.12 -9.85 4.38
CA ASP E 418 59.94 -8.89 3.62
C ASP E 418 59.71 -9.16 2.15
N HIS E 419 59.87 -10.42 1.73
CA HIS E 419 59.59 -10.82 0.35
C HIS E 419 58.18 -10.44 -0.05
N CYS E 420 57.19 -10.57 0.84
CA CYS E 420 55.83 -10.19 0.54
C CYS E 420 55.63 -8.70 0.30
N ASN E 421 56.52 -7.83 0.77
CA ASN E 421 56.34 -6.41 0.54
C ASN E 421 57.38 -5.82 -0.39
N THR E 422 58.59 -6.36 -0.47
CA THR E 422 59.56 -5.81 -1.41
C THR E 422 59.29 -6.24 -2.84
N HIS E 423 58.61 -7.37 -3.00
CA HIS E 423 58.29 -7.89 -4.33
C HIS E 423 56.79 -8.13 -4.45
N SER E 424 56.04 -7.04 -4.39
CA SER E 424 54.59 -7.07 -4.49
C SER E 424 54.11 -5.90 -5.35
N PRO E 425 52.86 -5.95 -5.75
CA PRO E 425 52.21 -4.95 -6.56
C PRO E 425 51.87 -3.71 -5.76
N PHE E 426 51.93 -3.80 -4.44
CA PHE E 426 51.55 -2.68 -3.59
C PHE E 426 52.70 -1.88 -3.04
N ASP E 427 52.35 -0.68 -2.59
CA ASP E 427 53.28 0.22 -1.93
C ASP E 427 53.21 -0.09 -0.44
N PRO E 428 54.28 -0.64 0.10
CA PRO E 428 54.42 -1.00 1.49
C PRO E 428 54.05 0.12 2.44
N ALA E 429 54.46 1.34 2.12
CA ALA E 429 54.12 2.49 2.92
C ALA E 429 52.62 2.76 2.95
N ILE E 430 51.92 2.55 1.84
CA ILE E 430 50.50 2.86 1.78
C ILE E 430 49.59 1.67 2.08
N ALA E 431 49.96 0.53 1.52
CA ALA E 431 49.11 -0.66 1.62
C ALA E 431 49.95 -1.93 1.60
N PRO E 432 50.56 -2.23 2.72
CA PRO E 432 51.47 -3.35 2.90
C PRO E 432 50.72 -4.68 2.93
N VAL E 433 51.46 -5.77 2.80
CA VAL E 433 50.84 -7.10 2.88
C VAL E 433 51.35 -7.76 4.16
N ARG E 434 50.46 -7.93 5.14
CA ARG E 434 50.86 -8.38 6.46
C ARG E 434 50.21 -9.68 6.88
N GLN E 435 49.89 -10.52 5.90
CA GLN E 435 49.24 -11.79 6.20
C GLN E 435 48.94 -12.52 4.90
N SER E 436 48.45 -13.75 5.00
CA SER E 436 48.02 -14.45 3.80
C SER E 436 46.65 -15.05 4.08
N ASN E 437 46.21 -16.05 3.34
CA ASN E 437 44.91 -16.66 3.58
C ASN E 437 45.10 -18.07 4.12
N LEU E 438 44.01 -18.83 4.16
CA LEU E 438 44.03 -20.20 4.64
C LEU E 438 45.14 -20.99 3.98
N CYS E 439 45.17 -21.04 2.65
CA CYS E 439 46.10 -21.87 1.90
C CYS E 439 47.39 -21.18 1.49
N LEU E 440 47.71 -20.06 2.13
CA LEU E 440 48.94 -19.31 1.92
C LEU E 440 49.30 -18.89 0.50
N GLU E 441 48.32 -18.60 -0.36
CA GLU E 441 48.64 -18.10 -1.69
C GLU E 441 48.18 -16.67 -1.89
N ILE E 442 47.21 -16.19 -1.13
CA ILE E 442 46.78 -14.79 -1.28
C ILE E 442 47.67 -13.84 -0.52
N ALA E 443 47.92 -12.68 -1.13
CA ALA E 443 48.73 -11.64 -0.46
C ALA E 443 48.18 -10.26 -0.82
N LEU E 444 47.38 -9.69 0.08
CA LEU E 444 46.67 -8.44 -0.17
C LEU E 444 46.60 -7.59 1.10
N PRO E 445 46.38 -6.31 0.91
CA PRO E 445 46.30 -5.32 1.97
C PRO E 445 45.02 -5.55 2.77
N THR E 446 45.07 -5.22 4.05
CA THR E 446 43.97 -5.39 4.99
C THR E 446 44.03 -4.28 6.03
N LYS E 447 42.91 -3.86 6.56
CA LYS E 447 42.88 -2.87 7.63
C LYS E 447 41.90 -3.38 8.68
N PRO E 448 42.23 -3.30 9.95
CA PRO E 448 41.43 -3.79 11.05
C PRO E 448 40.09 -3.09 11.15
N LEU E 449 39.07 -3.81 11.60
CA LEU E 449 37.75 -3.20 11.79
C LEU E 449 37.68 -2.71 13.22
N ASN E 450 36.84 -1.73 13.50
CA ASN E 450 36.58 -1.33 14.88
C ASN E 450 35.14 -1.65 15.23
N ASP E 451 34.49 -2.34 14.32
CA ASP E 451 33.09 -2.75 14.44
C ASP E 451 32.75 -3.60 13.24
N VAL E 452 31.76 -4.50 13.27
CA VAL E 452 31.49 -5.29 12.07
C VAL E 452 31.28 -4.38 10.85
N ASN E 453 30.45 -3.35 10.90
CA ASN E 453 30.20 -2.54 9.73
C ASN E 453 31.10 -1.32 9.58
N ASP E 454 32.23 -1.30 10.27
CA ASP E 454 33.19 -0.20 10.15
C ASP E 454 33.53 -0.02 8.68
N GLU E 455 33.30 1.17 8.15
CA GLU E 455 33.56 1.47 6.74
C GLU E 455 35.01 1.80 6.44
N ASN E 456 35.84 1.97 7.46
CA ASN E 456 37.25 2.28 7.27
C ASN E 456 38.13 1.04 7.41
N GLY E 457 37.45 -0.08 7.63
CA GLY E 457 38.15 -1.36 7.74
C GLY E 457 38.37 -1.88 6.32
N GLU E 458 39.25 -2.87 6.18
CA GLU E 458 39.42 -3.51 4.90
C GLU E 458 39.64 -5.00 5.03
N ILE E 459 38.81 -5.78 4.36
CA ILE E 459 38.93 -7.23 4.33
C ILE E 459 39.31 -7.71 2.93
N ALA E 460 40.34 -8.54 2.83
CA ALA E 460 40.73 -9.07 1.52
C ALA E 460 39.91 -10.31 1.20
N LEU E 461 39.69 -10.58 -0.08
CA LEU E 461 38.92 -11.74 -0.52
C LEU E 461 39.72 -12.54 -1.53
N CYS E 462 39.29 -13.74 -1.89
CA CYS E 462 39.99 -14.50 -2.92
C CYS E 462 39.03 -14.59 -4.12
N THR E 463 39.40 -13.90 -5.18
CA THR E 463 38.58 -13.97 -6.40
C THR E 463 39.48 -14.76 -7.37
N LEU E 464 39.25 -16.07 -7.43
CA LEU E 464 40.13 -16.93 -8.18
C LEU E 464 39.60 -17.58 -9.46
N SER E 465 40.59 -18.18 -10.15
CA SER E 465 40.41 -18.85 -11.42
C SER E 465 41.73 -19.51 -11.82
N ALA E 466 41.75 -20.21 -12.96
CA ALA E 466 43.02 -20.82 -13.35
C ALA E 466 43.10 -21.29 -14.79
N PHE E 467 44.30 -21.16 -15.33
CA PHE E 467 44.58 -21.66 -16.68
C PHE E 467 44.98 -23.13 -16.56
N ASN E 468 44.48 -23.94 -17.47
CA ASN E 468 44.89 -25.34 -17.58
C ASN E 468 46.09 -25.44 -18.53
N LEU E 469 47.31 -25.61 -18.03
CA LEU E 469 48.48 -25.71 -18.90
C LEU E 469 48.47 -26.97 -19.74
N GLY E 470 47.60 -27.93 -19.45
CA GLY E 470 47.51 -29.16 -20.21
C GLY E 470 46.61 -28.99 -21.42
N ALA E 471 45.81 -27.94 -21.45
CA ALA E 471 44.84 -27.72 -22.51
C ALA E 471 45.17 -26.64 -23.52
N ILE E 472 46.29 -25.95 -23.41
CA ILE E 472 46.63 -24.94 -24.41
C ILE E 472 47.69 -25.56 -25.32
N ASN E 473 47.85 -25.13 -26.57
CA ASN E 473 48.89 -25.75 -27.40
C ASN E 473 50.14 -24.88 -27.38
N ASN E 474 49.93 -23.56 -27.36
CA ASN E 474 51.10 -22.68 -27.22
C ASN E 474 50.72 -21.64 -26.19
N LEU E 475 51.72 -20.93 -25.70
CA LEU E 475 51.54 -19.91 -24.68
C LEU E 475 50.85 -18.66 -25.19
N ASP E 476 50.76 -18.49 -26.50
CA ASP E 476 50.08 -17.34 -27.07
C ASP E 476 48.57 -17.50 -27.02
N GLU E 477 48.09 -18.68 -26.65
CA GLU E 477 46.68 -18.92 -26.44
C GLU E 477 46.24 -18.25 -25.13
N LEU E 478 47.20 -17.94 -24.27
CA LEU E 478 46.92 -17.28 -23.01
C LEU E 478 46.47 -15.83 -23.15
N GLU E 479 46.76 -15.18 -24.26
CA GLU E 479 46.27 -13.83 -24.53
C GLU E 479 44.75 -13.81 -24.57
N GLU E 480 44.09 -14.72 -25.30
CA GLU E 480 42.63 -14.69 -25.31
C GLU E 480 42.12 -15.25 -23.98
N LEU E 481 42.77 -16.32 -23.51
CA LEU E 481 42.38 -16.94 -22.25
C LEU E 481 42.48 -15.94 -21.10
N ALA E 482 43.53 -15.10 -21.05
CA ALA E 482 43.67 -14.11 -20.01
C ALA E 482 42.59 -13.03 -20.14
N ILE E 483 42.30 -12.56 -21.35
CA ILE E 483 41.15 -11.69 -21.56
C ILE E 483 39.89 -12.26 -20.92
N LEU E 484 39.50 -13.46 -21.31
CA LEU E 484 38.30 -14.06 -20.76
C LEU E 484 38.36 -14.22 -19.24
N ALA E 485 39.45 -14.76 -18.71
CA ALA E 485 39.54 -14.97 -17.26
C ALA E 485 39.45 -13.66 -16.49
N VAL E 486 40.23 -12.66 -16.88
CA VAL E 486 40.18 -11.36 -16.20
C VAL E 486 38.80 -10.72 -16.34
N ARG E 487 38.23 -10.72 -17.55
CA ARG E 487 36.94 -10.09 -17.76
C ARG E 487 35.82 -10.75 -16.97
N ALA E 488 35.80 -12.06 -16.81
CA ALA E 488 34.73 -12.70 -16.06
C ALA E 488 34.77 -12.46 -14.56
N LEU E 489 35.96 -12.51 -13.95
CA LEU E 489 36.11 -12.32 -12.51
C LEU E 489 35.82 -10.86 -12.16
N ASP E 490 36.36 -9.94 -12.97
CA ASP E 490 36.07 -8.53 -12.79
C ASP E 490 34.55 -8.32 -12.80
N ALA E 491 33.84 -8.99 -13.69
CA ALA E 491 32.38 -8.87 -13.70
C ALA E 491 31.82 -9.41 -12.39
N LEU E 492 32.33 -10.57 -11.99
CA LEU E 492 31.92 -11.24 -10.75
C LEU E 492 32.02 -10.26 -9.60
N LEU E 493 33.14 -9.57 -9.43
CA LEU E 493 33.24 -8.57 -8.37
C LEU E 493 32.01 -7.66 -8.27
N ASP E 494 31.47 -7.15 -9.38
CA ASP E 494 30.27 -6.35 -9.29
C ASP E 494 29.03 -7.21 -9.15
N TYR E 495 29.10 -8.44 -9.65
CA TYR E 495 27.97 -9.36 -9.60
C TYR E 495 27.55 -9.74 -8.19
N GLN E 496 28.50 -10.14 -7.36
CA GLN E 496 28.23 -10.68 -6.04
C GLN E 496 27.96 -9.71 -4.91
N ASP E 497 27.49 -10.28 -3.81
CA ASP E 497 27.17 -9.50 -2.62
C ASP E 497 28.26 -9.53 -1.57
N TYR E 498 28.35 -8.46 -0.79
CA TYR E 498 29.31 -8.33 0.30
C TYR E 498 28.56 -8.18 1.62
N PRO E 499 28.71 -9.19 2.48
CA PRO E 499 28.13 -9.26 3.80
C PRO E 499 28.70 -8.25 4.77
N ILE E 500 29.94 -7.84 4.60
CA ILE E 500 30.56 -6.85 5.49
C ILE E 500 31.12 -5.71 4.66
N PRO E 501 30.75 -4.47 5.00
CA PRO E 501 31.25 -3.26 4.38
C PRO E 501 32.72 -3.32 4.02
N ALA E 502 33.60 -3.61 4.96
CA ALA E 502 35.03 -3.73 4.74
C ALA E 502 35.40 -4.66 3.60
N ALA E 503 34.67 -5.75 3.42
CA ALA E 503 34.95 -6.68 2.32
C ALA E 503 34.57 -6.03 0.99
N LYS E 504 33.43 -5.38 0.86
CA LYS E 504 33.16 -4.59 -0.34
C LYS E 504 34.25 -3.54 -0.56
N ARG E 505 34.55 -2.74 0.44
CA ARG E 505 35.59 -1.72 0.34
C ARG E 505 36.83 -2.18 -0.41
N GLY E 506 37.47 -3.27 0.00
CA GLY E 506 38.68 -3.74 -0.65
C GLY E 506 38.36 -4.28 -2.05
N ALA E 507 37.22 -4.96 -2.19
CA ALA E 507 36.86 -5.53 -3.50
C ALA E 507 36.76 -4.41 -4.54
N MET E 508 35.93 -3.42 -4.27
CA MET E 508 35.78 -2.30 -5.19
C MET E 508 37.02 -1.42 -5.21
N GLY E 509 37.66 -1.20 -4.06
CA GLY E 509 38.86 -0.38 -4.00
C GLY E 509 39.90 -0.85 -5.00
N ARG E 510 40.34 -2.10 -4.84
CA ARG E 510 41.48 -2.65 -5.56
C ARG E 510 41.12 -3.69 -6.61
N ARG E 511 39.89 -4.17 -6.64
CA ARG E 511 39.48 -5.18 -7.63
C ARG E 511 40.52 -6.29 -7.83
N THR E 512 41.05 -6.87 -6.76
CA THR E 512 42.14 -7.81 -6.82
C THR E 512 41.70 -9.21 -7.25
N LEU E 513 42.39 -9.78 -8.23
CA LEU E 513 42.09 -11.12 -8.69
C LEU E 513 43.29 -12.02 -8.40
N GLY E 514 43.07 -13.34 -8.45
CA GLY E 514 44.13 -14.31 -8.18
C GLY E 514 43.94 -15.49 -9.14
N ILE E 515 44.60 -15.38 -10.29
CA ILE E 515 44.47 -16.42 -11.31
C ILE E 515 45.74 -17.23 -11.34
N GLY E 516 45.64 -18.56 -11.31
CA GLY E 516 46.85 -19.37 -11.34
C GLY E 516 46.71 -20.52 -12.35
N VAL E 517 47.52 -21.55 -12.22
CA VAL E 517 47.48 -22.68 -13.14
C VAL E 517 47.08 -23.95 -12.42
N ILE E 518 46.68 -24.96 -13.18
CA ILE E 518 46.45 -26.31 -12.70
C ILE E 518 47.14 -27.16 -13.79
N ASN E 519 47.49 -28.41 -13.56
CA ASN E 519 48.07 -29.23 -14.60
C ASN E 519 49.53 -28.95 -14.88
N PHE E 520 50.22 -28.26 -13.96
CA PHE E 520 51.64 -27.98 -14.17
C PHE E 520 52.41 -29.27 -14.44
N ALA E 521 52.30 -30.25 -13.56
CA ALA E 521 52.97 -31.53 -13.68
C ALA E 521 52.86 -32.17 -15.07
N TYR E 522 51.61 -32.29 -15.55
CA TYR E 522 51.35 -32.89 -16.85
C TYR E 522 52.05 -32.11 -17.95
N TYR E 523 51.94 -30.79 -17.86
CA TYR E 523 52.60 -29.90 -18.82
C TYR E 523 54.09 -30.19 -18.86
N LEU E 524 54.77 -30.21 -17.71
CA LEU E 524 56.18 -30.54 -17.70
C LEU E 524 56.43 -31.93 -18.31
N ALA E 525 55.59 -32.92 -18.00
CA ALA E 525 55.78 -34.25 -18.55
C ALA E 525 55.71 -34.16 -20.08
N LYS E 526 54.68 -33.48 -20.58
CA LYS E 526 54.54 -33.21 -22.00
C LYS E 526 55.82 -32.62 -22.62
N HIS E 527 56.57 -31.78 -21.91
CA HIS E 527 57.79 -31.21 -22.46
C HIS E 527 59.05 -31.92 -21.99
N GLY E 528 58.86 -33.10 -21.40
CA GLY E 528 59.99 -33.87 -20.92
C GLY E 528 60.88 -33.16 -19.92
N LYS E 529 60.30 -32.44 -18.97
CA LYS E 529 61.10 -31.86 -17.90
C LYS E 529 60.75 -32.60 -16.61
N ARG E 530 61.49 -32.36 -15.54
CA ARG E 530 61.16 -33.00 -14.26
C ARG E 530 61.16 -31.85 -13.25
N TYR E 531 60.82 -32.12 -12.01
CA TYR E 531 60.87 -31.05 -11.02
C TYR E 531 62.23 -30.97 -10.32
N SER E 532 62.78 -32.13 -9.97
CA SER E 532 63.96 -32.21 -9.13
C SER E 532 65.32 -31.88 -9.71
N ASP E 533 65.56 -31.95 -11.01
CA ASP E 533 66.91 -31.72 -11.51
C ASP E 533 67.20 -30.33 -12.05
N GLY E 534 66.21 -29.46 -12.09
CA GLY E 534 66.42 -28.12 -12.64
C GLY E 534 66.11 -28.12 -14.14
N SER E 535 65.75 -29.26 -14.70
CA SER E 535 65.42 -29.35 -16.11
C SER E 535 64.24 -28.45 -16.50
N ALA E 536 63.34 -28.08 -15.58
CA ALA E 536 62.19 -27.27 -15.93
C ALA E 536 62.34 -25.78 -15.63
N ASN E 537 63.45 -25.34 -15.05
CA ASN E 537 63.64 -23.93 -14.73
C ASN E 537 63.30 -22.99 -15.88
N ASN E 538 64.05 -23.01 -16.98
CA ASN E 538 63.81 -22.08 -18.08
C ASN E 538 62.40 -22.20 -18.64
N LEU E 539 61.88 -23.42 -18.81
CA LEU E 539 60.51 -23.60 -19.32
C LEU E 539 59.53 -22.96 -18.36
N THR E 540 59.73 -23.23 -17.08
CA THR E 540 58.91 -22.57 -16.06
C THR E 540 58.99 -21.06 -16.22
N HIS E 541 60.19 -20.48 -16.29
CA HIS E 541 60.37 -19.05 -16.46
C HIS E 541 59.66 -18.53 -17.71
N LYS E 542 59.79 -19.28 -18.80
CA LYS E 542 59.10 -18.95 -20.04
C LYS E 542 57.60 -18.94 -19.82
N THR E 543 57.06 -20.02 -19.27
CA THR E 543 55.63 -20.16 -19.07
C THR E 543 54.98 -19.15 -18.13
N PHE E 544 55.62 -18.87 -16.99
CA PHE E 544 55.03 -17.92 -16.04
C PHE E 544 55.16 -16.49 -16.53
N GLU E 545 56.21 -16.18 -17.32
CA GLU E 545 56.28 -14.87 -17.97
C GLU E 545 55.09 -14.68 -18.92
N ALA E 546 54.82 -15.63 -19.80
CA ALA E 546 53.61 -15.54 -20.63
C ALA E 546 52.38 -15.27 -19.76
N ILE E 547 52.10 -16.14 -18.79
CA ILE E 547 50.93 -15.98 -17.94
C ILE E 547 50.82 -14.55 -17.38
N GLN E 548 51.86 -14.07 -16.70
CA GLN E 548 51.76 -12.73 -16.12
C GLN E 548 51.60 -11.62 -17.16
N TYR E 549 52.39 -11.70 -18.24
CA TYR E 549 52.34 -10.71 -19.31
C TYR E 549 50.92 -10.57 -19.85
N TYR E 550 50.35 -11.66 -20.33
CA TYR E 550 48.98 -11.63 -20.83
C TYR E 550 47.92 -11.24 -19.81
N LEU E 551 48.03 -11.60 -18.54
CA LEU E 551 47.07 -11.14 -17.52
C LEU E 551 47.15 -9.61 -17.32
N LEU E 552 48.38 -9.10 -17.20
CA LEU E 552 48.58 -7.65 -17.09
C LEU E 552 48.04 -6.94 -18.33
N LYS E 553 48.34 -7.50 -19.51
CA LYS E 553 47.76 -6.94 -20.74
C LYS E 553 46.25 -6.92 -20.60
N ALA E 554 45.57 -8.05 -20.45
CA ALA E 554 44.12 -8.07 -20.32
C ALA E 554 43.57 -7.04 -19.33
N SER E 555 44.20 -6.94 -18.15
CA SER E 555 43.75 -5.97 -17.17
C SER E 555 43.94 -4.56 -17.74
N ASN E 556 45.13 -4.29 -18.26
CA ASN E 556 45.40 -2.99 -18.87
C ASN E 556 44.41 -2.65 -19.98
N GLU E 557 44.18 -3.61 -20.88
CA GLU E 557 43.16 -3.45 -21.90
C GLU E 557 41.82 -3.10 -21.24
N LEU E 558 41.44 -3.76 -20.17
CA LEU E 558 40.19 -3.54 -19.47
C LEU E 558 40.09 -2.16 -18.83
N ALA E 559 41.22 -1.62 -18.37
CA ALA E 559 41.23 -0.31 -17.73
C ALA E 559 40.89 0.76 -18.78
N LYS E 560 41.49 0.61 -19.95
CA LYS E 560 41.17 1.46 -21.08
C LYS E 560 39.66 1.45 -21.26
N GLU E 561 39.09 0.28 -21.47
CA GLU E 561 37.65 0.17 -21.64
C GLU E 561 36.92 0.79 -20.47
N GLN E 562 37.12 0.31 -19.24
CA GLN E 562 36.24 0.65 -18.14
C GLN E 562 36.86 1.42 -16.98
N GLY E 563 38.14 1.76 -17.06
CA GLY E 563 38.79 2.51 -16.00
C GLY E 563 39.49 1.63 -14.98
N ALA E 564 40.65 2.11 -14.53
CA ALA E 564 41.43 1.40 -13.53
C ALA E 564 40.68 1.39 -12.20
N CYS E 565 41.11 0.48 -11.30
CA CYS E 565 40.43 0.41 -10.01
C CYS E 565 40.67 1.71 -9.26
N PRO E 566 39.69 2.11 -8.48
CA PRO E 566 39.72 3.30 -7.65
C PRO E 566 41.07 3.46 -6.96
N TRP E 567 41.50 2.46 -6.19
CA TRP E 567 42.76 2.58 -5.46
C TRP E 567 43.97 2.17 -6.29
N PHE E 568 43.95 2.22 -7.61
CA PHE E 568 45.11 1.88 -8.44
C PHE E 568 46.38 2.61 -8.05
N ASN E 569 46.36 3.87 -7.62
CA ASN E 569 47.50 4.62 -7.18
C ASN E 569 48.25 4.07 -5.98
N GLU E 570 47.75 3.08 -5.23
CA GLU E 570 48.53 2.56 -4.11
C GLU E 570 49.35 1.35 -4.59
N THR E 571 49.19 0.97 -5.84
CA THR E 571 49.99 -0.09 -6.42
C THR E 571 51.33 0.44 -6.89
N THR E 572 52.36 -0.40 -6.92
CA THR E 572 53.65 -0.05 -7.50
C THR E 572 53.50 -0.05 -9.02
N TYR E 573 52.47 -0.71 -9.51
CA TYR E 573 52.13 -0.77 -10.93
C TYR E 573 51.89 0.66 -11.42
N ALA E 574 51.14 1.43 -10.63
CA ALA E 574 50.89 2.83 -10.87
C ALA E 574 52.15 3.68 -10.95
N LYS E 575 53.22 3.32 -10.27
CA LYS E 575 54.47 4.04 -10.32
C LYS E 575 55.42 3.52 -11.41
N GLY E 576 54.95 2.74 -12.37
CA GLY E 576 55.77 2.20 -13.43
C GLY E 576 56.70 1.08 -12.99
N ILE E 577 56.38 0.44 -11.87
CA ILE E 577 57.17 -0.68 -11.36
C ILE E 577 56.57 -2.00 -11.82
N LEU E 578 57.38 -2.97 -12.19
CA LEU E 578 56.90 -4.27 -12.66
C LEU E 578 57.53 -5.43 -11.92
N PRO E 579 56.84 -6.57 -11.93
CA PRO E 579 57.28 -7.80 -11.31
C PRO E 579 58.72 -8.10 -11.70
N ILE E 580 59.05 -7.95 -12.98
CA ILE E 580 60.39 -8.14 -13.48
C ILE E 580 61.42 -7.16 -12.94
N ASP E 581 61.05 -6.11 -12.23
CA ASP E 581 61.99 -5.18 -11.65
C ASP E 581 62.28 -5.50 -10.18
N THR E 582 61.35 -6.09 -9.44
CA THR E 582 61.65 -6.31 -8.02
C THR E 582 61.77 -7.76 -7.58
N TYR E 583 61.87 -8.73 -8.48
CA TYR E 583 61.97 -10.14 -8.05
C TYR E 583 63.26 -10.37 -7.29
N LYS E 584 63.42 -11.53 -6.65
CA LYS E 584 64.64 -11.84 -5.90
C LYS E 584 65.79 -12.17 -6.84
N LYS E 585 66.81 -11.33 -6.85
CA LYS E 585 67.97 -11.43 -7.71
C LYS E 585 68.64 -12.77 -7.81
N ASP E 586 68.74 -13.55 -6.75
CA ASP E 586 69.32 -14.89 -6.80
C ASP E 586 68.75 -15.71 -7.94
N LEU E 587 67.49 -15.50 -8.32
CA LEU E 587 66.85 -16.14 -9.45
C LEU E 587 67.67 -16.10 -10.73
N ASP E 588 68.43 -15.05 -10.96
CA ASP E 588 69.30 -14.90 -12.11
C ASP E 588 70.27 -16.05 -12.26
N THR E 589 70.82 -16.56 -11.16
CA THR E 589 71.74 -17.67 -11.14
C THR E 589 71.13 -19.04 -11.33
N ILE E 590 69.81 -19.20 -11.44
CA ILE E 590 69.23 -20.53 -11.63
C ILE E 590 68.43 -20.66 -12.92
N ALA E 591 68.28 -19.61 -13.72
CA ALA E 591 67.55 -19.70 -14.98
C ALA E 591 68.05 -18.58 -15.90
N ASN E 592 68.19 -18.85 -17.19
CA ASN E 592 68.69 -17.78 -18.07
C ASN E 592 67.68 -17.41 -19.16
N GLU E 593 66.58 -18.12 -19.25
CA GLU E 593 65.58 -17.80 -20.26
C GLU E 593 65.27 -16.30 -20.28
N PRO E 594 65.37 -15.71 -21.46
CA PRO E 594 65.16 -14.29 -21.71
C PRO E 594 63.69 -13.93 -21.87
N LEU E 595 63.30 -12.75 -21.39
CA LEU E 595 61.90 -12.35 -21.49
C LEU E 595 61.48 -12.30 -22.97
N HIS E 596 60.41 -12.99 -23.31
CA HIS E 596 59.97 -12.98 -24.71
C HIS E 596 59.00 -11.86 -25.03
N TYR E 597 58.48 -11.18 -24.02
CA TYR E 597 57.41 -10.22 -24.27
C TYR E 597 57.84 -8.77 -24.16
N ASP E 598 57.09 -7.85 -24.74
CA ASP E 598 57.46 -6.44 -24.66
C ASP E 598 56.96 -5.87 -23.33
N TRP E 599 57.83 -5.98 -22.33
CA TRP E 599 57.48 -5.51 -20.99
C TRP E 599 57.50 -3.99 -20.93
N GLU E 600 58.47 -3.36 -21.59
CA GLU E 600 58.55 -1.89 -21.58
C GLU E 600 57.38 -1.23 -22.29
N ALA E 601 56.89 -1.82 -23.39
CA ALA E 601 55.71 -1.24 -24.03
C ALA E 601 54.58 -1.20 -22.99
N LEU E 602 54.33 -2.37 -22.40
CA LEU E 602 53.37 -2.57 -21.34
C LEU E 602 53.58 -1.68 -20.13
N ARG E 603 54.81 -1.54 -19.65
CA ARG E 603 55.11 -0.66 -18.51
C ARG E 603 54.45 0.70 -18.67
N GLU E 604 54.74 1.35 -19.80
CA GLU E 604 54.12 2.62 -20.16
C GLU E 604 52.61 2.54 -20.22
N SER E 605 52.05 1.60 -20.98
CA SER E 605 50.60 1.44 -21.09
C SER E 605 49.90 1.33 -19.74
N ILE E 606 50.54 0.59 -18.82
CA ILE E 606 50.07 0.49 -17.44
C ILE E 606 50.19 1.87 -16.82
N LYS E 607 51.37 2.48 -16.85
CA LYS E 607 51.54 3.83 -16.31
C LYS E 607 50.45 4.77 -16.81
N THR E 608 50.23 4.85 -18.11
CA THR E 608 49.24 5.70 -18.71
C THR E 608 47.79 5.36 -18.39
N HIS E 609 47.34 4.14 -18.70
CA HIS E 609 45.96 3.75 -18.51
C HIS E 609 45.64 2.98 -17.25
N GLY E 610 46.65 2.65 -16.46
CA GLY E 610 46.46 1.91 -15.23
C GLY E 610 46.06 0.45 -15.44
N LEU E 611 45.66 -0.17 -14.32
CA LEU E 611 45.20 -1.54 -14.32
C LEU E 611 43.79 -1.59 -13.75
N ARG E 612 42.97 -2.49 -14.25
CA ARG E 612 41.61 -2.62 -13.74
C ARG E 612 41.70 -3.23 -12.34
N ASN E 613 42.52 -4.28 -12.27
CA ASN E 613 42.72 -5.07 -11.06
C ASN E 613 44.11 -4.83 -10.49
N SER E 614 44.29 -4.68 -9.19
CA SER E 614 45.62 -4.41 -8.64
C SER E 614 46.54 -5.61 -8.57
N THR E 615 45.98 -6.82 -8.53
CA THR E 615 46.75 -8.06 -8.46
C THR E 615 46.05 -9.00 -9.46
N LEU E 616 46.76 -9.90 -10.11
CA LEU E 616 46.09 -10.74 -11.09
C LEU E 616 46.36 -12.23 -10.97
N SER E 617 47.55 -12.60 -10.48
CA SER E 617 47.93 -14.00 -10.41
C SER E 617 48.14 -14.45 -8.98
N ALA E 618 47.85 -15.72 -8.74
CA ALA E 618 48.06 -16.35 -7.43
C ALA E 618 48.00 -17.86 -7.67
N LEU E 619 49.04 -18.57 -7.24
CA LEU E 619 49.08 -20.01 -7.49
C LEU E 619 48.51 -20.77 -6.30
N MET E 620 47.24 -21.11 -6.41
CA MET E 620 46.54 -21.80 -5.32
C MET E 620 46.47 -23.29 -5.62
N PRO E 621 46.20 -24.10 -4.61
CA PRO E 621 46.02 -25.54 -4.74
C PRO E 621 44.70 -25.81 -5.46
N SER E 622 44.38 -27.05 -5.77
CA SER E 622 43.09 -27.33 -6.40
C SER E 622 42.79 -28.82 -6.58
N GLU E 623 41.91 -29.35 -5.75
CA GLU E 623 41.50 -30.75 -5.86
C GLU E 623 40.34 -30.85 -6.85
N THR E 624 39.22 -30.23 -6.56
CA THR E 624 38.01 -30.32 -7.37
C THR E 624 38.17 -29.91 -8.81
N SER E 625 38.46 -28.64 -9.05
CA SER E 625 38.68 -28.10 -10.38
C SER E 625 39.61 -28.98 -11.21
N SER E 626 40.75 -29.35 -10.64
CA SER E 626 41.66 -30.27 -11.32
C SER E 626 40.94 -31.56 -11.68
N GLN E 627 40.15 -32.11 -10.76
CA GLN E 627 39.41 -33.32 -11.03
C GLN E 627 38.48 -33.24 -12.23
N ILE E 628 37.74 -32.15 -12.39
CA ILE E 628 36.78 -32.02 -13.47
C ILE E 628 37.48 -32.01 -14.82
N SER E 629 38.64 -31.38 -14.87
CA SER E 629 39.40 -31.30 -16.12
C SER E 629 40.39 -32.44 -16.27
N ASN E 630 40.35 -33.43 -15.39
CA ASN E 630 41.31 -34.52 -15.39
C ASN E 630 42.70 -33.87 -15.56
N ALA E 631 43.12 -33.15 -14.53
CA ALA E 631 44.42 -32.49 -14.60
C ALA E 631 45.19 -32.65 -13.31
N THR E 632 46.53 -32.69 -13.39
CA THR E 632 47.26 -32.74 -12.11
C THR E 632 46.91 -31.44 -11.38
N ASN E 633 46.94 -31.47 -10.06
CA ASN E 633 46.47 -30.34 -9.28
C ASN E 633 47.48 -29.20 -9.22
N GLY E 634 46.94 -28.02 -9.49
CA GLY E 634 47.70 -26.78 -9.44
C GLY E 634 49.12 -26.97 -9.94
N ILE E 635 50.13 -26.71 -9.12
CA ILE E 635 51.49 -26.89 -9.61
C ILE E 635 52.19 -28.12 -9.04
N GLU E 636 51.49 -28.89 -8.22
CA GLU E 636 52.11 -30.04 -7.56
C GLU E 636 52.23 -31.28 -8.43
N PRO E 637 53.30 -32.02 -8.21
CA PRO E 637 53.53 -33.30 -8.84
C PRO E 637 52.56 -34.31 -8.23
N PRO E 638 52.09 -35.26 -8.99
CA PRO E 638 51.18 -36.28 -8.53
C PRO E 638 51.87 -37.21 -7.53
N ARG E 639 51.14 -37.65 -6.52
CA ARG E 639 51.60 -38.67 -5.60
C ARG E 639 51.83 -39.99 -6.34
N GLY E 640 50.91 -40.38 -7.22
CA GLY E 640 51.04 -41.61 -7.98
C GLY E 640 50.26 -41.52 -9.29
N TYR E 641 50.28 -42.55 -10.11
CA TYR E 641 49.58 -42.50 -11.39
C TYR E 641 48.08 -42.62 -11.21
N VAL E 642 47.62 -43.34 -10.19
CA VAL E 642 46.18 -43.50 -10.00
C VAL E 642 45.79 -42.96 -8.63
N SER E 643 44.80 -42.08 -8.63
CA SER E 643 44.41 -41.45 -7.37
C SER E 643 43.10 -42.07 -6.90
N ILE E 644 43.07 -42.52 -5.66
CA ILE E 644 41.85 -43.13 -5.13
C ILE E 644 41.05 -42.18 -4.26
N LYS E 645 39.73 -42.20 -4.46
CA LYS E 645 38.81 -41.39 -3.69
C LYS E 645 37.63 -42.26 -3.24
N ALA E 646 37.16 -42.02 -2.02
CA ALA E 646 36.04 -42.79 -1.48
C ALA E 646 34.71 -42.10 -1.76
N SER E 647 33.64 -42.89 -1.81
CA SER E 647 32.31 -42.35 -2.08
C SER E 647 31.25 -43.32 -1.60
N LYS E 648 30.00 -42.86 -1.49
CA LYS E 648 28.92 -43.77 -1.13
C LYS E 648 28.70 -44.71 -2.30
N ASP E 649 28.88 -44.21 -3.52
CA ASP E 649 28.77 -44.95 -4.76
C ASP E 649 29.97 -45.80 -5.13
N GLY E 650 30.92 -46.07 -4.24
CA GLY E 650 32.07 -46.89 -4.54
C GLY E 650 33.42 -46.18 -4.51
N ILE E 651 34.45 -46.92 -4.92
CA ILE E 651 35.81 -46.39 -4.96
C ILE E 651 36.04 -45.61 -6.26
N LEU E 652 36.53 -44.39 -6.13
CA LEU E 652 36.80 -43.51 -7.25
C LEU E 652 38.28 -43.49 -7.63
N ARG E 653 38.56 -43.91 -8.86
CA ARG E 653 39.94 -43.90 -9.35
C ARG E 653 40.08 -42.93 -10.51
N GLN E 654 41.17 -42.18 -10.54
CA GLN E 654 41.42 -41.28 -11.65
C GLN E 654 42.89 -41.42 -12.06
N VAL E 655 43.15 -41.78 -13.30
CA VAL E 655 44.50 -41.97 -13.81
C VAL E 655 45.07 -40.66 -14.34
N VAL E 656 46.35 -40.37 -14.06
CA VAL E 656 46.94 -39.13 -14.56
C VAL E 656 46.78 -39.08 -16.08
N PRO E 657 46.58 -37.88 -16.59
CA PRO E 657 46.41 -37.61 -18.00
C PRO E 657 47.52 -38.24 -18.81
N ASP E 658 47.11 -38.89 -19.90
CA ASP E 658 48.03 -39.52 -20.84
C ASP E 658 49.06 -40.41 -20.19
N TYR E 659 48.58 -41.28 -19.29
CA TYR E 659 49.47 -42.23 -18.61
C TYR E 659 50.09 -43.16 -19.64
N GLU E 660 49.31 -43.59 -20.61
CA GLU E 660 49.76 -44.42 -21.71
C GLU E 660 51.14 -43.99 -22.21
N HIS E 661 51.22 -42.74 -22.68
CA HIS E 661 52.43 -42.22 -23.27
C HIS E 661 53.36 -41.50 -22.32
N LEU E 662 52.90 -41.10 -21.13
CA LEU E 662 53.81 -40.32 -20.27
C LEU E 662 54.19 -40.94 -18.94
N HIS E 663 53.83 -42.18 -18.67
CA HIS E 663 54.18 -42.78 -17.39
C HIS E 663 55.63 -42.50 -17.05
N ASP E 664 56.61 -42.83 -17.89
CA ASP E 664 57.99 -42.52 -17.53
C ASP E 664 58.31 -41.02 -17.49
N ALA E 665 57.60 -40.16 -18.20
CA ALA E 665 57.85 -38.73 -18.18
C ALA E 665 57.52 -38.10 -16.84
N TYR E 666 56.39 -38.48 -16.24
CA TYR E 666 56.03 -37.92 -14.94
C TYR E 666 57.19 -38.09 -13.97
N GLU E 667 57.23 -37.31 -12.91
CA GLU E 667 58.17 -37.47 -11.81
C GLU E 667 57.25 -37.41 -10.58
N LEU E 668 56.99 -38.54 -9.96
CA LEU E 668 56.00 -38.56 -8.88
C LEU E 668 56.53 -37.92 -7.63
N LEU E 669 55.63 -37.38 -6.82
CA LEU E 669 55.99 -36.67 -5.59
C LEU E 669 57.17 -37.26 -4.85
N TRP E 670 57.10 -38.54 -4.48
CA TRP E 670 58.17 -39.18 -3.74
C TRP E 670 59.36 -39.67 -4.56
N GLU E 671 59.42 -39.36 -5.84
CA GLU E 671 60.59 -39.73 -6.64
C GLU E 671 61.60 -38.59 -6.61
N MET E 672 61.16 -37.41 -6.21
CA MET E 672 62.10 -36.29 -6.14
C MET E 672 63.02 -36.58 -4.96
N PRO E 673 64.31 -36.50 -5.16
CA PRO E 673 65.32 -36.76 -4.16
C PRO E 673 65.28 -35.74 -3.03
N GLY E 674 64.76 -34.54 -3.26
CA GLY E 674 64.69 -33.53 -2.20
C GLY E 674 63.81 -32.37 -2.64
N ASN E 675 63.87 -31.22 -1.98
CA ASN E 675 63.03 -30.09 -2.33
C ASN E 675 63.67 -29.01 -3.20
N ASP E 676 64.99 -29.02 -3.42
CA ASP E 676 65.67 -27.96 -4.16
C ASP E 676 65.06 -27.68 -5.54
N GLY E 677 65.02 -28.69 -6.40
CA GLY E 677 64.42 -28.54 -7.71
C GLY E 677 63.10 -27.77 -7.63
N TYR E 678 62.17 -28.28 -6.82
CA TYR E 678 60.84 -27.67 -6.68
C TYR E 678 60.91 -26.27 -6.11
N LEU E 679 61.70 -26.06 -5.05
CA LEU E 679 61.77 -24.70 -4.50
C LEU E 679 62.36 -23.74 -5.54
N GLN E 680 63.31 -24.19 -6.37
CA GLN E 680 63.72 -23.36 -7.50
C GLN E 680 62.51 -22.98 -8.35
N LEU E 681 61.74 -23.97 -8.84
CA LEU E 681 60.61 -23.66 -9.71
C LEU E 681 59.62 -22.73 -9.01
N VAL E 682 59.43 -22.84 -7.70
CA VAL E 682 58.48 -21.93 -7.05
C VAL E 682 59.07 -20.52 -7.08
N GLY E 683 60.36 -20.41 -6.78
CA GLY E 683 61.05 -19.11 -6.85
C GLY E 683 60.88 -18.51 -8.24
N ILE E 684 61.12 -19.29 -9.30
CA ILE E 684 60.98 -18.77 -10.66
C ILE E 684 59.56 -18.29 -10.89
N MET E 685 58.56 -19.10 -10.54
CA MET E 685 57.18 -18.69 -10.71
C MET E 685 56.92 -17.40 -9.92
N GLN E 686 57.46 -17.26 -8.72
CA GLN E 686 57.21 -16.04 -7.95
C GLN E 686 57.77 -14.80 -8.62
N LYS E 687 58.78 -14.88 -9.49
CA LYS E 687 59.29 -13.71 -10.20
C LYS E 687 58.11 -12.95 -10.83
N PHE E 688 57.26 -13.68 -11.56
CA PHE E 688 56.14 -13.06 -12.24
C PHE E 688 54.84 -13.04 -11.47
N ILE E 689 54.67 -13.77 -10.38
CA ILE E 689 53.34 -13.83 -9.75
C ILE E 689 53.05 -12.63 -8.86
N ASP E 690 51.87 -12.04 -8.99
CA ASP E 690 51.49 -10.87 -8.21
C ASP E 690 51.37 -11.13 -6.72
N GLN E 691 50.70 -12.23 -6.39
CA GLN E 691 50.47 -12.56 -4.99
C GLN E 691 51.50 -13.56 -4.48
N SER E 692 51.05 -14.75 -4.10
CA SER E 692 51.95 -15.77 -3.60
C SER E 692 51.61 -17.13 -4.19
N ILE E 693 52.33 -18.15 -3.77
CA ILE E 693 52.12 -19.53 -4.24
C ILE E 693 51.97 -20.46 -3.04
N SER E 694 51.17 -21.51 -3.14
CA SER E 694 51.03 -22.46 -2.03
C SER E 694 52.17 -23.47 -2.10
N ALA E 695 53.41 -23.11 -1.80
CA ALA E 695 54.48 -24.09 -1.92
C ALA E 695 54.38 -25.11 -0.78
N ASN E 696 54.72 -26.34 -1.09
CA ASN E 696 54.75 -27.43 -0.13
C ASN E 696 56.22 -27.83 0.05
N THR E 697 56.57 -28.42 1.17
CA THR E 697 57.89 -29.02 1.34
C THR E 697 57.64 -30.49 1.64
N ASN E 698 58.31 -31.42 0.99
CA ASN E 698 58.03 -32.85 1.20
C ASN E 698 59.25 -33.60 1.69
N TYR E 699 59.06 -34.54 2.62
CA TYR E 699 60.13 -35.33 3.19
C TYR E 699 59.71 -36.80 3.34
N ASP E 700 60.60 -37.67 2.88
CA ASP E 700 60.40 -39.12 3.02
C ASP E 700 61.43 -39.64 4.01
N PRO E 701 60.93 -40.11 5.14
CA PRO E 701 61.76 -40.61 6.24
C PRO E 701 62.69 -41.70 5.77
N SER E 702 62.27 -42.58 4.87
CA SER E 702 63.08 -43.59 4.24
C SER E 702 64.40 -43.14 3.65
N ARG E 703 64.52 -41.87 3.26
CA ARG E 703 65.74 -41.34 2.67
C ARG E 703 66.76 -40.86 3.69
N PHE E 704 66.51 -41.03 4.98
CA PHE E 704 67.43 -40.56 6.00
C PHE E 704 67.84 -41.67 6.97
N PRO E 705 69.06 -41.57 7.46
CA PRO E 705 69.62 -42.48 8.44
C PRO E 705 68.65 -42.60 9.61
N SER E 706 68.33 -43.83 10.02
CA SER E 706 67.40 -44.07 11.11
C SER E 706 66.01 -43.52 10.85
N GLY E 707 65.63 -43.32 9.59
CA GLY E 707 64.38 -42.74 9.19
C GLY E 707 64.00 -41.44 9.87
N LYS E 708 64.93 -40.58 10.24
CA LYS E 708 64.55 -39.33 10.92
C LYS E 708 65.08 -38.10 10.19
N VAL E 709 64.14 -37.30 9.67
CA VAL E 709 64.53 -36.12 8.92
C VAL E 709 65.30 -35.20 9.87
N PRO E 710 66.52 -34.89 9.46
CA PRO E 710 67.41 -34.04 10.22
C PRO E 710 66.91 -32.61 10.26
N MET E 711 67.04 -31.98 11.43
CA MET E 711 66.62 -30.57 11.55
C MET E 711 67.50 -29.71 10.66
N GLN E 712 68.78 -30.06 10.52
CA GLN E 712 69.68 -29.35 9.63
C GLN E 712 69.04 -29.30 8.25
N GLN E 713 68.57 -30.46 7.76
CA GLN E 713 67.92 -30.50 6.45
C GLN E 713 66.71 -29.56 6.40
N LEU E 714 65.88 -29.61 7.43
CA LEU E 714 64.70 -28.77 7.48
C LEU E 714 65.09 -27.29 7.46
N LEU E 715 66.10 -26.88 8.21
CA LEU E 715 66.47 -25.46 8.19
C LEU E 715 67.12 -25.10 6.86
N LYS E 716 67.91 -26.00 6.30
CA LYS E 716 68.54 -25.77 5.00
C LYS E 716 67.48 -25.46 3.96
N ASP E 717 66.44 -26.28 3.85
CA ASP E 717 65.37 -26.08 2.88
C ASP E 717 64.58 -24.80 3.12
N LEU E 718 64.38 -24.45 4.40
CA LEU E 718 63.73 -23.20 4.76
C LEU E 718 64.56 -22.02 4.25
N LEU E 719 65.89 -22.09 4.43
CA LEU E 719 66.78 -21.01 3.96
C LEU E 719 66.81 -20.97 2.43
N THR E 720 66.86 -22.12 1.78
CA THR E 720 66.82 -22.18 0.32
C THR E 720 65.63 -21.38 -0.18
N ALA E 721 64.44 -21.72 0.33
CA ALA E 721 63.22 -21.06 -0.10
C ALA E 721 63.37 -19.55 0.08
N TYR E 722 63.86 -19.09 1.24
CA TYR E 722 64.06 -17.65 1.39
C TYR E 722 65.03 -17.13 0.33
N LYS E 723 66.14 -17.82 0.10
CA LYS E 723 67.13 -17.37 -0.87
C LYS E 723 66.56 -17.10 -2.26
N PHE E 724 65.58 -17.88 -2.72
CA PHE E 724 65.01 -17.66 -4.04
C PHE E 724 63.73 -16.86 -4.03
N GLY E 725 63.49 -16.10 -2.98
CA GLY E 725 62.32 -15.28 -2.83
C GLY E 725 61.02 -15.99 -2.58
N VAL E 726 61.00 -17.23 -2.10
CA VAL E 726 59.69 -17.85 -1.83
C VAL E 726 58.94 -17.03 -0.79
N LYS E 727 57.73 -16.59 -1.13
CA LYS E 727 56.98 -15.71 -0.23
C LYS E 727 56.45 -16.43 1.00
N THR E 728 55.71 -17.52 0.78
CA THR E 728 55.14 -18.30 1.85
C THR E 728 55.49 -19.79 1.69
N LEU E 729 55.34 -20.57 2.75
CA LEU E 729 55.50 -22.02 2.70
C LEU E 729 54.29 -22.62 3.41
N TYR E 730 53.59 -23.49 2.71
CA TYR E 730 52.40 -24.15 3.20
C TYR E 730 52.73 -25.52 3.75
N TYR E 731 51.88 -26.53 3.51
CA TYR E 731 52.09 -27.84 4.06
C TYR E 731 53.54 -28.31 4.02
N GLN E 732 53.84 -29.21 4.95
CA GLN E 732 55.00 -30.07 4.92
C GLN E 732 54.49 -31.51 4.84
N ASN E 733 54.69 -32.23 3.76
CA ASN E 733 54.25 -33.62 3.72
C ASN E 733 55.44 -34.47 4.19
N THR E 734 55.17 -35.26 5.22
CA THR E 734 56.11 -36.32 5.61
C THR E 734 55.44 -37.61 5.15
N ARG E 735 56.14 -38.36 4.31
CA ARG E 735 55.58 -39.61 3.81
C ARG E 735 55.47 -40.59 4.98
N ASP E 736 54.55 -41.52 4.90
CA ASP E 736 54.41 -42.52 5.97
C ASP E 736 53.66 -43.72 5.40
N GLY E 737 54.41 -44.73 5.01
CA GLY E 737 53.83 -45.92 4.39
C GLY E 737 53.81 -47.13 5.33
N SER F 8 67.39 -33.42 15.48
CA SER F 8 67.25 -32.19 16.26
C SER F 8 68.62 -31.50 16.41
N GLU F 9 69.65 -32.23 16.02
CA GLU F 9 71.02 -31.71 16.07
C GLU F 9 71.19 -30.67 14.97
N VAL F 10 71.62 -29.46 15.33
CA VAL F 10 71.79 -28.40 14.34
C VAL F 10 73.20 -27.80 14.34
N ASP F 11 73.85 -27.81 13.18
CA ASP F 11 75.18 -27.21 13.08
C ASP F 11 75.03 -25.78 12.55
N THR F 12 75.50 -24.84 13.35
CA THR F 12 75.46 -23.43 13.00
C THR F 12 76.58 -23.04 12.05
N ASP F 13 77.73 -23.71 12.14
CA ASP F 13 78.85 -23.42 11.25
C ASP F 13 78.45 -23.71 9.81
N ASP F 14 77.86 -24.88 9.59
CA ASP F 14 77.38 -25.26 8.27
C ASP F 14 76.46 -24.18 7.70
N LEU F 15 75.49 -23.72 8.47
CA LEU F 15 74.59 -22.66 8.04
C LEU F 15 75.21 -21.27 7.98
N SER F 16 76.16 -20.91 8.81
CA SER F 16 76.76 -19.58 8.87
C SER F 16 77.15 -18.92 7.56
N ASN F 17 77.70 -19.68 6.63
CA ASN F 17 78.28 -19.26 5.37
C ASN F 17 77.24 -19.13 4.26
N PHE F 18 76.00 -19.54 4.56
CA PHE F 18 74.91 -19.43 3.61
C PHE F 18 74.66 -17.95 3.30
N GLN F 19 74.22 -17.66 2.08
CA GLN F 19 73.98 -16.28 1.66
C GLN F 19 72.49 -16.03 1.38
N LEU F 20 71.81 -15.32 2.28
CA LEU F 20 70.38 -15.11 2.18
C LEU F 20 69.87 -14.34 0.96
N TYR G 1 7.94 -16.47 -20.18
CA TYR G 1 7.99 -17.14 -18.85
C TYR G 1 6.89 -16.77 -17.86
N LEU G 2 6.92 -17.45 -16.72
CA LEU G 2 5.90 -17.42 -15.69
C LEU G 2 6.41 -17.10 -14.30
N VAL G 3 6.86 -15.87 -14.08
CA VAL G 3 7.34 -15.43 -12.77
C VAL G 3 8.32 -16.37 -12.10
PG ATP H . -0.83 37.32 -44.83
O1G ATP H . -1.15 38.76 -44.91
O2G ATP H . 0.59 37.14 -44.42
O3G ATP H . -1.01 36.66 -46.14
PB ATP H . -1.41 35.37 -42.77
O1B ATP H . -0.99 34.16 -43.53
O2B ATP H . -0.39 35.71 -41.74
O3B ATP H . -1.78 36.60 -43.74
PA ATP H . -3.32 35.42 -40.58
O1A ATP H . -2.59 34.65 -39.54
O2A ATP H . -3.32 36.87 -40.25
O3A ATP H . -2.84 35.12 -42.08
O5' ATP H . -4.78 34.79 -40.73
C5' ATP H . -4.94 33.96 -41.92
C4' ATP H . -6.40 33.94 -42.33
O4' ATP H . -6.91 35.28 -42.48
C3' ATP H . -6.74 33.22 -43.62
O3' ATP H . -8.07 32.67 -43.56
C2' ATP H . -6.55 34.37 -44.63
O2' ATP H . -7.44 34.19 -45.76
C1' ATP H . -7.01 35.60 -43.82
N9 ATP H . -6.34 36.84 -44.13
C8 ATP H . -5.11 37.26 -43.75
N7 ATP H . -4.70 38.39 -44.18
C5 ATP H . -5.72 38.80 -44.93
C6 ATP H . -5.83 39.97 -45.63
N6 ATP H . -4.90 40.92 -45.71
N1 ATP H . -6.98 40.13 -46.33
C2 ATP H . -7.94 39.16 -46.25
N3 ATP H . -7.92 38.01 -45.61
C4 ATP H . -6.75 37.89 -44.94
PG ATP I . -53.85 -10.39 44.83
O1G ATP I . -54.99 -11.23 44.37
O2G ATP I . -52.77 -11.25 45.35
O3G ATP I . -54.28 -9.49 45.91
PB ATP I . -51.76 -9.07 43.34
O1B ATP I . -51.20 -8.29 44.46
O2B ATP I . -50.86 -10.22 43.01
O3B ATP I . -53.29 -9.52 43.60
PA ATP I . -51.54 -8.42 40.51
O1A ATP I . -50.08 -8.56 40.29
O2A ATP I . -52.27 -9.55 39.91
O3A ATP I . -51.95 -8.15 42.05
O5' ATP I . -51.99 -6.99 39.95
C5' ATP I . -52.23 -6.00 41.00
C4' ATP I . -53.20 -4.96 40.49
O4' ATP I . -54.41 -5.58 40.02
C3' ATP I . -53.66 -3.91 41.49
O3' ATP I . -53.98 -2.68 40.82
C2' ATP I . -54.88 -4.63 42.13
O2' ATP I . -55.86 -3.68 42.56
C1' ATP I . -55.43 -5.43 40.94
N9 ATP I . -56.05 -6.69 41.27
C8 ATP I . -55.45 -7.88 41.57
N7 ATP I . -56.20 -8.87 41.87
C5 ATP I . -57.41 -8.36 41.78
C6 ATP I . -58.62 -8.97 42.00
N6 ATP I . -58.78 -10.24 42.36
N1 ATP I . -59.72 -8.20 41.86
C2 ATP I . -59.55 -6.88 41.49
N3 ATP I . -58.45 -6.22 41.26
C4 ATP I . -57.39 -7.02 41.42
PG ATP J . 13.38 -48.18 -23.47
O1G ATP J . 12.52 -49.33 -23.06
O2G ATP J . 12.53 -47.07 -23.98
O3G ATP J . 14.30 -48.59 -24.54
PB ATP J . 14.67 -46.14 -21.90
O1B ATP J . 15.49 -45.55 -22.99
O2B ATP J . 13.53 -45.23 -21.58
O3B ATP J . 14.23 -47.65 -22.21
PA ATP J . 15.25 -45.99 -19.04
O1A ATP J . 15.12 -44.54 -18.80
O2A ATP J . 14.10 -46.73 -18.49
O3A ATP J . 15.56 -46.36 -20.58
O5' ATP J . 16.67 -46.48 -18.46
C5' ATP J . 17.68 -46.68 -19.49
C4' ATP J . 18.71 -47.69 -18.99
O4' ATP J . 18.06 -48.90 -18.56
C3' ATP J . 19.78 -48.12 -19.97
O3' ATP J . 20.99 -48.47 -19.29
C2' ATP J . 19.06 -49.32 -20.65
O2' ATP J . 20.02 -50.30 -21.09
C1' ATP J . 18.22 -49.89 -19.51
N9 ATP J . 16.96 -50.49 -19.88
C8 ATP J . 15.80 -49.89 -20.19
N7 ATP J . 14.81 -50.61 -20.54
C5 ATP J . 15.31 -51.83 -20.47
C6 ATP J . 14.69 -53.02 -20.73
N6 ATP J . 13.43 -53.18 -21.13
N1 ATP J . 15.45 -54.14 -20.60
C2 ATP J . 16.76 -53.99 -20.19
N3 ATP J . 17.43 -52.90 -19.92
C4 ATP J . 16.64 -51.82 -20.07
#